data_4ZUZ
#
_entry.id   4ZUZ
#
_cell.length_a   228.159
_cell.length_b   83.934
_cell.length_c   129.405
_cell.angle_alpha   90.000
_cell.angle_beta   108.820
_cell.angle_gamma   90.000
#
_symmetry.space_group_name_H-M   'C 1 2 1'
#
loop_
_entity.id
_entity.type
_entity.pdbx_description
1 polymer SidC
2 water water
#
_entity_poly.entity_id   1
_entity_poly.type   'polypeptide(L)'
_entity_poly.pdbx_seq_one_letter_code
;MVINMVDVIKFKEPERCDYLYVDENNKVHILLPIVGGDEIGLDNTCQTAVELITFFYGSAHSGVTKYSAEHQLSEYKRQL
EEDIKAINSQKKISPHAYDDLLKEKIERLQQIEKYIELIQVLKKQYDEQNDIRQLRTGGIPQLPSGVKEIIKSSENAFAV
RLSPYDNDKFTRFDDPLFNVKRNISKYDTPSRQAPIPIYEGLGYRLRSTLFPEDKTPTPINKKSLRDKVKSTVLSHYKDE
DRIDGEKKDEKLNELITNLQNELVKELVKSDPQYSKLSLSKDPRGKEINYDYLVNSLMLVDNDSEIGDWIDTILDATVDS
TVWAVQASSPFYQGAKEISSDRDADKISIRVQYLLAEANIYCKTNKLSDANFGEFFDKEPHATEIAKRVKEGFTQGADIE
PIIYDYINSNHAELGLKSPLTGKQQQEITDKFTKHYNTIKESPHFDEFFVADPDKKGNIFSHQGRISCHFLDFFTRQTKG
KHPLGDLASHQEALQEGTSNRLHHKNEVVAQGYEKLDQFKKEVVKLLAENKPKELLDYLVATSPTGVPNYSMLSKETQNY
IAYNRNWPAIQKELEKATSIPESQKQDLSRLLSRDNLQHDNLSAITWSKYSSKPLLDVELNKIAEGLELTAKIYNEKRGR
EWWFAGSRNEARKTQCEELQRVSKEINTLLQSESLTKSQVLEKVLNSIETLDKIDRDISAESNWFQSTLQKEVRLFRDQL
KDICQLDKYYFKSTKLDEIISLEMEEQFQKIQDPAVQQIVRDLPSHCHNDEAIEFFKTLNPEEAAKVASYLSLEYREINK
STDKKTLLEQDIPRLFKEVNTQLLSKLKEEKAIDEQVHEKLSQLADKIAPEHFTRNNIIKWSTNPEKLEESNLNEPIKSV
QSPTTKQTSKQFREAMGEITGRNEPPTDTLYTGIIKK
;
_entity_poly.pdbx_strand_id   A,B
#
# COMPACT_ATOMS: atom_id res chain seq x y z
N ASP A 7 -26.78 8.34 28.09
CA ASP A 7 -26.46 8.25 29.51
C ASP A 7 -24.97 8.43 29.74
N VAL A 8 -24.25 8.73 28.67
CA VAL A 8 -22.83 9.03 28.79
C VAL A 8 -22.52 10.36 28.17
N ILE A 9 -21.73 11.18 28.86
CA ILE A 9 -21.29 12.44 28.31
C ILE A 9 -19.97 12.25 27.64
N LYS A 10 -19.91 12.53 26.34
CA LYS A 10 -18.65 12.44 25.61
C LYS A 10 -18.17 13.85 25.29
N PHE A 11 -17.03 14.23 25.85
CA PHE A 11 -16.54 15.57 25.68
C PHE A 11 -15.90 15.65 24.31
N LYS A 12 -16.30 16.65 23.52
CA LYS A 12 -15.91 16.70 22.11
C LYS A 12 -14.84 17.74 21.69
N GLU A 13 -14.49 18.66 22.60
CA GLU A 13 -13.46 19.63 22.28
C GLU A 13 -12.13 18.92 22.17
N PRO A 14 -11.52 19.01 21.00
CA PRO A 14 -10.27 18.30 20.78
C PRO A 14 -9.08 19.03 21.34
N GLU A 15 -8.10 18.25 21.78
CA GLU A 15 -6.83 18.73 22.25
C GLU A 15 -5.99 19.31 21.13
N ARG A 16 -6.45 19.14 19.89
CA ARG A 16 -5.73 19.67 18.71
C ARG A 16 -6.71 20.16 17.64
N CYS A 17 -6.30 21.20 16.95
CA CYS A 17 -7.09 21.73 15.85
C CYS A 17 -6.20 22.53 14.90
N ASP A 18 -6.40 22.35 13.61
CA ASP A 18 -5.56 23.02 12.65
C ASP A 18 -5.64 24.51 12.89
N TYR A 19 -4.49 25.17 12.90
CA TYR A 19 -4.36 26.64 13.02
C TYR A 19 -4.58 27.19 14.42
N LEU A 20 -4.95 26.38 15.39
CA LEU A 20 -5.42 26.87 16.69
C LEU A 20 -4.42 26.52 17.75
N TYR A 21 -3.81 27.56 18.31
CA TYR A 21 -2.92 27.43 19.47
C TYR A 21 -3.58 28.03 20.70
N VAL A 22 -3.59 27.33 21.82
CA VAL A 22 -4.13 27.92 23.06
C VAL A 22 -3.04 28.00 24.10
N ASP A 23 -2.76 29.21 24.59
CA ASP A 23 -1.57 29.43 25.44
C ASP A 23 -1.91 29.15 26.88
N GLU A 24 -0.89 29.24 27.73
CA GLU A 24 -1.06 28.92 29.16
C GLU A 24 -2.08 29.79 29.90
N ASN A 25 -2.51 30.91 29.33
CA ASN A 25 -3.50 31.76 29.98
C ASN A 25 -4.86 31.63 29.31
N ASN A 26 -5.04 30.52 28.56
CA ASN A 26 -6.26 30.18 27.83
C ASN A 26 -6.64 31.23 26.76
N LYS A 27 -5.64 31.76 26.06
CA LYS A 27 -5.92 32.66 24.94
C LYS A 27 -5.77 31.95 23.63
N VAL A 28 -6.85 31.97 22.87
CA VAL A 28 -6.91 31.36 21.54
C VAL A 28 -6.13 32.20 20.55
N HIS A 29 -5.21 31.55 19.85
CA HIS A 29 -4.42 32.17 18.81
C HIS A 29 -4.58 31.39 17.54
N ILE A 30 -5.13 32.02 16.52
CA ILE A 30 -5.21 31.44 15.20
C ILE A 30 -4.00 31.89 14.39
N LEU A 31 -3.38 30.97 13.70
CA LEU A 31 -2.17 31.27 12.97
C LEU A 31 -2.32 31.03 11.50
N LEU A 32 -2.15 32.08 10.71
CA LEU A 32 -2.24 31.99 9.26
C LEU A 32 -0.94 31.42 8.76
N PRO A 33 -0.99 30.32 7.99
CA PRO A 33 0.24 29.75 7.45
C PRO A 33 0.71 30.42 6.20
N ILE A 34 2.02 30.55 6.06
CA ILE A 34 2.63 31.08 4.85
C ILE A 34 3.19 29.98 3.96
N VAL A 35 3.92 29.06 4.58
CA VAL A 35 4.55 27.97 3.87
C VAL A 35 4.58 26.71 4.72
N GLY A 36 4.76 25.57 4.08
CA GLY A 36 4.76 24.33 4.80
C GLY A 36 6.15 23.86 5.08
N GLY A 37 6.43 23.61 6.35
CA GLY A 37 7.71 23.11 6.78
C GLY A 37 8.05 23.64 8.14
N ASP A 38 9.19 23.26 8.66
CA ASP A 38 9.67 23.84 9.90
C ASP A 38 11.07 24.37 9.66
N GLU A 39 11.31 25.59 10.09
CA GLU A 39 12.62 26.17 9.88
C GLU A 39 12.80 26.55 8.42
N ILE A 40 12.64 25.57 7.54
CA ILE A 40 12.74 25.84 6.11
C ILE A 40 11.61 25.19 5.34
N GLY A 41 11.16 25.84 4.27
CA GLY A 41 10.08 25.33 3.46
C GLY A 41 10.53 25.03 2.06
N LEU A 42 10.21 23.84 1.56
CA LEU A 42 10.68 23.40 0.25
C LEU A 42 10.09 24.19 -0.91
N ASP A 43 10.87 24.32 -1.98
CA ASP A 43 10.43 25.05 -3.15
C ASP A 43 9.80 24.10 -4.15
N ASN A 44 8.47 24.16 -4.24
CA ASN A 44 7.72 23.33 -5.17
C ASN A 44 6.69 24.21 -5.86
N THR A 45 6.26 23.82 -7.05
CA THR A 45 5.45 24.74 -7.89
C THR A 45 4.39 25.46 -7.05
N CYS A 46 3.62 24.68 -6.29
CA CYS A 46 2.69 25.21 -5.30
C CYS A 46 3.24 24.91 -3.91
N GLN A 47 3.48 25.95 -3.11
CA GLN A 47 3.87 25.72 -1.72
C GLN A 47 3.10 26.67 -0.84
N THR A 48 3.40 27.94 -1.07
CA THR A 48 2.78 29.01 -0.33
C THR A 48 1.28 28.99 -0.61
N ALA A 49 0.95 28.70 -1.88
CA ALA A 49 -0.42 28.55 -2.31
C ALA A 49 -1.24 27.62 -1.41
N VAL A 50 -0.84 26.37 -1.34
CA VAL A 50 -1.67 25.33 -0.72
C VAL A 50 -2.14 25.71 0.69
N GLU A 51 -1.19 26.23 1.47
CA GLU A 51 -1.47 26.61 2.84
C GLU A 51 -2.52 27.71 2.92
N LEU A 52 -2.29 28.79 2.20
CA LEU A 52 -3.21 29.91 2.20
C LEU A 52 -4.55 29.52 1.61
N ILE A 53 -4.55 28.94 0.42
CA ILE A 53 -5.81 28.48 -0.19
C ILE A 53 -6.64 27.71 0.84
N THR A 54 -6.02 26.72 1.49
CA THR A 54 -6.76 25.91 2.44
C THR A 54 -7.27 26.77 3.59
N PHE A 55 -6.45 27.65 4.11
CA PHE A 55 -6.86 28.40 5.27
C PHE A 55 -8.13 29.18 4.94
N PHE A 56 -8.08 29.87 3.82
CA PHE A 56 -9.17 30.76 3.41
C PHE A 56 -10.36 30.12 2.71
N TYR A 57 -10.19 28.98 2.07
CA TYR A 57 -11.29 28.31 1.35
C TYR A 57 -10.94 26.85 1.42
N GLY A 58 -11.90 25.97 1.53
CA GLY A 58 -11.54 24.57 1.78
C GLY A 58 -10.61 24.05 0.70
N SER A 59 -11.00 24.36 -0.53
CA SER A 59 -10.30 23.90 -1.70
C SER A 59 -10.40 24.99 -2.75
N ALA A 60 -9.42 25.07 -3.66
CA ALA A 60 -9.54 26.01 -4.78
C ALA A 60 -10.87 25.75 -5.48
N HIS A 61 -11.10 24.49 -5.85
CA HIS A 61 -12.40 24.05 -6.35
C HIS A 61 -12.47 22.51 -6.31
N SER A 62 -13.64 21.95 -6.63
CA SER A 62 -13.90 20.50 -6.55
C SER A 62 -13.91 19.98 -5.11
N GLY A 63 -14.39 20.82 -4.18
CA GLY A 63 -14.50 20.45 -2.78
C GLY A 63 -15.59 21.25 -2.09
N VAL A 64 -15.86 20.92 -0.84
CA VAL A 64 -16.75 21.75 0.00
C VAL A 64 -15.87 22.81 0.71
N THR A 65 -16.53 23.78 1.32
CA THR A 65 -15.87 24.71 2.23
C THR A 65 -15.49 24.06 3.59
N LYS A 66 -15.45 22.72 3.62
CA LYS A 66 -15.26 21.95 4.85
C LYS A 66 -13.92 22.15 5.59
N TYR A 67 -12.83 22.44 4.88
CA TYR A 67 -11.49 22.49 5.49
C TYR A 67 -10.87 23.89 5.69
N SER A 68 -11.67 24.92 5.44
CA SER A 68 -11.28 26.29 5.68
C SER A 68 -11.15 26.51 7.15
N ALA A 69 -10.46 27.58 7.52
CA ALA A 69 -10.34 27.93 8.91
C ALA A 69 -11.70 28.24 9.49
N GLU A 70 -12.57 28.87 8.72
CA GLU A 70 -13.87 29.26 9.26
C GLU A 70 -14.72 28.06 9.64
N HIS A 71 -14.72 27.05 8.78
CA HIS A 71 -15.49 25.85 9.03
C HIS A 71 -14.88 25.09 10.22
N GLN A 72 -13.56 24.95 10.22
CA GLN A 72 -12.91 24.18 11.24
C GLN A 72 -13.13 24.85 12.60
N LEU A 73 -13.01 26.16 12.64
CA LEU A 73 -13.30 26.88 13.85
C LEU A 73 -14.78 26.79 14.20
N SER A 74 -15.65 26.77 13.20
CA SER A 74 -17.09 26.70 13.49
C SER A 74 -17.45 25.36 14.11
N GLU A 75 -16.76 24.34 13.63
CA GLU A 75 -16.93 23.00 14.20
C GLU A 75 -16.42 22.92 15.65
N TYR A 76 -15.22 23.46 15.89
CA TYR A 76 -14.65 23.57 17.22
C TYR A 76 -15.67 24.28 18.12
N LYS A 77 -16.25 25.35 17.58
CA LYS A 77 -17.20 26.15 18.31
C LYS A 77 -18.40 25.29 18.73
N ARG A 78 -18.88 24.47 17.80
CA ARG A 78 -20.01 23.59 18.03
C ARG A 78 -19.75 22.53 19.08
N GLN A 79 -18.55 21.95 19.04
CA GLN A 79 -18.11 20.98 20.04
C GLN A 79 -18.08 21.59 21.43
N LEU A 80 -17.58 22.83 21.54
CA LEU A 80 -17.59 23.50 22.84
C LEU A 80 -19.03 23.67 23.32
N GLU A 81 -19.92 24.11 22.44
CA GLU A 81 -21.31 24.34 22.84
C GLU A 81 -21.96 23.05 23.31
N GLU A 82 -21.61 21.95 22.66
CA GLU A 82 -22.12 20.65 23.05
C GLU A 82 -21.59 20.30 24.44
N ASP A 83 -20.30 20.48 24.65
CA ASP A 83 -19.67 20.19 25.95
C ASP A 83 -20.25 21.02 27.08
N ILE A 84 -20.52 22.29 26.79
CA ILE A 84 -21.11 23.22 27.77
C ILE A 84 -22.54 22.81 28.09
N LYS A 85 -23.31 22.53 27.06
CA LYS A 85 -24.66 22.06 27.26
C LYS A 85 -24.63 20.79 28.13
N ALA A 86 -23.66 19.92 27.92
CA ALA A 86 -23.61 18.68 28.66
C ALA A 86 -23.30 18.90 30.11
N ILE A 87 -22.27 19.69 30.38
CA ILE A 87 -21.92 20.08 31.75
C ILE A 87 -23.13 20.66 32.47
N ASN A 88 -23.82 21.57 31.80
CA ASN A 88 -25.03 22.17 32.36
C ASN A 88 -26.10 21.14 32.66
N SER A 89 -26.17 20.10 31.84
CA SER A 89 -27.12 19.00 32.10
C SER A 89 -26.88 18.35 33.47
N GLN A 90 -25.62 18.35 33.92
CA GLN A 90 -25.21 17.77 35.19
C GLN A 90 -25.43 18.73 36.34
N LYS A 91 -25.52 20.02 36.02
CA LYS A 91 -25.68 21.03 37.07
C LYS A 91 -26.99 20.88 37.86
N LYS A 92 -28.01 20.39 37.20
CA LYS A 92 -29.29 20.08 37.84
C LYS A 92 -29.14 19.09 38.97
N ILE A 93 -28.18 18.18 38.85
CA ILE A 93 -27.92 17.17 39.89
C ILE A 93 -26.91 17.69 40.91
N SER A 94 -25.84 18.33 40.45
CA SER A 94 -24.78 18.89 41.31
C SER A 94 -24.37 20.25 40.74
N PRO A 95 -24.82 21.33 41.39
CA PRO A 95 -24.56 22.67 40.87
C PRO A 95 -23.10 23.02 40.55
N HIS A 96 -22.16 22.58 41.37
CA HIS A 96 -20.78 22.87 41.09
C HIS A 96 -20.20 22.13 39.89
N ALA A 97 -20.90 21.09 39.44
CA ALA A 97 -20.35 20.16 38.44
C ALA A 97 -19.47 20.78 37.35
N TYR A 98 -18.22 20.32 37.28
CA TYR A 98 -17.27 20.71 36.24
C TYR A 98 -17.22 22.24 36.05
N ASP A 99 -17.26 23.01 37.13
CA ASP A 99 -17.17 24.47 37.01
C ASP A 99 -15.88 25.00 36.38
N ASP A 100 -14.73 24.48 36.83
CA ASP A 100 -13.45 24.92 36.24
C ASP A 100 -13.40 24.69 34.71
N LEU A 101 -13.75 23.48 34.30
CA LEU A 101 -13.83 23.08 32.89
C LEU A 101 -14.81 23.98 32.10
N LEU A 102 -16.02 24.10 32.61
CA LEU A 102 -17.01 24.99 32.04
C LEU A 102 -16.46 26.39 31.80
N LYS A 103 -15.83 26.98 32.82
CA LYS A 103 -15.22 28.31 32.70
C LYS A 103 -14.20 28.37 31.57
N GLU A 104 -13.22 27.49 31.60
CA GLU A 104 -12.22 27.41 30.56
C GLU A 104 -12.84 27.24 29.17
N LYS A 105 -13.80 26.34 29.06
CA LYS A 105 -14.48 26.11 27.78
C LYS A 105 -15.29 27.31 27.30
N ILE A 106 -15.89 28.07 28.21
CA ILE A 106 -16.59 29.29 27.80
C ILE A 106 -15.60 30.37 27.36
N GLU A 107 -14.49 30.50 28.05
CA GLU A 107 -13.53 31.54 27.65
C GLU A 107 -13.05 31.29 26.24
N ARG A 108 -12.74 30.04 25.91
CA ARG A 108 -12.30 29.70 24.55
C ARG A 108 -13.43 29.91 23.56
N LEU A 109 -14.62 29.41 23.87
CA LEU A 109 -15.76 29.63 22.98
C LEU A 109 -15.83 31.07 22.50
N GLN A 110 -15.82 32.01 23.44
CA GLN A 110 -16.07 33.43 23.16
C GLN A 110 -15.02 33.99 22.23
N GLN A 111 -13.78 33.56 22.40
CA GLN A 111 -12.69 34.01 21.55
C GLN A 111 -12.82 33.39 20.16
N ILE A 112 -13.13 32.10 20.12
CA ILE A 112 -13.28 31.42 18.85
C ILE A 112 -14.33 32.15 18.02
N GLU A 113 -15.50 32.42 18.61
CA GLU A 113 -16.59 33.13 17.93
C GLU A 113 -16.09 34.44 17.31
N LYS A 114 -15.23 35.18 18.03
CA LYS A 114 -14.75 36.47 17.55
C LYS A 114 -13.83 36.37 16.37
N TYR A 115 -12.90 35.42 16.42
CA TYR A 115 -12.02 35.15 15.29
C TYR A 115 -12.80 34.78 14.04
N ILE A 116 -13.91 34.07 14.22
CA ILE A 116 -14.74 33.63 13.10
C ILE A 116 -15.37 34.83 12.39
N GLU A 117 -15.87 35.79 13.18
CA GLU A 117 -16.47 36.98 12.64
C GLU A 117 -15.44 37.71 11.78
N LEU A 118 -14.23 37.86 12.31
CA LEU A 118 -13.16 38.55 11.58
C LEU A 118 -12.91 37.90 10.21
N ILE A 119 -12.83 36.57 10.15
CA ILE A 119 -12.55 35.89 8.88
C ILE A 119 -13.71 36.13 7.92
N GLN A 120 -14.94 36.06 8.45
CA GLN A 120 -16.15 36.37 7.67
C GLN A 120 -16.05 37.78 7.12
N VAL A 121 -15.78 38.73 8.03
CA VAL A 121 -15.70 40.15 7.70
C VAL A 121 -14.60 40.45 6.70
N LEU A 122 -13.40 39.93 6.92
CA LEU A 122 -12.24 40.21 6.08
C LEU A 122 -12.51 39.79 4.65
N LYS A 123 -13.17 38.65 4.48
CA LYS A 123 -13.41 38.10 3.14
C LYS A 123 -14.44 38.84 2.30
N LYS A 124 -15.40 39.47 2.98
CA LYS A 124 -16.53 40.11 2.34
C LYS A 124 -16.32 41.62 2.21
N GLN A 125 -16.11 42.28 3.34
CA GLN A 125 -15.92 43.73 3.38
C GLN A 125 -14.56 44.19 2.80
N TYR A 126 -13.47 43.52 3.20
CA TYR A 126 -12.11 44.02 2.92
C TYR A 126 -11.33 43.22 1.90
N ASP A 127 -12.01 42.74 0.86
CA ASP A 127 -11.34 42.04 -0.26
C ASP A 127 -11.80 42.62 -1.62
N GLU A 128 -11.84 43.96 -1.71
CA GLU A 128 -12.37 44.61 -2.92
C GLU A 128 -11.42 44.56 -4.13
N GLN A 129 -10.10 44.63 -3.91
CA GLN A 129 -9.14 44.40 -4.99
C GLN A 129 -9.03 42.93 -5.38
N ASN A 130 -9.65 42.06 -4.60
CA ASN A 130 -9.56 40.62 -4.79
C ASN A 130 -8.18 40.04 -4.47
N ASP A 131 -7.59 40.47 -3.35
CA ASP A 131 -6.29 39.96 -2.88
C ASP A 131 -6.34 38.55 -2.25
N ILE A 132 -7.41 38.27 -1.50
CA ILE A 132 -7.63 36.92 -1.01
C ILE A 132 -8.19 36.13 -2.18
N ARG A 133 -9.31 36.61 -2.74
CA ARG A 133 -10.02 35.88 -3.80
C ARG A 133 -9.08 35.31 -4.88
N GLN A 134 -8.10 36.09 -5.34
CA GLN A 134 -7.17 35.64 -6.40
C GLN A 134 -6.49 34.28 -6.12
N LEU A 135 -6.33 33.96 -4.84
CA LEU A 135 -5.75 32.70 -4.43
C LEU A 135 -6.47 31.52 -5.07
N ARG A 136 -7.78 31.62 -5.18
CA ARG A 136 -8.55 30.49 -5.67
C ARG A 136 -8.89 30.59 -7.16
N THR A 137 -8.77 31.77 -7.76
CA THR A 137 -9.16 32.00 -9.17
C THR A 137 -7.98 32.17 -10.12
N GLY A 138 -7.09 33.10 -9.78
CA GLY A 138 -5.92 33.38 -10.60
C GLY A 138 -5.09 32.14 -10.82
N GLY A 139 -4.50 32.02 -12.01
CA GLY A 139 -3.78 30.82 -12.40
C GLY A 139 -2.55 30.48 -11.56
N ILE A 140 -1.80 31.51 -11.17
CA ILE A 140 -0.66 31.34 -10.27
C ILE A 140 -0.93 32.27 -9.11
N PRO A 141 -1.43 31.73 -7.99
CA PRO A 141 -1.74 32.53 -6.83
C PRO A 141 -0.52 33.25 -6.24
N GLN A 142 -0.78 34.42 -5.66
CA GLN A 142 0.24 35.25 -5.05
C GLN A 142 0.01 35.32 -3.54
N LEU A 143 1.08 35.54 -2.81
CA LEU A 143 0.96 35.89 -1.42
C LEU A 143 0.13 37.16 -1.34
N PRO A 144 -0.84 37.21 -0.42
CA PRO A 144 -1.53 38.46 -0.24
C PRO A 144 -0.60 39.59 0.25
N SER A 145 -1.07 40.83 0.06
CA SER A 145 -0.39 42.03 0.48
C SER A 145 0.03 41.97 1.96
N GLY A 146 -0.95 41.71 2.83
CA GLY A 146 -0.70 41.63 4.26
C GLY A 146 0.44 40.69 4.59
N VAL A 147 0.45 39.55 3.91
CA VAL A 147 1.49 38.54 4.11
C VAL A 147 2.85 39.04 3.65
N LYS A 148 2.91 39.69 2.50
CA LYS A 148 4.18 40.26 2.02
C LYS A 148 4.72 41.32 3.00
N GLU A 149 3.83 42.16 3.50
CA GLU A 149 4.22 43.16 4.49
C GLU A 149 4.78 42.47 5.74
N ILE A 150 4.13 41.41 6.19
CA ILE A 150 4.63 40.69 7.36
C ILE A 150 6.02 40.09 7.14
N ILE A 151 6.24 39.53 5.95
CA ILE A 151 7.53 38.93 5.62
C ILE A 151 8.63 39.98 5.52
N LYS A 152 8.35 41.06 4.81
CA LYS A 152 9.29 42.20 4.72
C LYS A 152 9.71 42.70 6.09
N SER A 153 8.73 42.88 6.97
CA SER A 153 8.99 43.49 8.28
C SER A 153 9.47 42.50 9.32
N SER A 154 9.64 41.24 8.93
CA SER A 154 10.06 40.21 9.89
C SER A 154 11.49 40.39 10.43
N GLU A 155 11.68 39.88 11.65
CA GLU A 155 12.96 39.87 12.32
C GLU A 155 13.61 38.49 12.33
N ASN A 156 12.81 37.43 12.33
CA ASN A 156 13.31 36.05 12.47
C ASN A 156 13.10 35.14 11.26
N ALA A 157 12.48 35.66 10.19
CA ALA A 157 12.24 34.88 8.97
C ALA A 157 12.65 35.65 7.70
N PHE A 158 13.37 34.97 6.81
CA PHE A 158 13.80 35.59 5.57
C PHE A 158 13.81 34.66 4.38
N ALA A 159 13.60 35.25 3.21
CA ALA A 159 13.74 34.55 1.95
C ALA A 159 15.16 34.70 1.41
N VAL A 160 15.57 33.73 0.61
CA VAL A 160 16.84 33.78 -0.09
C VAL A 160 16.53 33.33 -1.48
N ARG A 161 17.05 34.06 -2.47
CA ARG A 161 16.87 33.73 -3.87
C ARG A 161 18.22 33.21 -4.35
N LEU A 162 18.19 32.12 -5.09
CA LEU A 162 19.41 31.51 -5.59
C LEU A 162 19.47 31.54 -7.13
N SER A 163 20.59 31.06 -7.65
CA SER A 163 20.88 31.07 -9.08
C SER A 163 21.21 29.69 -9.59
N PRO A 164 20.18 28.84 -9.73
CA PRO A 164 20.30 27.56 -10.40
C PRO A 164 20.35 27.81 -11.89
N TYR A 165 20.81 26.84 -12.68
CA TYR A 165 20.93 27.06 -14.13
C TYR A 165 19.57 27.25 -14.74
N ASP A 166 18.70 26.27 -14.57
CA ASP A 166 17.39 26.34 -15.16
C ASP A 166 16.47 27.02 -14.16
N ASN A 167 16.60 28.33 -14.05
CA ASN A 167 15.79 29.09 -13.11
C ASN A 167 14.36 29.28 -13.56
N ASP A 168 13.49 29.58 -12.60
CA ASP A 168 12.04 29.78 -12.76
C ASP A 168 11.73 31.20 -12.31
N LYS A 169 11.21 32.01 -13.22
CA LYS A 169 10.93 33.43 -12.95
C LYS A 169 9.81 33.69 -11.98
N PHE A 170 8.93 32.72 -11.76
CA PHE A 170 7.75 32.91 -10.88
C PHE A 170 8.08 32.79 -9.38
N THR A 171 8.91 33.69 -8.88
CA THR A 171 9.31 33.69 -7.49
C THR A 171 8.18 34.30 -6.67
N ARG A 172 7.90 33.77 -5.48
CA ARG A 172 6.82 34.28 -4.65
C ARG A 172 7.32 35.29 -3.63
N PHE A 173 8.59 35.22 -3.26
CA PHE A 173 9.15 36.09 -2.21
C PHE A 173 9.92 37.30 -2.74
N ASP A 174 9.30 38.46 -2.64
CA ASP A 174 9.79 39.68 -3.28
C ASP A 174 10.85 40.47 -2.52
N ASP A 175 11.10 40.12 -1.26
CA ASP A 175 12.06 40.87 -0.44
C ASP A 175 13.12 39.95 0.11
N PRO A 176 13.84 39.28 -0.77
CA PRO A 176 14.83 38.39 -0.21
C PRO A 176 15.94 39.17 0.51
N LEU A 177 16.40 38.66 1.64
CA LEU A 177 17.60 39.12 2.30
C LEU A 177 18.84 38.81 1.47
N PHE A 178 18.85 37.64 0.81
CA PHE A 178 19.97 37.18 0.01
C PHE A 178 19.52 37.02 -1.44
N ASN A 179 20.17 37.74 -2.35
CA ASN A 179 19.78 37.74 -3.75
C ASN A 179 21.00 37.73 -4.65
N VAL A 180 20.96 36.92 -5.69
CA VAL A 180 22.04 36.85 -6.64
C VAL A 180 21.47 36.96 -8.05
N LYS A 181 22.34 37.28 -8.99
CA LYS A 181 21.95 37.45 -10.38
C LYS A 181 21.57 36.10 -10.98
N ARG A 182 20.52 36.10 -11.79
CA ARG A 182 19.99 34.87 -12.36
C ARG A 182 19.92 34.99 -13.87
N ASN A 183 19.89 33.84 -14.55
CA ASN A 183 19.73 33.79 -16.01
C ASN A 183 18.36 34.31 -16.42
N ILE A 184 18.11 34.36 -17.73
CA ILE A 184 16.76 34.65 -18.23
C ILE A 184 16.00 33.33 -18.26
N SER A 185 14.96 33.23 -17.44
CA SER A 185 14.20 31.99 -17.26
C SER A 185 13.69 31.51 -18.60
N LYS A 186 13.63 30.19 -18.79
CA LYS A 186 13.06 29.64 -20.01
C LYS A 186 11.69 30.23 -20.24
N TYR A 187 10.98 30.58 -19.18
CA TYR A 187 9.64 31.11 -19.28
C TYR A 187 9.60 32.53 -19.86
N ASP A 188 10.75 33.15 -20.01
CA ASP A 188 10.83 34.41 -20.74
C ASP A 188 11.34 34.24 -22.17
N THR A 189 11.48 32.98 -22.62
CA THR A 189 11.88 32.67 -24.01
C THR A 189 10.67 32.15 -24.78
N PRO A 190 10.68 32.31 -26.12
CA PRO A 190 9.54 31.84 -26.93
C PRO A 190 9.39 30.31 -26.92
N SER A 191 10.51 29.59 -26.98
CA SER A 191 10.46 28.12 -27.01
C SER A 191 10.04 27.55 -25.65
N ARG A 192 10.39 28.26 -24.59
CA ARG A 192 10.07 27.86 -23.22
C ARG A 192 10.70 26.51 -22.82
N GLN A 193 11.89 26.22 -23.33
CA GLN A 193 12.53 24.93 -23.04
C GLN A 193 13.89 25.02 -22.35
N ALA A 194 14.62 26.09 -22.59
CA ALA A 194 15.91 26.29 -21.91
C ALA A 194 16.14 27.77 -21.69
N PRO A 195 16.84 28.12 -20.59
CA PRO A 195 17.05 29.53 -20.27
C PRO A 195 18.15 30.13 -21.13
N ILE A 196 18.24 31.45 -21.10
CA ILE A 196 19.31 32.15 -21.75
C ILE A 196 20.35 32.44 -20.67
N PRO A 197 21.52 31.80 -20.76
CA PRO A 197 22.53 31.98 -19.71
C PRO A 197 23.17 33.34 -19.74
N ILE A 198 23.57 33.82 -18.56
CA ILE A 198 24.38 35.02 -18.44
C ILE A 198 25.79 34.61 -17.99
N TYR A 199 26.78 35.40 -18.40
CA TYR A 199 28.20 35.05 -18.20
C TYR A 199 28.85 35.96 -17.14
N GLU A 200 28.04 36.59 -16.32
CA GLU A 200 28.54 37.28 -15.16
C GLU A 200 27.87 36.63 -13.98
N GLY A 201 28.33 36.98 -12.80
CA GLY A 201 27.68 36.60 -11.56
C GLY A 201 28.24 35.36 -10.87
N LEU A 202 27.92 35.24 -9.58
CA LEU A 202 28.39 34.16 -8.75
C LEU A 202 28.00 32.79 -9.29
N GLY A 203 26.76 32.65 -9.70
CA GLY A 203 26.25 31.38 -10.19
C GLY A 203 27.00 30.85 -11.39
N TYR A 204 27.16 31.71 -12.41
CA TYR A 204 27.98 31.38 -13.59
C TYR A 204 29.42 31.08 -13.22
N ARG A 205 30.01 31.91 -12.35
CA ARG A 205 31.38 31.67 -11.93
C ARG A 205 31.58 30.33 -11.22
N LEU A 206 30.63 29.91 -10.38
CA LEU A 206 30.72 28.60 -9.71
C LEU A 206 30.52 27.47 -10.73
N ARG A 207 29.53 27.62 -11.60
CA ARG A 207 29.21 26.58 -12.56
C ARG A 207 30.34 26.39 -13.55
N SER A 208 30.85 27.48 -14.08
CA SER A 208 31.86 27.43 -15.14
C SER A 208 33.21 26.99 -14.59
N THR A 209 33.47 27.28 -13.33
CA THR A 209 34.72 26.87 -12.70
C THR A 209 34.73 25.38 -12.33
N LEU A 210 33.61 24.87 -11.82
CA LEU A 210 33.56 23.46 -11.36
C LEU A 210 33.49 22.46 -12.52
N PHE A 211 33.05 22.93 -13.68
CA PHE A 211 33.05 22.14 -14.91
C PHE A 211 32.95 23.11 -16.10
N PRO A 212 34.10 23.46 -16.72
CA PRO A 212 34.12 24.46 -17.81
C PRO A 212 33.63 23.91 -19.15
N GLU A 213 33.65 24.73 -20.19
CA GLU A 213 33.24 24.24 -21.52
C GLU A 213 34.31 23.38 -22.20
N ASP A 214 35.54 23.39 -21.69
CA ASP A 214 36.58 22.43 -22.13
C ASP A 214 36.23 20.98 -21.74
N LYS A 215 35.20 20.83 -20.89
CA LYS A 215 34.73 19.53 -20.39
C LYS A 215 35.77 18.79 -19.52
N THR A 216 36.66 19.56 -18.88
CA THR A 216 37.73 19.02 -18.03
C THR A 216 37.24 18.82 -16.59
N PRO A 217 36.88 17.58 -16.22
CA PRO A 217 36.27 17.39 -14.90
C PRO A 217 37.11 17.89 -13.73
N THR A 218 36.48 18.03 -12.58
CA THR A 218 37.17 18.43 -11.36
C THR A 218 37.17 17.21 -10.45
N PRO A 219 38.35 16.79 -9.95
CA PRO A 219 38.37 15.60 -9.11
C PRO A 219 38.00 15.89 -7.66
N ILE A 220 37.19 15.00 -7.09
CA ILE A 220 36.81 15.07 -5.68
C ILE A 220 37.59 13.98 -4.93
N ASN A 221 38.72 14.38 -4.34
CA ASN A 221 39.57 13.46 -3.59
C ASN A 221 39.42 13.71 -2.10
N LYS A 222 38.42 13.06 -1.50
CA LYS A 222 38.22 13.08 -0.04
C LYS A 222 38.56 11.69 0.50
N LYS A 223 39.47 11.65 1.47
CA LYS A 223 39.93 10.39 2.05
C LYS A 223 39.78 10.48 3.56
N SER A 224 38.83 9.72 4.09
CA SER A 224 38.62 9.67 5.54
C SER A 224 37.67 8.53 5.91
N LEU A 225 37.64 8.16 7.20
CA LEU A 225 38.68 8.52 8.16
C LEU A 225 39.73 7.42 8.11
N ARG A 226 39.28 6.23 7.72
CA ARG A 226 40.11 5.06 7.53
C ARG A 226 41.16 5.22 6.42
N ASP A 227 40.80 5.91 5.34
CA ASP A 227 41.78 6.22 4.30
C ASP A 227 42.85 7.16 4.86
N LYS A 228 42.43 8.03 5.78
CA LYS A 228 43.29 9.02 6.42
C LYS A 228 44.27 8.35 7.39
N VAL A 229 43.75 7.48 8.26
CA VAL A 229 44.56 6.77 9.25
C VAL A 229 45.59 5.83 8.61
N LYS A 230 45.19 5.17 7.53
CA LYS A 230 46.10 4.30 6.77
C LYS A 230 47.22 5.10 6.11
N SER A 231 46.96 6.36 5.76
CA SER A 231 47.99 7.24 5.23
C SER A 231 48.96 7.71 6.33
N THR A 232 48.45 7.95 7.53
CA THR A 232 49.28 8.39 8.67
C THR A 232 50.12 7.26 9.28
N VAL A 233 49.57 6.05 9.34
CA VAL A 233 50.33 4.90 9.86
C VAL A 233 51.38 4.40 8.86
N LEU A 234 51.01 4.32 7.57
CA LEU A 234 51.96 3.96 6.50
C LEU A 234 53.02 5.05 6.23
N SER A 235 52.85 6.24 6.80
CA SER A 235 53.86 7.32 6.72
C SER A 235 55.12 6.95 7.50
N HIS A 236 54.97 6.11 8.51
CA HIS A 236 56.07 5.66 9.34
C HIS A 236 56.66 4.31 8.87
N TYR A 237 55.90 3.53 8.10
CA TYR A 237 56.36 2.23 7.57
C TYR A 237 56.77 2.32 6.08
N LYS A 238 57.56 1.33 5.64
CA LYS A 238 58.08 1.28 4.27
C LYS A 238 57.29 0.32 3.40
N ASP A 239 57.57 0.34 2.10
CA ASP A 239 56.94 -0.59 1.15
C ASP A 239 57.39 -2.05 1.37
N GLU A 240 58.65 -2.25 1.75
CA GLU A 240 59.22 -3.61 1.87
C GLU A 240 58.80 -4.39 3.13
N ASP A 241 59.01 -3.83 4.33
CA ASP A 241 58.86 -4.62 5.58
C ASP A 241 57.53 -5.39 5.65
N ARG A 242 57.59 -6.65 6.10
CA ARG A 242 56.38 -7.39 6.49
C ARG A 242 56.41 -7.69 7.98
N ILE A 243 55.44 -8.50 8.40
CA ILE A 243 55.44 -9.12 9.70
C ILE A 243 56.10 -10.50 9.56
N ASP A 244 57.44 -10.48 9.47
CA ASP A 244 58.25 -11.70 9.31
C ASP A 244 59.50 -11.66 10.23
N GLY A 245 60.50 -12.49 9.95
CA GLY A 245 61.70 -12.55 10.78
C GLY A 245 61.44 -13.29 12.09
N GLU A 246 62.45 -13.32 12.96
CA GLU A 246 62.38 -14.08 14.21
C GLU A 246 61.27 -13.57 15.14
N LYS A 247 61.12 -12.26 15.21
CA LYS A 247 60.19 -11.64 16.15
C LYS A 247 58.94 -11.18 15.41
N LYS A 248 58.15 -12.15 14.96
CA LYS A 248 56.94 -11.88 14.16
C LYS A 248 55.74 -11.41 15.00
N ASP A 249 55.62 -11.89 16.24
CA ASP A 249 54.54 -11.45 17.14
C ASP A 249 54.76 -10.03 17.69
N GLU A 250 56.00 -9.56 17.69
CA GLU A 250 56.36 -8.25 18.29
C GLU A 250 56.12 -7.08 17.35
N LYS A 251 56.47 -7.25 16.07
CA LYS A 251 56.16 -6.26 15.03
C LYS A 251 54.64 -6.16 14.86
N LEU A 252 53.97 -7.31 14.90
CA LEU A 252 52.51 -7.40 14.87
C LEU A 252 51.88 -6.58 15.99
N ASN A 253 52.36 -6.79 17.22
CA ASN A 253 51.80 -6.15 18.41
C ASN A 253 52.08 -4.65 18.42
N GLU A 254 53.20 -4.25 17.84
CA GLU A 254 53.55 -2.83 17.74
C GLU A 254 52.61 -2.14 16.75
N LEU A 255 52.42 -2.78 15.60
CA LEU A 255 51.50 -2.28 14.58
C LEU A 255 50.05 -2.21 15.09
N ILE A 256 49.64 -3.20 15.89
CA ILE A 256 48.31 -3.19 16.49
C ILE A 256 48.18 -2.02 17.48
N THR A 257 49.23 -1.77 18.26
CA THR A 257 49.23 -0.67 19.22
C THR A 257 49.29 0.67 18.49
N ASN A 258 50.19 0.78 17.51
CA ASN A 258 50.30 2.01 16.71
C ASN A 258 49.00 2.37 15.99
N LEU A 259 48.39 1.38 15.35
CA LEU A 259 47.12 1.58 14.65
C LEU A 259 46.02 2.00 15.63
N GLN A 260 45.90 1.24 16.73
CA GLN A 260 44.99 1.56 17.83
C GLN A 260 45.10 3.01 18.26
N ASN A 261 46.32 3.46 18.56
CA ASN A 261 46.57 4.84 19.04
C ASN A 261 46.12 5.91 18.06
N GLU A 262 46.46 5.72 16.79
CA GLU A 262 46.09 6.69 15.76
C GLU A 262 44.59 6.72 15.52
N LEU A 263 43.95 5.55 15.60
CA LEU A 263 42.51 5.46 15.43
C LEU A 263 41.76 6.20 16.54
N VAL A 264 42.12 5.92 17.81
CA VAL A 264 41.44 6.59 18.95
C VAL A 264 41.77 8.07 18.97
N LYS A 265 42.91 8.45 18.40
CA LYS A 265 43.33 9.85 18.33
C LYS A 265 42.52 10.65 17.30
N GLU A 266 42.34 10.11 16.10
CA GLU A 266 41.48 10.75 15.08
C GLU A 266 40.00 10.64 15.42
N LEU A 267 39.64 9.65 16.25
CA LEU A 267 38.25 9.46 16.69
C LEU A 267 37.82 10.51 17.72
N VAL A 268 38.64 10.72 18.76
CA VAL A 268 38.29 11.69 19.82
C VAL A 268 38.16 13.14 19.29
N LYS A 269 38.92 13.44 18.24
CA LYS A 269 38.85 14.74 17.57
C LYS A 269 37.48 14.93 16.93
N SER A 270 36.96 13.82 16.39
CA SER A 270 35.65 13.76 15.78
C SER A 270 34.60 13.55 16.87
N ASP A 271 34.78 12.50 17.67
CA ASP A 271 33.88 12.17 18.77
C ASP A 271 34.70 11.62 19.94
N PRO A 272 34.92 12.44 20.99
CA PRO A 272 35.80 12.03 22.12
C PRO A 272 35.31 10.84 22.95
N GLN A 273 34.14 10.32 22.60
CA GLN A 273 33.43 9.34 23.41
C GLN A 273 33.86 7.88 23.12
N TYR A 274 34.60 7.66 22.03
CA TYR A 274 35.18 6.34 21.71
C TYR A 274 36.66 6.30 22.07
N SER A 275 36.94 6.40 23.37
CA SER A 275 38.30 6.58 23.90
C SER A 275 38.93 5.24 24.31
N LYS A 276 38.08 4.33 24.78
CA LYS A 276 38.53 3.05 25.31
C LYS A 276 38.14 1.90 24.39
N LEU A 277 38.71 1.87 23.19
CA LEU A 277 38.43 0.82 22.22
C LEU A 277 39.71 0.01 22.00
N SER A 278 39.56 -1.29 21.77
CA SER A 278 40.71 -2.19 21.66
C SER A 278 40.76 -2.86 20.30
N LEU A 279 41.97 -2.89 19.74
CA LEU A 279 42.24 -3.60 18.48
C LEU A 279 42.97 -4.92 18.74
N SER A 280 43.05 -5.33 20.01
CA SER A 280 43.76 -6.56 20.41
C SER A 280 42.81 -7.73 20.60
N LYS A 281 41.51 -7.48 20.53
CA LYS A 281 40.48 -8.53 20.63
C LYS A 281 39.28 -8.20 19.72
N ASP A 282 38.71 -9.23 19.08
CA ASP A 282 37.57 -9.06 18.14
C ASP A 282 36.23 -8.96 18.90
N PRO A 283 35.14 -8.49 18.22
CA PRO A 283 33.90 -8.22 18.96
C PRO A 283 33.34 -9.43 19.72
N ARG A 284 33.74 -10.64 19.33
CA ARG A 284 33.39 -11.84 20.09
C ARG A 284 33.99 -11.79 21.49
N GLY A 285 35.29 -11.51 21.57
CA GLY A 285 36.04 -11.58 22.82
C GLY A 285 37.33 -12.37 22.72
N LYS A 286 37.61 -12.88 21.51
CA LYS A 286 38.80 -13.70 21.26
C LYS A 286 40.02 -12.85 20.93
N GLU A 287 41.20 -13.32 21.34
CA GLU A 287 42.44 -12.54 21.30
C GLU A 287 43.09 -12.50 19.91
N ILE A 288 43.26 -11.29 19.35
CA ILE A 288 43.84 -11.07 18.01
C ILE A 288 45.35 -11.29 18.03
N ASN A 289 45.82 -12.29 17.28
CA ASN A 289 47.25 -12.58 17.19
C ASN A 289 47.62 -13.33 15.89
N TYR A 290 48.91 -13.53 15.64
CA TYR A 290 49.40 -14.04 14.35
C TYR A 290 48.75 -15.33 13.85
N ASP A 291 48.61 -16.29 14.77
CA ASP A 291 47.90 -17.56 14.52
C ASP A 291 46.45 -17.32 14.05
N TYR A 292 45.82 -16.27 14.58
CA TYR A 292 44.38 -16.05 14.44
C TYR A 292 43.97 -15.51 13.09
N LEU A 293 44.82 -14.66 12.51
CA LEU A 293 44.54 -14.02 11.23
C LEU A 293 45.10 -14.86 10.07
N VAL A 294 46.16 -15.63 10.35
CA VAL A 294 46.81 -16.44 9.32
C VAL A 294 46.32 -17.90 9.29
N ASN A 295 46.17 -18.54 10.46
CA ASN A 295 45.87 -19.98 10.55
C ASN A 295 44.43 -20.38 10.95
N SER A 296 43.64 -19.43 11.47
CA SER A 296 42.27 -19.71 11.93
C SER A 296 41.18 -19.09 11.05
N LEU A 297 41.50 -17.97 10.40
CA LEU A 297 40.58 -17.30 9.49
C LEU A 297 41.03 -17.43 8.03
N MET A 298 42.35 -17.54 7.81
CA MET A 298 42.95 -17.66 6.47
C MET A 298 42.94 -16.38 5.62
N LEU A 299 42.60 -15.23 6.22
CA LEU A 299 42.48 -13.97 5.45
C LEU A 299 43.85 -13.45 5.03
N VAL A 300 44.74 -13.29 6.00
CA VAL A 300 46.05 -12.71 5.75
C VAL A 300 47.11 -13.81 5.81
N ASP A 301 47.81 -13.98 4.69
CA ASP A 301 48.88 -14.94 4.62
C ASP A 301 50.11 -14.32 5.25
N ASN A 302 51.20 -15.08 5.25
CA ASN A 302 52.49 -14.55 5.67
C ASN A 302 53.04 -13.71 4.48
N ASP A 303 53.96 -12.78 4.78
CA ASP A 303 54.35 -11.64 3.88
C ASP A 303 53.22 -10.82 3.21
N SER A 304 52.03 -10.77 3.80
CA SER A 304 50.98 -9.87 3.31
C SER A 304 51.42 -8.43 3.53
N GLU A 305 50.95 -7.52 2.68
CA GLU A 305 51.35 -6.11 2.76
C GLU A 305 50.86 -5.45 4.06
N ILE A 306 51.49 -4.34 4.42
CA ILE A 306 51.24 -3.69 5.71
C ILE A 306 49.79 -3.19 5.76
N GLY A 307 49.32 -2.67 4.64
CA GLY A 307 47.95 -2.16 4.52
C GLY A 307 46.88 -3.23 4.60
N ASP A 308 47.17 -4.41 4.02
CA ASP A 308 46.22 -5.56 4.07
C ASP A 308 46.12 -6.13 5.48
N TRP A 309 47.24 -6.12 6.21
CA TRP A 309 47.25 -6.41 7.64
C TRP A 309 46.35 -5.40 8.36
N ILE A 310 46.58 -4.12 8.07
CA ILE A 310 45.80 -3.02 8.65
C ILE A 310 44.31 -3.15 8.29
N ASP A 311 44.02 -3.38 7.00
CA ASP A 311 42.66 -3.68 6.54
C ASP A 311 42.01 -4.75 7.40
N THR A 312 42.67 -5.89 7.47
CA THR A 312 42.12 -7.06 8.14
C THR A 312 42.00 -6.87 9.65
N ILE A 313 43.00 -6.26 10.29
CA ILE A 313 42.92 -5.96 11.72
C ILE A 313 41.65 -5.17 11.96
N LEU A 314 41.45 -4.15 11.13
CA LEU A 314 40.30 -3.26 11.26
C LEU A 314 39.01 -4.04 11.04
N ASP A 315 38.92 -4.74 9.93
CA ASP A 315 37.72 -5.51 9.61
C ASP A 315 37.35 -6.54 10.69
N ALA A 316 38.36 -7.18 11.27
CA ALA A 316 38.16 -8.19 12.30
C ALA A 316 37.70 -7.60 13.64
N THR A 317 38.34 -6.51 14.06
CA THR A 317 38.09 -5.92 15.38
C THR A 317 37.02 -4.83 15.40
N VAL A 318 36.92 -4.03 14.34
CA VAL A 318 36.05 -2.85 14.39
C VAL A 318 34.65 -3.19 13.90
N ASP A 319 33.67 -2.51 14.50
CA ASP A 319 32.25 -2.68 14.17
C ASP A 319 31.97 -1.90 12.87
N SER A 320 30.88 -2.23 12.16
CA SER A 320 30.55 -1.55 10.89
C SER A 320 29.95 -0.18 11.10
N THR A 321 29.35 0.01 12.27
CA THR A 321 28.66 1.24 12.63
C THR A 321 29.58 2.46 12.72
N VAL A 322 30.77 2.25 13.26
CA VAL A 322 31.68 3.33 13.55
C VAL A 322 32.13 4.10 12.32
N TRP A 323 32.40 3.37 11.24
CA TRP A 323 32.83 4.02 10.02
C TRP A 323 31.71 4.88 9.51
N ALA A 324 32.05 6.07 9.03
CA ALA A 324 31.05 6.99 8.51
C ALA A 324 30.31 7.57 9.69
N VAL A 325 30.85 7.35 10.88
CA VAL A 325 30.22 7.78 12.11
C VAL A 325 30.11 9.29 12.17
N GLN A 326 31.17 9.97 11.73
CA GLN A 326 31.22 11.42 11.80
C GLN A 326 30.30 12.08 10.79
N ALA A 327 29.86 13.28 11.13
CA ALA A 327 28.93 14.04 10.28
C ALA A 327 29.59 14.39 8.95
N SER A 328 28.80 14.33 7.89
CA SER A 328 29.29 14.55 6.54
C SER A 328 28.69 15.82 5.95
N SER A 329 29.53 16.63 5.34
CA SER A 329 29.08 17.85 4.68
C SER A 329 28.20 17.48 3.51
N PRO A 330 27.24 18.34 3.23
CA PRO A 330 26.37 18.15 2.09
C PRO A 330 27.20 18.20 0.83
N PHE A 331 28.32 18.88 0.90
CA PHE A 331 29.25 19.02 -0.21
C PHE A 331 29.83 17.69 -0.67
N TYR A 332 30.15 16.80 0.26
CA TYR A 332 30.78 15.56 -0.11
C TYR A 332 29.74 14.47 -0.13
N GLN A 333 29.23 14.18 -1.32
CA GLN A 333 28.15 13.21 -1.51
C GLN A 333 28.66 11.83 -1.89
N GLY A 334 29.96 11.69 -2.08
CA GLY A 334 30.57 10.40 -2.41
C GLY A 334 31.18 10.32 -3.80
N ALA A 335 30.72 11.17 -4.72
CA ALA A 335 31.15 11.08 -6.11
C ALA A 335 32.64 11.30 -6.29
N LYS A 336 33.19 10.72 -7.35
CA LYS A 336 34.61 10.84 -7.68
C LYS A 336 34.96 12.23 -8.09
N GLU A 337 34.16 12.77 -9.00
CA GLU A 337 34.51 14.02 -9.66
C GLU A 337 33.27 14.76 -10.17
N ILE A 338 33.44 16.06 -10.39
CA ILE A 338 32.40 16.89 -10.96
C ILE A 338 32.51 16.73 -12.47
N SER A 339 31.72 15.81 -13.05
CA SER A 339 31.92 15.34 -14.43
C SER A 339 30.74 15.62 -15.38
N SER A 340 30.03 16.72 -15.15
CA SER A 340 28.92 17.14 -16.03
C SER A 340 28.46 18.52 -15.61
N ASP A 341 27.45 19.07 -16.30
CA ASP A 341 26.87 20.37 -15.90
C ASP A 341 25.94 20.21 -14.71
N ARG A 342 25.09 19.18 -14.76
CA ARG A 342 24.17 18.86 -13.66
C ARG A 342 24.90 18.88 -12.30
N ASP A 343 26.05 18.23 -12.25
CA ASP A 343 26.84 18.19 -11.01
C ASP A 343 27.29 19.59 -10.58
N ALA A 344 27.70 20.40 -11.56
CA ALA A 344 28.22 21.72 -11.28
C ALA A 344 27.16 22.64 -10.66
N ASP A 345 25.94 22.54 -11.16
CA ASP A 345 24.83 23.32 -10.62
C ASP A 345 24.47 22.85 -9.19
N LYS A 346 24.47 21.53 -8.98
CA LYS A 346 24.17 20.99 -7.67
C LYS A 346 25.07 21.65 -6.69
N ILE A 347 26.34 21.79 -7.05
CA ILE A 347 27.33 22.36 -6.12
C ILE A 347 27.31 23.90 -6.13
N SER A 348 27.20 24.53 -7.28
CA SER A 348 26.96 25.99 -7.32
C SER A 348 25.88 26.34 -6.27
N ILE A 349 24.73 25.67 -6.36
CA ILE A 349 23.58 25.91 -5.48
C ILE A 349 23.90 25.62 -4.02
N ARG A 350 24.63 24.53 -3.80
CA ARG A 350 25.03 24.15 -2.46
C ARG A 350 25.83 25.30 -1.86
N VAL A 351 26.82 25.76 -2.62
CA VAL A 351 27.68 26.85 -2.16
C VAL A 351 26.84 28.10 -1.93
N GLN A 352 26.00 28.44 -2.91
CA GLN A 352 25.13 29.60 -2.78
C GLN A 352 24.27 29.50 -1.51
N TYR A 353 23.77 28.29 -1.25
CA TYR A 353 22.89 28.10 -0.13
C TYR A 353 23.64 28.28 1.18
N LEU A 354 24.87 27.79 1.24
CA LEU A 354 25.72 28.04 2.38
C LEU A 354 25.93 29.52 2.62
N LEU A 355 26.14 30.31 1.57
CA LEU A 355 26.29 31.76 1.72
C LEU A 355 25.02 32.43 2.18
N ALA A 356 23.91 32.01 1.57
CA ALA A 356 22.57 32.33 2.06
C ALA A 356 22.43 32.05 3.57
N GLU A 357 22.78 30.85 4.00
CA GLU A 357 22.67 30.51 5.43
C GLU A 357 23.50 31.38 6.38
N ALA A 358 24.75 31.61 6.00
CA ALA A 358 25.60 32.52 6.74
C ALA A 358 24.93 33.86 6.77
N ASN A 359 24.50 34.36 5.61
CA ASN A 359 23.83 35.65 5.56
C ASN A 359 22.65 35.70 6.56
N ILE A 360 21.84 34.65 6.55
CA ILE A 360 20.73 34.54 7.49
C ILE A 360 21.19 34.62 8.97
N TYR A 361 22.26 33.92 9.32
CA TYR A 361 22.81 33.96 10.67
C TYR A 361 23.16 35.37 11.04
N CYS A 362 23.91 36.01 10.17
CA CYS A 362 24.34 37.37 10.41
C CYS A 362 23.14 38.35 10.51
N LYS A 363 22.01 38.03 9.89
CA LYS A 363 20.85 38.95 9.91
C LYS A 363 19.98 38.80 11.17
N THR A 364 19.65 37.55 11.52
CA THR A 364 18.82 37.31 12.69
C THR A 364 19.55 37.73 13.95
N ASN A 365 20.88 37.58 13.93
CA ASN A 365 21.76 37.92 15.07
C ASN A 365 22.22 39.37 15.10
N LYS A 366 21.64 40.21 14.23
CA LYS A 366 21.84 41.66 14.25
C LYS A 366 23.28 42.13 13.99
N LEU A 367 24.14 41.22 13.56
CA LEU A 367 25.53 41.55 13.21
C LEU A 367 25.61 42.38 11.92
N SER A 368 24.79 42.02 10.91
CA SER A 368 24.73 42.77 9.64
C SER A 368 23.30 42.88 9.09
N ASP A 369 23.13 43.84 8.19
CA ASP A 369 21.85 44.04 7.52
C ASP A 369 21.99 43.83 6.01
N ALA A 370 23.17 43.40 5.57
CA ALA A 370 23.51 43.40 4.15
C ALA A 370 22.96 42.22 3.39
N ASN A 371 23.17 42.25 2.07
CA ASN A 371 22.85 41.15 1.15
C ASN A 371 24.18 40.54 0.69
N PHE A 372 24.58 39.45 1.31
CA PHE A 372 25.84 38.79 0.96
C PHE A 372 25.94 38.53 -0.51
N GLY A 373 24.82 38.28 -1.16
CA GLY A 373 24.81 37.95 -2.60
C GLY A 373 25.16 39.11 -3.51
N GLU A 374 24.87 40.32 -3.02
CA GLU A 374 25.19 41.55 -3.74
C GLU A 374 26.72 41.75 -3.78
N PHE A 375 27.41 41.21 -2.77
CA PHE A 375 28.86 41.28 -2.71
C PHE A 375 29.53 40.16 -3.51
N PHE A 376 29.07 38.93 -3.34
CA PHE A 376 29.70 37.78 -3.99
C PHE A 376 29.43 37.65 -5.50
N ASP A 377 28.52 38.47 -6.04
CA ASP A 377 28.28 38.50 -7.49
C ASP A 377 29.27 39.41 -8.20
N LYS A 378 29.79 40.41 -7.47
CA LYS A 378 30.84 41.31 -7.94
C LYS A 378 32.19 40.63 -8.08
N GLU A 379 33.02 41.20 -8.96
CA GLU A 379 34.37 40.70 -9.16
C GLU A 379 35.30 41.47 -8.25
N PRO A 380 36.38 40.83 -7.81
CA PRO A 380 36.90 39.48 -8.12
C PRO A 380 36.24 38.34 -7.32
N HIS A 381 35.46 38.74 -6.34
CA HIS A 381 34.84 37.84 -5.38
C HIS A 381 34.09 36.67 -6.00
N ALA A 382 33.30 36.94 -7.03
CA ALA A 382 32.64 35.86 -7.76
C ALA A 382 33.64 34.78 -8.17
N THR A 383 34.73 35.19 -8.81
CA THR A 383 35.67 34.23 -9.37
C THR A 383 36.58 33.64 -8.30
N GLU A 384 36.95 34.46 -7.33
CA GLU A 384 37.95 34.03 -6.35
C GLU A 384 37.38 32.92 -5.45
N ILE A 385 36.14 33.07 -5.01
CA ILE A 385 35.49 32.03 -4.22
C ILE A 385 35.21 30.76 -5.03
N ALA A 386 34.87 30.92 -6.31
CA ALA A 386 34.67 29.77 -7.22
C ALA A 386 35.95 28.96 -7.38
N LYS A 387 37.09 29.66 -7.38
CA LYS A 387 38.39 29.05 -7.55
C LYS A 387 38.81 28.29 -6.28
N ARG A 388 38.79 28.99 -5.14
CA ARG A 388 39.12 28.39 -3.86
C ARG A 388 38.32 27.13 -3.57
N VAL A 389 37.06 27.12 -4.00
CA VAL A 389 36.20 25.95 -3.85
C VAL A 389 36.70 24.79 -4.73
N LYS A 390 37.01 25.08 -6.00
CA LYS A 390 37.51 24.04 -6.89
C LYS A 390 38.81 23.48 -6.34
N GLU A 391 39.70 24.36 -5.91
CA GLU A 391 40.94 23.95 -5.23
C GLU A 391 40.60 22.98 -4.11
N GLY A 392 39.75 23.46 -3.19
CA GLY A 392 39.34 22.71 -2.01
C GLY A 392 38.87 21.30 -2.31
N PHE A 393 38.06 21.13 -3.35
CA PHE A 393 37.51 19.82 -3.74
C PHE A 393 38.57 18.84 -4.16
N THR A 394 39.54 19.32 -4.92
CA THR A 394 40.67 18.51 -5.43
C THR A 394 41.53 18.01 -4.26
N GLN A 395 41.76 18.90 -3.31
CA GLN A 395 42.54 18.59 -2.14
C GLN A 395 41.74 17.83 -1.07
N GLY A 396 40.41 17.79 -1.22
CA GLY A 396 39.53 17.09 -0.28
C GLY A 396 39.29 17.82 1.04
N ALA A 397 39.60 19.11 1.07
CA ALA A 397 39.46 19.91 2.29
C ALA A 397 38.00 20.22 2.64
N ASP A 398 37.79 20.64 3.88
CA ASP A 398 36.48 21.07 4.33
C ASP A 398 36.11 22.36 3.62
N ILE A 399 34.97 22.31 2.94
CA ILE A 399 34.53 23.38 2.08
C ILE A 399 34.02 24.57 2.91
N GLU A 400 33.22 24.27 3.93
CA GLU A 400 32.54 25.28 4.71
C GLU A 400 33.49 26.40 5.19
N PRO A 401 34.65 26.04 5.82
CA PRO A 401 35.61 27.07 6.29
C PRO A 401 36.24 27.93 5.20
N ILE A 402 36.39 27.37 4.01
CA ILE A 402 36.90 28.13 2.88
C ILE A 402 36.04 29.39 2.74
N ILE A 403 34.73 29.17 2.69
CA ILE A 403 33.73 30.25 2.59
C ILE A 403 33.78 31.21 3.77
N TYR A 404 33.83 30.66 5.00
CA TYR A 404 33.87 31.50 6.20
C TYR A 404 35.13 32.38 6.22
N ASP A 405 36.25 31.82 5.76
CA ASP A 405 37.51 32.56 5.72
C ASP A 405 37.38 33.77 4.80
N TYR A 406 36.82 33.55 3.62
CA TYR A 406 36.63 34.64 2.65
C TYR A 406 35.69 35.71 3.17
N ILE A 407 34.70 35.30 3.96
CA ILE A 407 33.82 36.26 4.63
C ILE A 407 34.61 37.10 5.62
N ASN A 408 35.37 36.43 6.49
CA ASN A 408 36.23 37.12 7.46
C ASN A 408 37.23 38.05 6.79
N SER A 409 37.84 37.57 5.70
CA SER A 409 38.75 38.37 4.88
C SER A 409 38.14 39.69 4.41
N ASN A 410 36.81 39.74 4.30
CA ASN A 410 36.11 40.95 3.88
C ASN A 410 34.99 41.32 4.83
N HIS A 411 35.17 40.98 6.10
CA HIS A 411 34.08 41.09 7.05
C HIS A 411 33.51 42.51 7.19
N ALA A 412 34.33 43.53 7.00
CA ALA A 412 33.86 44.91 7.09
C ALA A 412 33.00 45.27 5.89
N GLU A 413 33.42 44.81 4.72
CA GLU A 413 32.68 45.06 3.48
C GLU A 413 31.30 44.43 3.50
N LEU A 414 31.12 43.37 4.30
CA LEU A 414 29.86 42.66 4.44
C LEU A 414 29.02 43.19 5.63
N GLY A 415 29.39 44.33 6.17
CA GLY A 415 28.56 45.04 7.12
C GLY A 415 28.71 44.52 8.54
N LEU A 416 29.81 43.83 8.81
CA LEU A 416 30.12 43.28 10.14
C LEU A 416 31.23 44.06 10.84
N LYS A 417 31.16 44.12 12.17
CA LYS A 417 32.16 44.85 12.97
C LYS A 417 33.34 43.91 13.29
N SER A 418 33.05 42.71 13.75
CA SER A 418 34.04 41.68 13.95
C SER A 418 33.76 40.55 12.96
N PRO A 419 34.80 39.79 12.57
CA PRO A 419 34.53 38.59 11.76
C PRO A 419 33.89 37.48 12.58
N LEU A 420 33.64 36.35 11.94
CA LEU A 420 32.91 35.25 12.56
C LEU A 420 33.84 34.39 13.41
N THR A 421 33.47 34.16 14.67
CA THR A 421 34.24 33.27 15.55
C THR A 421 34.08 31.78 15.16
N GLY A 422 34.94 30.94 15.73
CA GLY A 422 34.93 29.49 15.43
C GLY A 422 33.64 28.83 15.88
N LYS A 423 33.04 29.37 16.92
CA LYS A 423 31.77 28.90 17.45
C LYS A 423 30.64 29.31 16.51
N GLN A 424 30.60 30.61 16.20
CA GLN A 424 29.65 31.18 15.21
C GLN A 424 29.69 30.42 13.89
N GLN A 425 30.89 30.10 13.43
CA GLN A 425 31.04 29.32 12.22
C GLN A 425 30.44 27.93 12.30
N GLN A 426 30.52 27.29 13.46
CA GLN A 426 29.96 25.94 13.60
C GLN A 426 28.42 26.01 13.66
N GLU A 427 27.90 27.03 14.35
CA GLU A 427 26.46 27.29 14.38
C GLU A 427 25.88 27.36 12.94
N ILE A 428 26.51 28.19 12.11
CA ILE A 428 26.10 28.33 10.74
C ILE A 428 26.20 26.99 10.02
N THR A 429 27.33 26.30 10.13
CA THR A 429 27.51 25.04 9.40
C THR A 429 26.42 24.02 9.71
N ASP A 430 26.01 23.98 10.98
CA ASP A 430 25.07 22.97 11.44
C ASP A 430 23.66 23.29 10.96
N LYS A 431 23.28 24.56 10.95
CA LYS A 431 22.02 25.01 10.32
C LYS A 431 22.02 24.70 8.83
N PHE A 432 23.10 25.08 8.16
CA PHE A 432 23.25 24.80 6.75
C PHE A 432 23.08 23.33 6.49
N THR A 433 23.56 22.50 7.40
CA THR A 433 23.44 21.06 7.22
C THR A 433 22.01 20.57 7.39
N LYS A 434 21.40 20.99 8.47
CA LYS A 434 20.04 20.61 8.76
C LYS A 434 19.14 20.99 7.58
N HIS A 435 19.19 22.28 7.22
CA HIS A 435 18.29 22.81 6.22
C HIS A 435 18.56 22.29 4.85
N TYR A 436 19.82 22.06 4.47
CA TYR A 436 20.08 21.56 3.11
C TYR A 436 19.55 20.16 2.93
N ASN A 437 19.61 19.37 3.99
CA ASN A 437 19.18 18.00 3.91
C ASN A 437 17.70 17.92 3.80
N THR A 438 17.03 18.91 4.38
CA THR A 438 15.58 19.06 4.22
C THR A 438 15.17 19.35 2.78
N ILE A 439 15.95 20.17 2.08
CA ILE A 439 15.58 20.61 0.71
C ILE A 439 16.33 19.89 -0.40
N LYS A 440 17.16 18.92 0.02
CA LYS A 440 18.01 18.14 -0.86
C LYS A 440 17.23 17.66 -2.08
N GLU A 441 15.99 17.25 -1.88
CA GLU A 441 15.15 16.71 -2.95
C GLU A 441 13.98 17.65 -3.32
N SER A 442 14.21 18.96 -3.19
CA SER A 442 13.24 19.96 -3.65
C SER A 442 13.23 19.96 -5.18
N PRO A 443 12.05 20.15 -5.79
CA PRO A 443 12.03 20.28 -7.23
C PRO A 443 12.89 21.45 -7.65
N HIS A 444 12.74 22.57 -6.94
CA HIS A 444 13.36 23.81 -7.38
C HIS A 444 14.34 24.34 -6.37
N PHE A 445 15.30 25.11 -6.86
CA PHE A 445 16.23 25.80 -6.01
C PHE A 445 16.25 27.31 -6.26
N ASP A 446 15.12 27.87 -6.65
CA ASP A 446 15.07 29.30 -6.90
C ASP A 446 15.05 30.07 -5.62
N GLU A 447 14.15 29.74 -4.71
CA GLU A 447 14.04 30.46 -3.43
C GLU A 447 13.68 29.59 -2.22
N PHE A 448 13.97 30.08 -1.02
CA PHE A 448 13.62 29.32 0.15
C PHE A 448 13.25 30.31 1.26
N PHE A 449 12.15 30.06 1.95
CA PHE A 449 11.81 30.84 3.13
C PHE A 449 12.32 30.05 4.35
N VAL A 450 13.17 30.71 5.14
CA VAL A 450 13.80 30.12 6.29
C VAL A 450 13.35 30.88 7.56
N ALA A 451 12.94 30.14 8.58
CA ALA A 451 12.52 30.73 9.87
C ALA A 451 13.36 30.26 11.08
N ASP A 452 13.50 31.14 12.07
CA ASP A 452 14.12 30.79 13.34
C ASP A 452 13.16 31.04 14.51
N PRO A 453 12.51 29.96 14.95
CA PRO A 453 11.50 30.01 16.00
C PRO A 453 12.05 30.17 17.44
N ASP A 454 13.37 30.09 17.60
CA ASP A 454 14.01 30.29 18.89
C ASP A 454 14.39 31.75 19.11
N LYS A 455 14.21 32.57 18.09
CA LYS A 455 14.34 34.04 18.19
C LYS A 455 12.97 34.65 18.11
N LYS A 456 12.82 35.83 18.69
CA LYS A 456 11.59 36.58 18.63
C LYS A 456 11.39 37.20 17.25
N GLY A 457 10.13 37.40 16.88
CA GLY A 457 9.78 38.08 15.65
C GLY A 457 8.31 37.82 15.39
N ASN A 458 7.88 38.16 14.18
CA ASN A 458 6.48 38.10 13.83
C ASN A 458 6.11 36.75 13.18
N ILE A 459 7.09 35.86 12.99
CA ILE A 459 6.88 34.55 12.37
C ILE A 459 7.04 33.40 13.39
N PHE A 460 6.18 32.39 13.27
CA PHE A 460 6.14 31.27 14.19
C PHE A 460 6.25 29.95 13.46
N SER A 461 6.41 28.86 14.23
CA SER A 461 6.39 27.52 13.71
C SER A 461 5.39 26.67 14.50
N HIS A 462 4.32 26.22 13.83
CA HIS A 462 3.19 25.52 14.45
C HIS A 462 2.66 24.46 13.47
N GLN A 463 2.62 23.22 13.94
CA GLN A 463 2.06 22.11 13.21
C GLN A 463 2.71 21.93 11.85
N GLY A 464 4.00 22.20 11.77
CA GLY A 464 4.72 21.94 10.53
C GLY A 464 4.37 22.91 9.44
N ARG A 465 4.00 24.11 9.88
CA ARG A 465 3.77 25.27 9.02
C ARG A 465 4.54 26.43 9.58
N ILE A 466 5.13 27.20 8.68
CA ILE A 466 5.76 28.45 9.04
C ILE A 466 4.67 29.50 8.90
N SER A 467 4.33 30.20 10.00
CA SER A 467 3.08 31.02 10.10
C SER A 467 3.22 32.43 10.75
N CYS A 468 2.24 33.28 10.46
CA CYS A 468 2.10 34.62 11.05
C CYS A 468 0.84 34.61 11.91
N HIS A 469 0.69 35.59 12.81
CA HIS A 469 -0.54 35.66 13.60
C HIS A 469 -1.70 36.20 12.73
N PHE A 470 -2.84 35.51 12.72
CA PHE A 470 -3.93 35.90 11.84
C PHE A 470 -4.33 37.32 12.07
N LEU A 471 -4.31 37.74 13.32
CA LEU A 471 -4.53 39.14 13.69
C LEU A 471 -3.54 40.12 13.06
N ASP A 472 -2.26 39.80 13.02
CA ASP A 472 -1.30 40.64 12.33
C ASP A 472 -1.75 40.82 10.87
N PHE A 473 -2.06 39.72 10.21
CA PHE A 473 -2.50 39.82 8.83
C PHE A 473 -3.80 40.62 8.68
N PHE A 474 -4.70 40.48 9.65
CA PHE A 474 -6.01 41.14 9.62
C PHE A 474 -5.91 42.65 9.82
N THR A 475 -5.28 43.04 10.92
CA THR A 475 -4.88 44.43 11.15
C THR A 475 -4.42 45.07 9.85
N ARG A 476 -3.49 44.41 9.18
CA ARG A 476 -2.86 44.98 7.98
C ARG A 476 -3.72 44.96 6.74
N GLN A 477 -4.42 43.86 6.50
CA GLN A 477 -5.24 43.74 5.30
C GLN A 477 -6.38 44.75 5.29
N THR A 478 -6.99 44.95 6.44
CA THR A 478 -8.06 45.95 6.61
C THR A 478 -7.52 47.38 6.85
N LYS A 479 -6.21 47.50 7.06
CA LYS A 479 -5.55 48.80 7.20
C LYS A 479 -6.01 49.53 8.44
N GLY A 480 -6.29 48.79 9.52
CA GLY A 480 -6.61 49.38 10.82
C GLY A 480 -8.06 49.78 10.95
N LYS A 481 -8.84 49.50 9.92
CA LYS A 481 -10.23 49.94 9.87
C LYS A 481 -11.12 49.25 10.92
N HIS A 482 -11.07 47.92 10.98
CA HIS A 482 -11.92 47.14 11.91
C HIS A 482 -11.14 46.82 13.18
N PRO A 483 -11.55 47.41 14.31
CA PRO A 483 -10.81 47.16 15.55
C PRO A 483 -11.06 45.75 16.05
N LEU A 484 -10.12 45.22 16.82
CA LEU A 484 -10.18 43.79 17.19
C LEU A 484 -11.13 43.46 18.35
N GLY A 485 -11.61 44.48 19.06
CA GLY A 485 -12.46 44.24 20.22
C GLY A 485 -11.60 43.62 21.31
N ASP A 486 -12.09 42.52 21.89
CA ASP A 486 -11.36 41.82 22.98
C ASP A 486 -10.11 41.05 22.50
N LEU A 487 -9.88 40.99 21.19
CA LEU A 487 -8.69 40.31 20.68
C LEU A 487 -7.55 41.28 20.41
N ALA A 488 -7.71 42.52 20.85
CA ALA A 488 -6.75 43.59 20.54
C ALA A 488 -5.43 43.49 21.31
N SER A 489 -5.39 42.67 22.34
CA SER A 489 -4.17 42.50 23.13
C SER A 489 -3.49 41.17 22.82
N HIS A 490 -4.07 40.40 21.89
CA HIS A 490 -3.70 38.98 21.68
C HIS A 490 -2.38 38.78 20.99
N GLN A 491 -2.18 39.48 19.88
CA GLN A 491 -0.87 39.49 19.23
C GLN A 491 0.25 39.69 20.25
N GLU A 492 0.09 40.70 21.11
CA GLU A 492 1.10 41.03 22.12
C GLU A 492 1.35 39.82 23.01
N ALA A 493 0.28 39.32 23.59
CA ALA A 493 0.31 38.11 24.39
C ALA A 493 1.15 36.99 23.81
N LEU A 494 1.01 36.72 22.52
CA LEU A 494 1.77 35.66 21.92
C LEU A 494 3.24 36.04 21.86
N GLN A 495 3.52 37.28 21.45
CA GLN A 495 4.90 37.81 21.45
C GLN A 495 5.57 37.66 22.81
N GLU A 496 4.81 38.02 23.85
CA GLU A 496 5.22 37.86 25.23
C GLU A 496 5.54 36.41 25.63
N GLY A 497 5.48 35.48 24.69
CA GLY A 497 5.69 34.07 25.02
C GLY A 497 7.14 33.75 25.22
N THR A 498 7.39 32.51 25.63
CA THR A 498 8.75 31.99 25.82
C THR A 498 9.44 31.77 24.45
N SER A 499 8.75 31.05 23.54
CA SER A 499 9.31 30.73 22.21
C SER A 499 8.33 31.01 21.08
N ASN A 500 8.87 31.08 19.86
CA ASN A 500 8.07 31.17 18.64
C ASN A 500 7.83 29.80 17.98
N ARG A 501 8.33 28.73 18.62
CA ARG A 501 8.14 27.38 18.21
C ARG A 501 7.01 26.90 19.08
N LEU A 502 5.81 26.83 18.53
CA LEU A 502 4.61 26.54 19.29
C LEU A 502 4.31 25.07 19.25
N HIS A 503 3.82 24.52 20.35
CA HIS A 503 3.55 23.11 20.44
C HIS A 503 2.34 22.76 19.58
N HIS A 504 2.37 21.57 18.98
CA HIS A 504 1.38 21.19 18.00
C HIS A 504 0.01 20.95 18.62
N LYS A 505 -0.01 20.59 19.91
CA LYS A 505 -1.24 20.29 20.64
C LYS A 505 -1.38 21.23 21.80
N ASN A 506 -2.60 21.38 22.29
CA ASN A 506 -2.88 22.34 23.33
C ASN A 506 -3.07 21.69 24.69
N GLU A 507 -2.06 21.85 25.53
CA GLU A 507 -2.00 21.19 26.82
C GLU A 507 -3.07 21.72 27.75
N VAL A 508 -3.33 23.02 27.71
CA VAL A 508 -4.42 23.59 28.53
C VAL A 508 -5.74 22.82 28.37
N VAL A 509 -6.08 22.43 27.15
CA VAL A 509 -7.27 21.70 26.86
C VAL A 509 -7.06 20.30 27.37
N ALA A 510 -5.96 19.68 26.96
CA ALA A 510 -5.68 18.33 27.43
C ALA A 510 -5.73 18.22 28.97
N GLN A 511 -5.16 19.19 29.69
CA GLN A 511 -5.16 19.15 31.17
C GLN A 511 -6.58 19.25 31.74
N GLY A 512 -7.48 19.87 31.00
CA GLY A 512 -8.87 19.95 31.42
C GLY A 512 -9.41 18.57 31.72
N TYR A 513 -9.13 17.65 30.82
CA TYR A 513 -9.51 16.26 30.96
C TYR A 513 -8.56 15.50 31.91
N GLU A 514 -7.25 15.72 31.77
CA GLU A 514 -6.35 14.94 32.58
C GLU A 514 -6.68 15.19 34.06
N LYS A 515 -7.03 16.42 34.41
CA LYS A 515 -7.44 16.75 35.78
C LYS A 515 -8.60 15.86 36.29
N LEU A 516 -9.49 15.47 35.39
CA LEU A 516 -10.58 14.59 35.78
C LEU A 516 -10.01 13.22 36.06
N ASP A 517 -9.07 12.79 35.23
CA ASP A 517 -8.53 11.45 35.36
C ASP A 517 -7.78 11.38 36.68
N GLN A 518 -6.93 12.37 36.93
CA GLN A 518 -6.22 12.51 38.20
C GLN A 518 -7.18 12.41 39.37
N PHE A 519 -8.31 13.09 39.29
CA PHE A 519 -9.29 13.10 40.35
C PHE A 519 -9.78 11.70 40.66
N LYS A 520 -10.10 10.88 39.65
CA LYS A 520 -10.62 9.54 39.96
C LYS A 520 -9.51 8.71 40.52
N LYS A 521 -8.30 8.96 40.05
CA LYS A 521 -7.17 8.16 40.48
C LYS A 521 -6.97 8.29 41.99
N GLU A 522 -7.04 9.52 42.47
CA GLU A 522 -6.88 9.78 43.88
C GLU A 522 -8.02 9.15 44.61
N VAL A 523 -9.25 9.36 44.15
CA VAL A 523 -10.41 8.81 44.81
C VAL A 523 -10.26 7.32 44.89
N VAL A 524 -9.74 6.68 43.84
CA VAL A 524 -9.59 5.23 43.79
C VAL A 524 -8.55 4.76 44.81
N LYS A 525 -7.48 5.54 44.93
CA LYS A 525 -6.33 5.25 45.80
C LYS A 525 -6.74 5.33 47.29
N LEU A 526 -7.26 6.49 47.72
CA LEU A 526 -7.72 6.70 49.07
C LEU A 526 -8.76 5.67 49.54
N LEU A 527 -9.56 5.15 48.62
CA LEU A 527 -10.52 4.07 48.96
C LEU A 527 -9.82 2.73 49.13
N ALA A 528 -8.77 2.49 48.35
CA ALA A 528 -8.03 1.24 48.45
C ALA A 528 -7.17 1.24 49.73
N GLU A 529 -6.73 2.42 50.14
CA GLU A 529 -5.92 2.58 51.34
C GLU A 529 -6.83 2.79 52.55
N ASN A 530 -8.14 2.66 52.32
CA ASN A 530 -9.18 2.70 53.35
C ASN A 530 -9.10 3.94 54.22
N LYS A 531 -8.89 5.09 53.58
CA LYS A 531 -8.75 6.37 54.28
C LYS A 531 -9.98 7.31 54.17
N PRO A 532 -11.09 6.96 54.84
CA PRO A 532 -12.30 7.75 54.64
C PRO A 532 -12.23 9.23 55.02
N LYS A 533 -11.37 9.59 55.96
CA LYS A 533 -11.28 10.99 56.43
C LYS A 533 -10.49 11.84 55.41
N GLU A 534 -9.45 11.23 54.83
CA GLU A 534 -8.67 11.91 53.81
C GLU A 534 -9.51 12.11 52.54
N LEU A 535 -10.26 11.08 52.15
CA LEU A 535 -11.19 11.19 51.03
C LEU A 535 -12.15 12.37 51.20
N LEU A 536 -12.86 12.41 52.32
CA LEU A 536 -13.79 13.51 52.57
C LEU A 536 -13.07 14.85 52.51
N ASP A 537 -11.84 14.89 53.00
CA ASP A 537 -11.08 16.13 52.93
C ASP A 537 -10.70 16.48 51.47
N TYR A 538 -10.29 15.46 50.73
CA TYR A 538 -9.98 15.63 49.30
C TYR A 538 -11.18 16.07 48.49
N LEU A 539 -12.34 15.49 48.75
CA LEU A 539 -13.55 15.88 48.03
C LEU A 539 -13.98 17.33 48.25
N VAL A 540 -13.78 17.88 49.45
CA VAL A 540 -14.14 19.30 49.71
C VAL A 540 -13.00 20.30 49.43
N ALA A 541 -11.76 19.79 49.38
CA ALA A 541 -10.61 20.63 49.01
C ALA A 541 -10.93 21.40 47.72
N THR A 542 -10.47 22.64 47.63
CA THR A 542 -10.79 23.49 46.48
C THR A 542 -9.65 23.70 45.53
N SER A 543 -10.00 24.18 44.34
CA SER A 543 -9.05 24.68 43.36
C SER A 543 -8.77 26.15 43.68
N PRO A 544 -7.80 26.76 42.98
CA PRO A 544 -7.53 28.18 43.17
C PRO A 544 -8.72 29.09 42.92
N THR A 545 -9.68 28.61 42.13
CA THR A 545 -10.93 29.32 41.86
C THR A 545 -11.98 29.03 42.92
N GLY A 546 -11.63 28.20 43.92
CA GLY A 546 -12.52 27.91 45.04
C GLY A 546 -13.54 26.81 44.80
N VAL A 547 -13.35 26.03 43.74
CA VAL A 547 -14.32 25.03 43.37
C VAL A 547 -13.91 23.75 44.04
N PRO A 548 -14.81 23.13 44.81
CA PRO A 548 -14.49 21.91 45.51
C PRO A 548 -14.24 20.78 44.53
N ASN A 549 -13.38 19.86 44.93
CA ASN A 549 -13.02 18.73 44.10
C ASN A 549 -14.16 17.79 43.72
N TYR A 550 -15.26 17.79 44.48
CA TYR A 550 -16.38 16.89 44.20
C TYR A 550 -17.19 17.36 42.96
N SER A 551 -16.75 18.47 42.39
CA SER A 551 -17.28 18.95 41.13
C SER A 551 -16.85 18.10 39.96
N MET A 552 -15.98 17.13 40.19
CA MET A 552 -15.45 16.23 39.14
C MET A 552 -16.01 14.82 39.24
N LEU A 553 -16.93 14.68 40.20
CA LEU A 553 -17.69 13.45 40.39
C LEU A 553 -18.51 13.16 39.11
N SER A 554 -18.54 11.87 38.77
CA SER A 554 -19.30 11.36 37.64
C SER A 554 -19.76 9.95 37.96
N LYS A 555 -20.54 9.34 37.07
CA LYS A 555 -21.03 7.97 37.31
C LYS A 555 -19.92 7.05 37.86
N GLU A 556 -18.76 6.98 37.20
CA GLU A 556 -17.69 6.11 37.67
C GLU A 556 -17.36 6.30 39.16
N THR A 557 -16.96 7.53 39.51
CA THR A 557 -16.47 7.84 40.85
C THR A 557 -17.56 7.88 41.89
N GLN A 558 -18.69 8.45 41.52
CA GLN A 558 -19.85 8.44 42.40
C GLN A 558 -20.14 7.01 42.83
N ASN A 559 -20.08 6.03 41.93
CA ASN A 559 -20.33 4.63 42.31
C ASN A 559 -19.21 4.07 43.16
N TYR A 560 -17.98 4.30 42.75
CA TYR A 560 -16.86 3.81 43.53
C TYR A 560 -17.06 4.15 45.00
N ILE A 561 -17.49 5.35 45.30
CA ILE A 561 -17.63 5.78 46.68
C ILE A 561 -18.86 5.16 47.30
N ALA A 562 -20.01 5.37 46.66
CA ALA A 562 -21.33 4.93 47.18
C ALA A 562 -21.40 3.47 47.55
N TYR A 563 -20.75 2.64 46.74
CA TYR A 563 -20.73 1.19 46.92
C TYR A 563 -19.52 0.67 47.71
N ASN A 564 -18.70 1.54 48.30
CA ASN A 564 -17.50 1.12 49.03
C ASN A 564 -17.76 0.80 50.50
N ARG A 565 -16.99 -0.13 51.04
CA ARG A 565 -16.98 -0.43 52.48
C ARG A 565 -16.66 0.77 53.38
N ASN A 566 -15.83 1.69 52.89
CA ASN A 566 -15.47 2.86 53.69
C ASN A 566 -16.59 3.92 53.65
N TRP A 567 -17.67 3.63 52.94
CA TRP A 567 -18.75 4.61 52.86
C TRP A 567 -19.43 4.94 54.16
N PRO A 568 -19.81 3.93 54.94
CA PRO A 568 -20.33 4.22 56.29
C PRO A 568 -19.35 5.08 57.11
N ALA A 569 -18.06 4.77 57.07
CA ALA A 569 -17.07 5.63 57.74
C ALA A 569 -17.05 7.05 57.19
N ILE A 570 -17.21 7.17 55.85
CA ILE A 570 -17.23 8.47 55.16
C ILE A 570 -18.52 9.23 55.48
N GLN A 571 -19.62 8.49 55.61
CA GLN A 571 -20.90 9.10 55.97
C GLN A 571 -20.81 9.68 57.37
N LYS A 572 -20.21 8.93 58.30
CA LYS A 572 -20.03 9.40 59.67
C LYS A 572 -19.13 10.62 59.72
N GLU A 573 -17.95 10.52 59.11
CA GLU A 573 -17.04 11.66 59.00
C GLU A 573 -17.80 12.92 58.56
N LEU A 574 -18.78 12.74 57.68
CA LEU A 574 -19.49 13.84 57.04
C LEU A 574 -20.35 14.58 58.04
N GLU A 575 -21.13 13.81 58.80
CA GLU A 575 -22.02 14.37 59.84
C GLU A 575 -21.11 15.05 60.86
N LYS A 576 -20.10 14.31 61.30
CA LYS A 576 -19.20 14.79 62.34
C LYS A 576 -18.09 15.67 61.74
N ALA A 577 -18.48 16.81 61.21
CA ALA A 577 -17.53 17.75 60.63
C ALA A 577 -18.16 19.13 60.60
N THR A 578 -17.39 20.15 60.98
CA THR A 578 -17.91 21.51 61.10
C THR A 578 -17.38 22.45 60.02
N SER A 579 -16.18 22.15 59.50
CA SER A 579 -15.45 23.03 58.57
C SER A 579 -15.97 23.04 57.13
N ILE A 580 -17.20 22.59 56.92
CA ILE A 580 -17.71 22.35 55.57
C ILE A 580 -19.17 22.84 55.49
N PRO A 581 -19.48 23.80 54.59
CA PRO A 581 -20.82 24.41 54.52
C PRO A 581 -21.95 23.44 54.20
N GLU A 582 -23.09 23.64 54.83
CA GLU A 582 -24.19 22.69 54.73
C GLU A 582 -24.61 22.40 53.28
N SER A 583 -24.64 23.39 52.40
CA SER A 583 -25.05 23.14 51.01
C SER A 583 -24.17 22.08 50.28
N GLN A 584 -22.89 22.02 50.61
CA GLN A 584 -22.00 20.96 50.11
C GLN A 584 -22.16 19.65 50.91
N LYS A 585 -22.52 19.79 52.19
CA LYS A 585 -22.73 18.64 53.06
C LYS A 585 -23.98 17.88 52.60
N GLN A 586 -24.96 18.62 52.11
CA GLN A 586 -26.11 18.00 51.48
C GLN A 586 -25.77 17.41 50.11
N ASP A 587 -25.15 18.23 49.26
CA ASP A 587 -24.67 17.78 47.95
C ASP A 587 -24.04 16.42 48.08
N LEU A 588 -23.10 16.28 49.01
CA LEU A 588 -22.34 15.04 49.10
C LEU A 588 -23.20 13.88 49.53
N SER A 589 -24.09 14.13 50.49
CA SER A 589 -24.97 13.08 50.98
C SER A 589 -26.00 12.73 49.94
N ARG A 590 -26.44 13.72 49.20
CA ARG A 590 -27.33 13.47 48.06
C ARG A 590 -26.67 12.64 46.95
N LEU A 591 -25.36 12.81 46.75
CA LEU A 591 -24.67 12.18 45.64
C LEU A 591 -24.11 10.82 46.00
N LEU A 592 -23.80 10.61 47.28
CA LEU A 592 -23.03 9.42 47.73
C LEU A 592 -23.72 8.50 48.71
N SER A 593 -24.77 8.98 49.37
CA SER A 593 -25.61 8.07 50.17
C SER A 593 -26.78 7.59 49.35
N ARG A 594 -26.72 6.37 48.84
CA ARG A 594 -27.87 5.81 48.08
C ARG A 594 -29.15 5.68 48.93
N ASP A 595 -29.00 5.73 50.25
CA ASP A 595 -30.15 5.80 51.20
C ASP A 595 -30.90 7.16 51.21
N ASN A 596 -30.28 8.20 50.66
CA ASN A 596 -30.90 9.51 50.61
C ASN A 596 -32.05 9.54 49.58
N LEU A 597 -33.19 10.09 49.95
CA LEU A 597 -34.39 10.06 49.07
C LEU A 597 -34.25 11.01 47.87
N GLN A 598 -33.33 11.96 47.96
CA GLN A 598 -33.05 12.87 46.86
C GLN A 598 -31.88 12.35 45.98
N HIS A 599 -31.37 11.18 46.30
CA HIS A 599 -30.26 10.60 45.58
C HIS A 599 -30.53 10.48 44.09
N ASP A 600 -29.62 11.03 43.30
CA ASP A 600 -29.69 10.94 41.85
C ASP A 600 -28.31 10.65 41.27
N ASN A 601 -28.30 9.99 40.11
CA ASN A 601 -27.07 9.49 39.51
C ASN A 601 -26.55 10.47 38.43
N LEU A 602 -25.29 10.86 38.53
CA LEU A 602 -24.61 11.60 37.50
C LEU A 602 -24.32 10.73 36.28
N SER A 603 -24.15 11.36 35.13
CA SER A 603 -23.73 10.66 33.95
C SER A 603 -22.24 10.29 33.95
N ALA A 604 -21.92 9.23 33.26
CA ALA A 604 -20.54 8.85 33.02
C ALA A 604 -19.95 9.86 32.11
N ILE A 605 -18.63 9.96 32.14
CA ILE A 605 -17.90 10.99 31.44
C ILE A 605 -16.76 10.39 30.62
N THR A 606 -16.58 10.86 29.40
CA THR A 606 -15.49 10.41 28.54
C THR A 606 -14.94 11.53 27.69
N TRP A 607 -13.72 11.36 27.22
CA TRP A 607 -13.15 12.22 26.21
C TRP A 607 -12.39 11.36 25.28
N SER A 608 -12.13 11.84 24.08
CA SER A 608 -11.35 11.06 23.14
C SER A 608 -9.88 10.98 23.51
N LYS A 609 -9.37 9.77 23.50
CA LYS A 609 -7.94 9.48 23.67
C LYS A 609 -7.10 9.76 22.41
N TYR A 610 -7.71 10.27 21.34
CA TYR A 610 -6.97 10.52 20.08
C TYR A 610 -7.17 11.90 19.45
N SER A 611 -7.81 12.84 20.16
CA SER A 611 -7.96 14.23 19.72
C SER A 611 -6.67 14.96 19.44
N SER A 612 -5.58 14.61 20.12
CA SER A 612 -4.32 15.38 19.95
C SER A 612 -3.64 15.10 18.65
N LYS A 613 -4.08 14.05 17.94
CA LYS A 613 -3.49 13.66 16.63
C LYS A 613 -4.19 14.34 15.45
N PRO A 614 -3.47 14.57 14.35
CA PRO A 614 -4.04 15.21 13.13
C PRO A 614 -5.12 14.40 12.53
N LEU A 615 -6.15 15.03 12.01
CA LEU A 615 -7.26 14.26 11.41
C LEU A 615 -6.88 13.75 10.00
N LEU A 616 -7.20 12.49 9.75
CA LEU A 616 -6.93 11.78 8.51
C LEU A 616 -7.47 12.52 7.30
N ASP A 617 -8.72 12.98 7.42
CA ASP A 617 -9.41 13.62 6.31
C ASP A 617 -8.76 14.96 6.01
N VAL A 618 -8.46 15.70 7.05
CA VAL A 618 -7.79 17.00 6.89
C VAL A 618 -6.46 16.84 6.16
N GLU A 619 -5.72 15.83 6.53
CA GLU A 619 -4.42 15.59 5.93
C GLU A 619 -4.52 15.13 4.49
N LEU A 620 -5.53 14.32 4.18
CA LEU A 620 -5.75 13.86 2.81
C LEU A 620 -6.19 15.03 1.95
N ASN A 621 -7.10 15.84 2.46
CA ASN A 621 -7.51 17.00 1.73
C ASN A 621 -6.30 17.82 1.25
N LYS A 622 -5.35 18.08 2.13
CA LYS A 622 -4.15 18.83 1.77
C LYS A 622 -3.39 18.21 0.60
N ILE A 623 -3.42 16.89 0.50
CA ILE A 623 -2.73 16.18 -0.59
C ILE A 623 -3.48 16.35 -1.92
N ALA A 624 -4.79 16.15 -1.87
CA ALA A 624 -5.63 16.33 -3.04
C ALA A 624 -5.46 17.75 -3.54
N GLU A 625 -5.53 18.69 -2.60
CA GLU A 625 -5.42 20.10 -2.91
C GLU A 625 -4.09 20.37 -3.58
N GLY A 626 -3.03 19.78 -3.05
CA GLY A 626 -1.72 19.94 -3.62
C GLY A 626 -1.53 19.37 -4.99
N LEU A 627 -2.15 18.23 -5.28
CA LEU A 627 -2.10 17.66 -6.64
C LEU A 627 -2.81 18.58 -7.67
N GLU A 628 -4.01 19.03 -7.33
CA GLU A 628 -4.78 19.96 -8.18
C GLU A 628 -3.92 21.16 -8.46
N LEU A 629 -3.44 21.80 -7.40
CA LEU A 629 -2.69 23.03 -7.59
C LEU A 629 -1.50 22.81 -8.50
N THR A 630 -0.70 21.79 -8.20
CA THR A 630 0.44 21.45 -9.03
C THR A 630 0.04 21.33 -10.49
N ALA A 631 -0.96 20.51 -10.79
CA ALA A 631 -1.43 20.38 -12.17
C ALA A 631 -1.85 21.74 -12.73
N LYS A 632 -2.70 22.49 -12.01
CA LYS A 632 -3.15 23.80 -12.47
C LYS A 632 -1.98 24.73 -12.76
N ILE A 633 -1.12 25.01 -11.80
CA ILE A 633 -0.05 25.98 -12.04
C ILE A 633 0.97 25.47 -13.08
N TYR A 634 0.95 24.17 -13.35
CA TYR A 634 1.85 23.60 -14.34
C TYR A 634 1.35 23.92 -15.74
N ASN A 635 0.07 23.65 -15.96
CA ASN A 635 -0.60 23.95 -17.23
C ASN A 635 -0.68 25.46 -17.47
N GLU A 636 -0.55 26.27 -16.41
CA GLU A 636 -0.60 27.72 -16.57
C GLU A 636 0.78 28.24 -16.84
N LYS A 637 1.80 27.38 -16.74
CA LYS A 637 3.18 27.78 -16.97
C LYS A 637 3.69 27.35 -18.33
N ARG A 638 2.84 26.79 -19.17
CA ARG A 638 3.25 26.41 -20.54
C ARG A 638 2.66 27.36 -21.59
N GLY A 639 3.47 27.74 -22.56
CA GLY A 639 3.03 28.71 -23.59
C GLY A 639 3.93 28.84 -24.84
N ARG A 640 3.36 29.29 -25.96
CA ARG A 640 1.91 29.54 -26.10
C ARG A 640 1.22 28.26 -26.58
N GLU A 641 1.75 27.12 -26.17
CA GLU A 641 1.22 25.82 -26.57
C GLU A 641 0.13 25.36 -25.57
N TRP A 642 -1.10 25.74 -25.89
CA TRP A 642 -2.30 25.34 -25.15
C TRP A 642 -3.18 24.40 -25.99
N TRP A 643 -3.16 24.57 -27.30
CA TRP A 643 -4.00 23.82 -28.22
C TRP A 643 -3.57 22.34 -28.29
N PHE A 644 -4.52 21.45 -28.53
CA PHE A 644 -4.19 20.07 -28.81
C PHE A 644 -3.63 19.95 -30.23
N ALA A 645 -2.74 19.00 -30.46
CA ALA A 645 -2.30 18.06 -29.43
C ALA A 645 -0.89 17.57 -29.74
N GLY A 646 -0.23 16.99 -28.74
CA GLY A 646 1.10 16.45 -28.93
C GLY A 646 1.10 15.24 -29.85
N SER A 647 2.20 15.04 -30.55
CA SER A 647 3.35 15.92 -30.44
C SER A 647 4.08 15.64 -29.14
N ARG A 648 3.71 14.54 -28.50
CA ARG A 648 4.29 14.19 -27.21
C ARG A 648 3.60 14.98 -26.12
N ASN A 649 2.59 15.75 -26.52
CA ASN A 649 1.85 16.59 -25.59
C ASN A 649 1.14 15.77 -24.54
N GLU A 650 0.59 14.64 -24.96
CA GLU A 650 -0.23 13.81 -24.09
C GLU A 650 0.53 13.26 -22.90
N ALA A 651 1.76 12.81 -23.12
CA ALA A 651 2.50 12.15 -22.05
C ALA A 651 2.71 13.11 -20.90
N ARG A 652 3.12 14.33 -21.23
CA ARG A 652 3.19 15.39 -20.25
C ARG A 652 1.80 15.79 -19.77
N LYS A 653 0.84 15.79 -20.69
CA LYS A 653 -0.49 16.32 -20.40
C LYS A 653 -1.41 15.26 -19.82
N THR A 654 -1.23 14.01 -20.24
CA THR A 654 -2.03 12.90 -19.70
C THR A 654 -1.55 12.53 -18.29
N GLN A 655 -0.28 12.84 -18.01
CA GLN A 655 0.23 12.75 -16.64
C GLN A 655 -0.41 13.79 -15.71
N CYS A 656 -0.54 15.02 -16.18
CA CYS A 656 -1.27 16.05 -15.44
C CYS A 656 -2.72 15.67 -15.25
N GLU A 657 -3.33 15.07 -16.28
CA GLU A 657 -4.68 14.54 -16.14
C GLU A 657 -4.70 13.42 -15.10
N GLU A 658 -3.63 12.64 -15.03
CA GLU A 658 -3.53 11.58 -14.04
C GLU A 658 -3.46 12.10 -12.59
N LEU A 659 -2.74 13.21 -12.38
CA LEU A 659 -2.66 13.85 -11.06
C LEU A 659 -4.02 14.30 -10.56
N GLN A 660 -4.78 14.94 -11.45
CA GLN A 660 -6.14 15.39 -11.12
C GLN A 660 -7.05 14.21 -10.82
N ARG A 661 -6.79 13.06 -11.46
CA ARG A 661 -7.64 11.90 -11.29
C ARG A 661 -7.52 11.44 -9.87
N VAL A 662 -6.27 11.44 -9.40
CA VAL A 662 -5.97 11.05 -8.03
C VAL A 662 -6.61 12.02 -7.06
N SER A 663 -6.36 13.30 -7.26
CA SER A 663 -6.95 14.34 -6.44
C SER A 663 -8.46 14.19 -6.33
N LYS A 664 -9.14 13.95 -7.45
CA LYS A 664 -10.60 13.77 -7.48
C LYS A 664 -11.01 12.55 -6.70
N GLU A 665 -10.23 11.50 -6.82
CA GLU A 665 -10.53 10.27 -6.14
C GLU A 665 -10.37 10.36 -4.65
N ILE A 666 -9.26 10.95 -4.19
CA ILE A 666 -9.08 11.20 -2.78
C ILE A 666 -10.24 12.04 -2.30
N ASN A 667 -10.61 13.04 -3.10
CA ASN A 667 -11.73 13.91 -2.77
C ASN A 667 -13.03 13.18 -2.59
N THR A 668 -13.36 12.29 -3.52
CA THR A 668 -14.58 11.51 -3.34
C THR A 668 -14.46 10.52 -2.20
N LEU A 669 -13.24 10.04 -1.89
CA LEU A 669 -13.02 9.19 -0.73
C LEU A 669 -13.46 9.92 0.54
N LEU A 670 -13.01 11.17 0.69
CA LEU A 670 -13.39 12.00 1.83
C LEU A 670 -14.88 12.34 1.91
N GLN A 671 -15.52 12.57 0.76
CA GLN A 671 -16.96 12.81 0.73
C GLN A 671 -17.78 11.73 1.46
N SER A 672 -17.29 10.49 1.43
CA SER A 672 -18.02 9.39 2.02
C SER A 672 -17.97 9.46 3.53
N GLU A 673 -19.11 9.26 4.17
CA GLU A 673 -19.16 9.01 5.61
C GLU A 673 -19.02 7.50 5.75
N SER A 674 -18.96 7.02 6.99
CA SER A 674 -18.74 5.59 7.24
C SER A 674 -17.53 5.10 6.45
N LEU A 675 -16.41 5.78 6.64
CA LEU A 675 -15.14 5.42 6.04
C LEU A 675 -14.43 4.36 6.90
N THR A 676 -13.81 3.37 6.26
CA THR A 676 -13.13 2.28 6.99
C THR A 676 -11.67 2.22 6.70
N LYS A 677 -10.90 1.72 7.67
CA LYS A 677 -9.47 1.50 7.51
C LYS A 677 -9.18 0.88 6.14
N SER A 678 -9.87 -0.17 5.78
CA SER A 678 -9.56 -0.87 4.54
C SER A 678 -9.90 -0.03 3.28
N GLN A 679 -10.93 0.81 3.35
CA GLN A 679 -11.26 1.67 2.19
C GLN A 679 -10.17 2.70 1.95
N VAL A 680 -9.69 3.28 3.04
CA VAL A 680 -8.67 4.31 2.98
C VAL A 680 -7.41 3.68 2.43
N LEU A 681 -6.94 2.61 3.10
CA LEU A 681 -5.71 1.92 2.66
C LEU A 681 -5.79 1.57 1.16
N GLU A 682 -6.94 1.07 0.71
CA GLU A 682 -7.08 0.64 -0.67
C GLU A 682 -6.93 1.81 -1.65
N LYS A 683 -7.65 2.91 -1.44
CA LYS A 683 -7.51 4.09 -2.30
C LYS A 683 -6.11 4.62 -2.29
N VAL A 684 -5.53 4.70 -1.10
CA VAL A 684 -4.22 5.30 -0.95
C VAL A 684 -3.16 4.51 -1.68
N LEU A 685 -3.19 3.17 -1.65
CA LEU A 685 -2.23 2.39 -2.46
C LEU A 685 -2.46 2.51 -3.95
N ASN A 686 -3.71 2.48 -4.36
CA ASN A 686 -3.99 2.64 -5.78
C ASN A 686 -3.53 4.02 -6.25
N SER A 687 -3.59 5.01 -5.37
CA SER A 687 -3.08 6.35 -5.72
C SER A 687 -1.58 6.30 -5.73
N ILE A 688 -0.98 5.59 -4.79
CA ILE A 688 0.46 5.52 -4.74
C ILE A 688 0.98 4.87 -5.99
N GLU A 689 0.31 3.82 -6.47
CA GLU A 689 0.82 3.13 -7.63
C GLU A 689 0.77 4.05 -8.85
N THR A 690 -0.37 4.70 -9.09
CA THR A 690 -0.48 5.65 -10.23
C THR A 690 0.65 6.69 -10.22
N LEU A 691 0.98 7.22 -9.05
CA LEU A 691 2.05 8.20 -8.94
C LEU A 691 3.36 7.51 -9.23
N ASP A 692 3.50 6.28 -8.77
CA ASP A 692 4.71 5.51 -9.08
C ASP A 692 4.88 5.26 -10.57
N LYS A 693 3.83 4.88 -11.29
CA LYS A 693 3.96 4.68 -12.73
C LYS A 693 4.45 5.95 -13.41
N ILE A 694 3.85 7.08 -13.04
CA ILE A 694 4.23 8.37 -13.62
C ILE A 694 5.72 8.59 -13.44
N ASP A 695 6.21 8.39 -12.22
CA ASP A 695 7.62 8.52 -11.93
C ASP A 695 8.43 7.55 -12.80
N ARG A 696 7.95 6.32 -12.95
CA ARG A 696 8.63 5.33 -13.77
C ARG A 696 8.65 5.73 -15.26
N ASP A 697 7.51 6.20 -15.75
CA ASP A 697 7.41 6.60 -17.14
C ASP A 697 8.45 7.67 -17.44
N ILE A 698 8.60 8.62 -16.51
CA ILE A 698 9.60 9.67 -16.65
C ILE A 698 11.01 9.09 -16.62
N SER A 699 11.25 8.15 -15.72
CA SER A 699 12.61 7.71 -15.52
C SER A 699 13.15 7.15 -16.82
N ALA A 700 12.31 6.40 -17.53
CA ALA A 700 12.72 5.84 -18.80
C ALA A 700 13.01 6.89 -19.86
N GLU A 701 12.16 7.92 -19.93
CA GLU A 701 12.18 8.86 -21.04
C GLU A 701 13.47 9.68 -21.17
N SER A 702 14.03 10.09 -20.04
CA SER A 702 15.26 10.89 -20.05
C SER A 702 15.08 12.22 -20.81
N ASN A 703 15.97 12.52 -21.75
CA ASN A 703 17.02 11.61 -22.17
C ASN A 703 18.41 12.23 -22.24
N TRP A 704 19.00 12.53 -21.09
CA TRP A 704 18.32 12.46 -19.83
C TRP A 704 18.41 13.79 -19.13
N PHE A 705 17.26 14.29 -18.71
CA PHE A 705 17.15 15.59 -18.04
C PHE A 705 16.29 15.38 -16.78
N GLN A 706 16.69 15.98 -15.66
CA GLN A 706 15.90 15.94 -14.40
C GLN A 706 14.59 16.73 -14.47
N SER A 707 13.47 16.00 -14.49
CA SER A 707 12.15 16.60 -14.65
C SER A 707 11.59 17.03 -13.29
N THR A 708 11.23 18.31 -13.18
CA THR A 708 10.66 18.84 -11.93
C THR A 708 9.41 18.05 -11.50
N LEU A 709 8.54 17.74 -12.47
CA LEU A 709 7.35 16.93 -12.24
C LEU A 709 7.65 15.57 -11.57
N GLN A 710 8.77 14.95 -11.93
CA GLN A 710 9.14 13.69 -11.29
C GLN A 710 9.36 13.91 -9.80
N LYS A 711 10.09 14.96 -9.46
CA LYS A 711 10.38 15.31 -8.08
C LYS A 711 9.13 15.73 -7.32
N GLU A 712 8.14 16.22 -8.05
CA GLU A 712 6.90 16.62 -7.44
C GLU A 712 6.03 15.43 -7.12
N VAL A 713 5.92 14.47 -8.04
CA VAL A 713 5.09 13.29 -7.78
C VAL A 713 5.69 12.44 -6.67
N ARG A 714 7.01 12.37 -6.60
CA ARG A 714 7.69 11.68 -5.52
C ARG A 714 7.30 12.20 -4.15
N LEU A 715 7.19 13.52 -4.06
CA LEU A 715 6.80 14.20 -2.83
C LEU A 715 5.42 13.79 -2.43
N PHE A 716 4.50 13.78 -3.40
CA PHE A 716 3.10 13.40 -3.14
C PHE A 716 2.95 11.92 -2.79
N ARG A 717 3.77 11.08 -3.38
CA ARG A 717 3.72 9.67 -3.10
C ARG A 717 4.11 9.48 -1.64
N ASP A 718 5.25 10.07 -1.28
CA ASP A 718 5.75 9.99 0.11
C ASP A 718 4.70 10.44 1.13
N GLN A 719 4.00 11.53 0.82
CA GLN A 719 2.95 12.04 1.69
C GLN A 719 1.87 10.99 1.84
N LEU A 720 1.49 10.34 0.73
CA LEU A 720 0.49 9.29 0.78
C LEU A 720 1.01 8.05 1.51
N LYS A 721 2.28 7.69 1.34
CA LYS A 721 2.88 6.64 2.17
C LYS A 721 2.77 6.94 3.67
N ASP A 722 3.03 8.19 4.06
CA ASP A 722 2.90 8.55 5.46
C ASP A 722 1.48 8.32 5.99
N ILE A 723 0.48 8.48 5.14
CA ILE A 723 -0.90 8.31 5.55
C ILE A 723 -1.20 6.85 5.85
N CYS A 724 -0.51 5.92 5.20
CA CYS A 724 -0.78 4.52 5.46
C CYS A 724 -0.41 4.07 6.88
N GLN A 725 0.35 4.88 7.60
CA GLN A 725 0.57 4.67 9.02
C GLN A 725 -0.59 5.29 9.75
N LEU A 726 -1.78 4.71 9.63
CA LEU A 726 -3.01 5.29 10.23
C LEU A 726 -2.98 5.54 11.74
N ASP A 727 -2.07 4.91 12.48
CA ASP A 727 -1.95 5.17 13.93
C ASP A 727 -1.60 6.65 14.22
N LYS A 728 -0.82 7.26 13.33
CA LYS A 728 -0.45 8.63 13.48
C LYS A 728 -1.57 9.63 13.29
N TYR A 729 -2.75 9.17 12.92
CA TYR A 729 -3.88 10.09 12.70
C TYR A 729 -5.11 9.67 13.45
N TYR A 730 -6.04 10.59 13.66
CA TYR A 730 -7.32 10.23 14.24
C TYR A 730 -8.38 10.40 13.18
N PHE A 731 -9.61 9.98 13.47
CA PHE A 731 -10.68 10.06 12.49
C PHE A 731 -11.98 10.49 13.11
N LYS A 732 -12.60 11.49 12.49
CA LYS A 732 -13.88 11.99 12.93
C LYS A 732 -14.94 11.04 12.40
N SER A 733 -15.58 10.31 13.30
CA SER A 733 -16.72 9.49 12.97
C SER A 733 -17.93 10.38 13.02
N THR A 734 -18.59 10.53 11.89
CA THR A 734 -19.80 11.34 11.79
C THR A 734 -20.97 10.62 12.44
N LYS A 735 -20.99 9.29 12.33
CA LYS A 735 -22.05 8.50 12.94
C LYS A 735 -22.14 8.76 14.43
N LEU A 736 -21.02 8.54 15.15
CA LEU A 736 -21.02 8.69 16.60
C LEU A 736 -20.49 10.05 17.06
N ASP A 737 -20.26 10.99 16.14
CA ASP A 737 -19.80 12.33 16.48
C ASP A 737 -18.59 12.32 17.47
N GLU A 738 -17.58 11.52 17.17
CA GLU A 738 -16.40 11.53 17.99
C GLU A 738 -15.16 11.13 17.23
N ILE A 739 -14.03 11.69 17.65
CA ILE A 739 -12.74 11.44 17.06
C ILE A 739 -12.21 10.16 17.65
N ILE A 740 -11.91 9.20 16.78
CA ILE A 740 -11.50 7.85 17.20
C ILE A 740 -10.23 7.45 16.50
N SER A 741 -9.78 6.24 16.80
CA SER A 741 -8.67 5.66 16.11
C SER A 741 -9.22 4.46 15.36
N LEU A 742 -8.73 4.24 14.15
CA LEU A 742 -9.22 3.12 13.35
C LEU A 742 -8.75 1.77 13.94
N GLU A 743 -7.58 1.73 14.61
CA GLU A 743 -7.12 0.49 15.24
C GLU A 743 -7.82 0.13 16.57
N MET A 744 -8.51 1.08 17.19
CA MET A 744 -9.29 0.81 18.40
C MET A 744 -10.63 0.22 17.98
N GLU A 745 -11.20 0.77 16.90
CA GLU A 745 -12.42 0.19 16.31
C GLU A 745 -12.14 -1.21 15.78
N GLU A 746 -10.91 -1.46 15.31
CA GLU A 746 -10.54 -2.80 14.89
C GLU A 746 -10.67 -3.71 16.09
N GLN A 747 -9.98 -3.37 17.16
CA GLN A 747 -10.00 -4.19 18.36
C GLN A 747 -11.41 -4.36 18.94
N PHE A 748 -12.24 -3.32 18.90
CA PHE A 748 -13.64 -3.48 19.33
C PHE A 748 -14.49 -4.39 18.44
N GLN A 749 -14.33 -4.27 17.14
CA GLN A 749 -15.06 -5.10 16.19
C GLN A 749 -14.72 -6.58 16.38
N LYS A 750 -13.45 -6.86 16.65
CA LYS A 750 -12.97 -8.25 16.82
C LYS A 750 -13.68 -9.02 17.97
N ILE A 751 -14.56 -8.33 18.69
CA ILE A 751 -15.48 -8.95 19.66
C ILE A 751 -16.75 -9.37 18.92
N GLN A 752 -16.93 -10.69 18.78
CA GLN A 752 -17.99 -11.29 17.97
C GLN A 752 -19.40 -10.76 18.23
N ASP A 753 -19.89 -10.86 19.46
CA ASP A 753 -21.31 -10.77 19.70
C ASP A 753 -21.63 -9.34 20.09
N PRO A 754 -22.68 -8.75 19.48
CA PRO A 754 -22.93 -7.31 19.57
C PRO A 754 -23.28 -6.80 20.96
N ALA A 755 -23.93 -7.63 21.78
CA ALA A 755 -24.29 -7.23 23.15
C ALA A 755 -23.05 -7.11 24.06
N VAL A 756 -22.16 -8.09 24.00
CA VAL A 756 -20.87 -8.04 24.72
C VAL A 756 -20.04 -6.84 24.29
N GLN A 757 -19.89 -6.65 22.98
CA GLN A 757 -19.09 -5.55 22.44
C GLN A 757 -19.57 -4.24 23.03
N GLN A 758 -20.85 -3.95 22.92
CA GLN A 758 -21.40 -2.68 23.43
C GLN A 758 -21.08 -2.48 24.92
N ILE A 759 -21.14 -3.55 25.70
CA ILE A 759 -20.81 -3.48 27.11
C ILE A 759 -19.40 -2.92 27.23
N VAL A 760 -18.46 -3.55 26.52
CA VAL A 760 -17.03 -3.22 26.58
C VAL A 760 -16.76 -1.78 26.15
N ARG A 761 -17.53 -1.29 25.18
CA ARG A 761 -17.41 0.07 24.73
C ARG A 761 -17.84 1.05 25.81
N ASP A 762 -19.01 0.80 26.41
CA ASP A 762 -19.50 1.64 27.50
C ASP A 762 -18.65 1.59 28.79
N LEU A 763 -17.70 0.65 28.86
CA LEU A 763 -16.81 0.57 30.02
C LEU A 763 -15.76 1.69 30.06
N PRO A 764 -15.18 1.90 31.23
CA PRO A 764 -14.13 2.89 31.39
C PRO A 764 -12.91 2.59 30.58
N SER A 765 -12.07 3.61 30.40
CA SER A 765 -10.87 3.54 29.56
C SER A 765 -9.92 2.42 29.95
N HIS A 766 -9.77 2.17 31.25
CA HIS A 766 -8.88 1.10 31.68
C HIS A 766 -9.30 -0.26 31.09
N CYS A 767 -10.58 -0.42 30.82
CA CYS A 767 -11.06 -1.65 30.19
C CYS A 767 -10.96 -1.68 28.66
N HIS A 768 -10.30 -0.72 28.01
CA HIS A 768 -10.19 -0.74 26.54
C HIS A 768 -8.82 -1.12 26.03
N ASN A 769 -8.03 -1.83 26.81
CA ASN A 769 -6.70 -2.23 26.35
C ASN A 769 -6.81 -3.61 25.70
N ASP A 770 -5.70 -4.07 25.11
CA ASP A 770 -5.72 -5.29 24.30
C ASP A 770 -5.99 -6.54 25.12
N GLU A 771 -5.21 -6.73 26.18
CA GLU A 771 -5.38 -7.87 27.08
C GLU A 771 -6.84 -8.02 27.54
N ALA A 772 -7.46 -6.90 27.89
CA ALA A 772 -8.82 -6.89 28.44
C ALA A 772 -9.86 -7.36 27.45
N ILE A 773 -9.82 -6.82 26.22
CA ILE A 773 -10.81 -7.21 25.20
C ILE A 773 -10.70 -8.69 24.79
N GLU A 774 -9.54 -9.30 24.99
CA GLU A 774 -9.39 -10.74 24.75
C GLU A 774 -10.16 -11.54 25.80
N PHE A 775 -9.98 -11.19 27.07
CA PHE A 775 -10.77 -11.75 28.16
C PHE A 775 -12.27 -11.63 27.91
N PHE A 776 -12.71 -10.43 27.57
CA PHE A 776 -14.13 -10.16 27.43
C PHE A 776 -14.79 -10.95 26.30
N LYS A 777 -14.02 -11.32 25.28
CA LYS A 777 -14.58 -12.09 24.16
C LYS A 777 -14.72 -13.57 24.51
N THR A 778 -14.24 -13.98 25.69
CA THR A 778 -14.49 -15.32 26.22
C THR A 778 -15.73 -15.35 27.14
N LEU A 779 -16.69 -14.46 26.93
CA LEU A 779 -17.88 -14.31 27.78
C LEU A 779 -19.17 -14.28 26.95
N ASN A 780 -20.32 -14.32 27.60
CA ASN A 780 -21.61 -14.13 26.94
C ASN A 780 -22.35 -12.94 27.57
N PRO A 781 -23.45 -12.47 26.94
CA PRO A 781 -24.12 -11.24 27.40
C PRO A 781 -24.51 -11.21 28.87
N GLU A 782 -24.81 -12.38 29.43
CA GLU A 782 -25.20 -12.48 30.81
C GLU A 782 -23.95 -12.47 31.70
N GLU A 783 -22.91 -13.17 31.29
CA GLU A 783 -21.63 -13.14 32.00
C GLU A 783 -21.01 -11.76 31.94
N ALA A 784 -21.23 -11.05 30.85
CA ALA A 784 -20.61 -9.74 30.63
C ALA A 784 -21.20 -8.67 31.55
N ALA A 785 -22.52 -8.54 31.55
CA ALA A 785 -23.22 -7.59 32.45
C ALA A 785 -22.91 -7.80 33.94
N LYS A 786 -22.70 -9.05 34.35
CA LYS A 786 -22.33 -9.36 35.74
C LYS A 786 -20.97 -8.78 36.06
N VAL A 787 -20.08 -8.82 35.08
CA VAL A 787 -18.72 -8.30 35.24
C VAL A 787 -18.76 -6.77 35.22
N ALA A 788 -19.56 -6.21 34.32
CA ALA A 788 -19.73 -4.77 34.21
C ALA A 788 -20.15 -4.23 35.57
N SER A 789 -21.29 -4.69 36.07
CA SER A 789 -21.74 -4.33 37.44
C SER A 789 -20.63 -4.51 38.48
N TYR A 790 -20.00 -5.69 38.46
CA TYR A 790 -18.91 -5.97 39.36
C TYR A 790 -17.89 -4.83 39.34
N LEU A 791 -17.57 -4.35 38.14
CA LEU A 791 -16.47 -3.40 37.96
C LEU A 791 -16.88 -2.01 38.41
N SER A 792 -18.19 -1.77 38.40
CA SER A 792 -18.71 -0.46 38.80
C SER A 792 -18.68 -0.28 40.33
N LEU A 793 -18.49 -1.39 41.05
CA LEU A 793 -18.41 -1.39 42.53
C LEU A 793 -17.03 -0.97 43.13
N GLU A 794 -15.95 -1.31 42.44
CA GLU A 794 -14.62 -0.98 42.89
C GLU A 794 -13.65 -1.14 41.74
N TYR A 795 -12.72 -0.21 41.63
CA TYR A 795 -11.82 -0.18 40.49
C TYR A 795 -10.96 -1.43 40.45
N ARG A 796 -11.12 -2.23 39.40
CA ARG A 796 -10.24 -3.36 39.15
C ARG A 796 -9.81 -3.42 37.68
N GLU A 797 -8.59 -3.88 37.45
CA GLU A 797 -8.05 -4.05 36.09
C GLU A 797 -8.24 -5.50 35.62
N ILE A 798 -8.61 -5.66 34.36
CA ILE A 798 -8.71 -6.98 33.75
C ILE A 798 -7.60 -7.12 32.71
N ASN A 799 -6.60 -7.90 33.06
CA ASN A 799 -5.55 -8.29 32.11
C ASN A 799 -5.74 -9.76 31.80
N LYS A 800 -4.84 -10.37 31.03
CA LYS A 800 -4.90 -11.81 30.82
C LYS A 800 -4.34 -12.52 32.05
N SER A 801 -3.25 -11.97 32.57
CA SER A 801 -2.48 -12.55 33.67
C SER A 801 -2.39 -11.49 34.75
N THR A 802 -2.91 -11.74 35.94
CA THR A 802 -3.61 -12.99 36.30
C THR A 802 -5.13 -12.77 36.29
N ASP A 803 -5.81 -13.34 35.30
CA ASP A 803 -7.28 -13.22 35.22
C ASP A 803 -7.97 -14.47 34.72
N LYS A 804 -8.63 -15.19 35.63
CA LYS A 804 -9.29 -16.44 35.28
C LYS A 804 -10.78 -16.29 35.35
N LYS A 805 -11.45 -16.62 34.27
CA LYS A 805 -12.90 -16.53 34.20
C LYS A 805 -13.64 -17.21 35.36
N THR A 806 -13.18 -18.40 35.75
CA THR A 806 -13.74 -19.13 36.91
C THR A 806 -13.46 -18.40 38.22
N LEU A 807 -12.19 -18.14 38.47
CA LEU A 807 -11.76 -17.43 39.67
C LEU A 807 -12.52 -16.12 39.82
N LEU A 808 -12.80 -15.45 38.70
CA LEU A 808 -13.55 -14.18 38.69
C LEU A 808 -14.99 -14.40 39.15
N GLU A 809 -15.61 -15.51 38.75
CA GLU A 809 -16.97 -15.89 39.22
C GLU A 809 -17.08 -16.32 40.70
N GLN A 810 -15.95 -16.56 41.37
CA GLN A 810 -15.90 -16.57 42.84
C GLN A 810 -15.69 -15.14 43.42
N ASP A 811 -14.88 -14.31 42.75
CA ASP A 811 -14.57 -12.93 43.22
C ASP A 811 -15.77 -11.97 43.18
N ILE A 812 -16.63 -12.16 42.17
CA ILE A 812 -17.84 -11.33 42.00
C ILE A 812 -18.82 -11.58 43.16
N PRO A 813 -19.32 -12.82 43.33
CA PRO A 813 -20.12 -13.20 44.49
C PRO A 813 -19.61 -12.72 45.84
N ARG A 814 -18.32 -12.83 46.07
CA ARG A 814 -17.77 -12.34 47.32
C ARG A 814 -18.10 -10.86 47.51
N LEU A 815 -17.80 -10.06 46.49
CA LEU A 815 -17.94 -8.60 46.55
C LEU A 815 -19.40 -8.15 46.54
N PHE A 816 -20.22 -8.76 45.69
CA PHE A 816 -21.69 -8.53 45.73
C PHE A 816 -22.24 -8.71 47.14
N LYS A 817 -21.88 -9.84 47.76
CA LYS A 817 -22.42 -10.21 49.05
C LYS A 817 -21.89 -9.21 50.11
N GLU A 818 -20.60 -8.91 50.05
CA GLU A 818 -20.03 -7.92 50.96
C GLU A 818 -20.69 -6.57 50.87
N VAL A 819 -20.93 -6.11 49.65
CA VAL A 819 -21.54 -4.81 49.41
C VAL A 819 -22.97 -4.82 49.90
N ASN A 820 -23.74 -5.83 49.50
CA ASN A 820 -25.17 -5.89 49.87
C ASN A 820 -25.44 -6.09 51.36
N THR A 821 -24.49 -6.69 52.06
CA THR A 821 -24.61 -6.89 53.50
C THR A 821 -24.70 -5.55 54.22
N GLN A 822 -23.87 -4.61 53.77
CA GLN A 822 -23.94 -3.22 54.22
C GLN A 822 -25.40 -2.73 54.36
N LEU A 823 -26.26 -3.12 53.41
CA LEU A 823 -27.68 -2.77 53.45
C LEU A 823 -28.42 -3.63 54.46
N LEU A 824 -28.23 -4.95 54.40
CA LEU A 824 -28.96 -5.86 55.29
C LEU A 824 -28.65 -5.60 56.75
N SER A 825 -27.38 -5.42 57.07
CA SER A 825 -26.98 -5.10 58.45
C SER A 825 -27.61 -3.78 58.90
N LYS A 826 -27.65 -2.82 57.99
CA LYS A 826 -28.27 -1.52 58.22
C LYS A 826 -29.76 -1.67 58.46
N LEU A 827 -30.42 -2.53 57.68
CA LEU A 827 -31.86 -2.74 57.82
C LEU A 827 -32.21 -3.46 59.13
N LYS A 828 -31.47 -4.49 59.48
CA LYS A 828 -31.77 -5.22 60.73
C LYS A 828 -31.44 -4.40 61.99
N GLU A 829 -30.47 -3.49 61.88
CA GLU A 829 -30.21 -2.54 62.94
C GLU A 829 -31.39 -1.58 63.06
N GLU A 830 -31.91 -1.10 61.92
CA GLU A 830 -33.12 -0.26 61.87
C GLU A 830 -34.39 -1.03 62.26
N LYS A 831 -34.33 -2.36 62.16
CA LYS A 831 -35.47 -3.25 62.36
C LYS A 831 -36.56 -3.10 61.28
N ALA A 832 -36.14 -2.77 60.07
CA ALA A 832 -37.04 -2.60 58.95
C ALA A 832 -37.30 -3.92 58.22
N ILE A 833 -36.75 -5.03 58.71
CA ILE A 833 -36.97 -6.33 58.07
C ILE A 833 -37.13 -7.42 59.12
N ASP A 834 -37.94 -8.41 58.77
CA ASP A 834 -38.12 -9.62 59.59
C ASP A 834 -36.95 -10.57 59.39
N GLU A 835 -36.67 -11.41 60.39
CA GLU A 835 -35.65 -12.46 60.26
C GLU A 835 -36.01 -13.48 59.16
N GLN A 836 -37.31 -13.62 58.90
CA GLN A 836 -37.83 -14.38 57.76
C GLN A 836 -37.16 -13.90 56.46
N VAL A 837 -37.25 -12.60 56.19
CA VAL A 837 -36.68 -12.03 54.95
C VAL A 837 -35.18 -11.67 55.07
N HIS A 838 -34.64 -11.62 56.30
CA HIS A 838 -33.21 -11.33 56.46
C HIS A 838 -32.33 -12.49 56.00
N GLU A 839 -32.68 -13.69 56.43
CA GLU A 839 -31.87 -14.84 56.08
C GLU A 839 -32.17 -15.29 54.67
N LYS A 840 -33.36 -14.99 54.18
CA LYS A 840 -33.70 -15.35 52.81
C LYS A 840 -32.87 -14.46 51.86
N LEU A 841 -32.69 -13.19 52.23
CA LEU A 841 -31.95 -12.24 51.40
C LEU A 841 -30.46 -12.42 51.53
N SER A 842 -30.01 -12.75 52.73
CA SER A 842 -28.59 -13.03 53.01
C SER A 842 -28.02 -14.15 52.16
N GLN A 843 -28.88 -15.10 51.78
CA GLN A 843 -28.49 -16.17 50.86
C GLN A 843 -28.48 -15.64 49.42
N LEU A 844 -29.42 -14.73 49.13
CA LEU A 844 -29.53 -14.07 47.81
C LEU A 844 -28.46 -12.98 47.56
N ALA A 845 -27.81 -12.52 48.62
CA ALA A 845 -26.86 -11.38 48.55
C ALA A 845 -25.70 -11.52 47.55
N ASP A 846 -25.16 -12.72 47.39
CA ASP A 846 -24.04 -12.93 46.46
C ASP A 846 -24.48 -13.15 45.00
N LYS A 847 -25.78 -13.19 44.75
CA LYS A 847 -26.29 -13.45 43.40
C LYS A 847 -26.93 -12.23 42.76
N ILE A 848 -27.32 -11.24 43.58
CA ILE A 848 -27.98 -10.05 43.07
C ILE A 848 -27.01 -8.88 42.97
N ALA A 849 -27.02 -8.23 41.80
CA ALA A 849 -26.21 -7.05 41.55
C ALA A 849 -26.63 -5.95 42.52
N PRO A 850 -25.66 -5.33 43.21
CA PRO A 850 -26.01 -4.32 44.20
C PRO A 850 -26.98 -3.26 43.69
N GLU A 851 -26.84 -2.83 42.44
CA GLU A 851 -27.77 -1.85 41.88
C GLU A 851 -29.23 -2.28 42.01
N HIS A 852 -29.50 -3.58 41.97
CA HIS A 852 -30.88 -4.06 42.01
C HIS A 852 -31.28 -4.49 43.41
N PHE A 853 -30.31 -4.54 44.30
CA PHE A 853 -30.53 -4.93 45.69
C PHE A 853 -30.76 -3.69 46.56
N THR A 854 -32.00 -3.20 46.52
CA THR A 854 -32.37 -1.97 47.19
C THR A 854 -33.56 -2.18 48.12
N ARG A 855 -33.87 -1.16 48.92
CA ARG A 855 -34.94 -1.25 49.91
C ARG A 855 -36.31 -1.46 49.29
N ASN A 856 -36.59 -0.72 48.22
CA ASN A 856 -37.87 -0.88 47.55
C ASN A 856 -38.00 -2.26 46.96
N ASN A 857 -36.92 -2.76 46.39
CA ASN A 857 -36.92 -4.07 45.76
C ASN A 857 -37.22 -5.16 46.75
N ILE A 858 -36.61 -5.07 47.93
CA ILE A 858 -36.89 -6.06 48.96
C ILE A 858 -38.35 -5.98 49.39
N ILE A 859 -38.85 -4.77 49.56
CA ILE A 859 -40.21 -4.61 50.03
C ILE A 859 -41.16 -5.22 49.01
N LYS A 860 -40.89 -4.93 47.75
CA LYS A 860 -41.65 -5.51 46.66
C LYS A 860 -41.41 -7.00 46.63
N TRP A 861 -40.17 -7.39 46.84
CA TRP A 861 -39.81 -8.78 46.72
C TRP A 861 -40.53 -9.61 47.72
N SER A 862 -40.69 -9.10 48.93
CA SER A 862 -41.46 -9.81 49.92
C SER A 862 -42.89 -9.34 49.83
N THR A 863 -43.76 -10.19 49.30
CA THR A 863 -45.14 -9.83 49.03
C THR A 863 -45.73 -10.79 48.00
N VAL B 6 -30.61 -28.07 9.63
CA VAL B 6 -29.79 -27.89 8.44
C VAL B 6 -30.48 -27.00 7.43
N ASP B 7 -30.65 -25.73 7.78
CA ASP B 7 -31.32 -24.80 6.89
C ASP B 7 -30.56 -24.59 5.58
N VAL B 8 -29.25 -24.49 5.65
CA VAL B 8 -28.45 -24.21 4.45
C VAL B 8 -27.32 -25.21 4.19
N ILE B 9 -27.19 -25.63 2.95
CA ILE B 9 -26.10 -26.50 2.54
C ILE B 9 -25.14 -25.71 1.67
N LYS B 10 -23.88 -25.65 2.07
CA LYS B 10 -22.88 -24.88 1.34
C LYS B 10 -21.93 -25.87 0.69
N PHE B 11 -21.92 -25.91 -0.63
CA PHE B 11 -21.08 -26.84 -1.32
C PHE B 11 -19.67 -26.30 -1.29
N LYS B 12 -18.72 -27.12 -0.86
CA LYS B 12 -17.35 -26.67 -0.60
C LYS B 12 -16.27 -27.08 -1.61
N GLU B 13 -16.58 -27.96 -2.56
CA GLU B 13 -15.59 -28.30 -3.58
C GLU B 13 -15.33 -27.13 -4.50
N PRO B 14 -14.07 -26.69 -4.55
CA PRO B 14 -13.75 -25.50 -5.29
C PRO B 14 -13.58 -25.80 -6.76
N GLU B 15 -13.96 -24.83 -7.58
CA GLU B 15 -13.74 -24.86 -9.01
C GLU B 15 -12.26 -24.73 -9.40
N ARG B 16 -11.39 -24.48 -8.42
CA ARG B 16 -9.95 -24.36 -8.68
C ARG B 16 -9.15 -24.93 -7.52
N CYS B 17 -8.01 -25.52 -7.82
CA CYS B 17 -7.14 -26.03 -6.75
C CYS B 17 -5.75 -26.17 -7.30
N ASP B 18 -4.75 -25.80 -6.51
CA ASP B 18 -3.40 -25.78 -7.02
C ASP B 18 -3.03 -27.19 -7.49
N TYR B 19 -2.45 -27.28 -8.68
CA TYR B 19 -1.93 -28.54 -9.23
C TYR B 19 -3.00 -29.46 -9.83
N LEU B 20 -4.28 -29.14 -9.65
CA LEU B 20 -5.35 -30.07 -9.98
C LEU B 20 -6.06 -29.60 -11.23
N TYR B 21 -6.00 -30.44 -12.26
CA TYR B 21 -6.75 -30.25 -13.50
C TYR B 21 -7.76 -31.36 -13.66
N VAL B 22 -9.00 -31.01 -13.96
CA VAL B 22 -10.02 -32.03 -14.19
C VAL B 22 -10.55 -31.89 -15.60
N ASP B 23 -10.41 -32.95 -16.39
CA ASP B 23 -10.68 -32.89 -17.82
C ASP B 23 -12.16 -33.11 -18.10
N GLU B 24 -12.54 -32.98 -19.36
CA GLU B 24 -13.95 -33.12 -19.73
C GLU B 24 -14.61 -34.49 -19.42
N ASN B 25 -13.82 -35.51 -19.12
CA ASN B 25 -14.39 -36.81 -18.79
C ASN B 25 -14.29 -37.08 -17.29
N ASN B 26 -14.12 -35.99 -16.52
CA ASN B 26 -14.00 -36.01 -15.05
C ASN B 26 -12.77 -36.82 -14.55
N LYS B 27 -11.64 -36.72 -15.26
CA LYS B 27 -10.42 -37.35 -14.75
C LYS B 27 -9.48 -36.36 -14.10
N VAL B 28 -9.19 -36.62 -12.83
CA VAL B 28 -8.30 -35.82 -12.05
C VAL B 28 -6.86 -36.00 -12.49
N HIS B 29 -6.22 -34.88 -12.82
CA HIS B 29 -4.84 -34.85 -13.23
C HIS B 29 -4.06 -33.93 -12.31
N ILE B 30 -3.12 -34.48 -11.56
CA ILE B 30 -2.23 -33.68 -10.74
C ILE B 30 -0.97 -33.39 -11.56
N LEU B 31 -0.52 -32.15 -11.52
CA LEU B 31 0.62 -31.74 -12.32
C LEU B 31 1.76 -31.23 -11.47
N LEU B 32 2.88 -31.92 -11.57
CA LEU B 32 4.07 -31.54 -10.83
C LEU B 32 4.72 -30.37 -11.58
N PRO B 33 4.92 -29.23 -10.89
CA PRO B 33 5.55 -28.08 -11.54
C PRO B 33 7.06 -28.15 -11.55
N ILE B 34 7.65 -27.74 -12.66
CA ILE B 34 9.10 -27.65 -12.79
C ILE B 34 9.62 -26.23 -12.62
N VAL B 35 8.98 -25.29 -13.29
CA VAL B 35 9.38 -23.90 -13.24
C VAL B 35 8.17 -23.00 -13.26
N GLY B 36 8.31 -21.77 -12.78
CA GLY B 36 7.20 -20.87 -12.76
C GLY B 36 7.20 -19.97 -13.97
N GLY B 37 6.08 -19.96 -14.67
CA GLY B 37 5.92 -19.12 -15.83
C GLY B 37 5.01 -19.77 -16.84
N ASP B 38 4.79 -19.10 -17.96
CA ASP B 38 4.10 -19.70 -19.08
C ASP B 38 4.97 -19.52 -20.31
N GLU B 39 5.19 -20.59 -21.05
CA GLU B 39 6.04 -20.49 -22.22
C GLU B 39 7.50 -20.36 -21.83
N ILE B 40 7.81 -19.36 -21.03
CA ILE B 40 9.19 -19.16 -20.57
C ILE B 40 9.30 -18.97 -19.07
N GLY B 41 10.37 -19.50 -18.48
CA GLY B 41 10.57 -19.45 -17.04
C GLY B 41 11.78 -18.64 -16.64
N LEU B 42 11.57 -17.75 -15.67
CA LEU B 42 12.56 -16.76 -15.25
C LEU B 42 13.83 -17.35 -14.61
N ASP B 43 14.98 -16.73 -14.86
CA ASP B 43 16.25 -17.22 -14.33
C ASP B 43 16.68 -16.44 -13.08
N ASN B 44 16.12 -16.84 -11.94
CA ASN B 44 16.43 -16.27 -10.64
C ASN B 44 17.11 -17.34 -9.77
N THR B 45 17.78 -16.94 -8.69
CA THR B 45 18.58 -17.86 -7.88
C THR B 45 17.80 -19.14 -7.53
N CYS B 46 16.59 -18.94 -6.99
CA CYS B 46 15.63 -20.02 -6.78
C CYS B 46 14.51 -19.86 -7.80
N GLN B 47 14.29 -20.87 -8.63
CA GLN B 47 13.12 -20.85 -9.51
C GLN B 47 12.49 -22.21 -9.50
N THR B 48 13.25 -23.16 -10.02
CA THR B 48 12.83 -24.53 -10.09
C THR B 48 12.60 -25.07 -8.68
N ALA B 49 13.46 -24.62 -7.76
CA ALA B 49 13.37 -24.95 -6.34
C ALA B 49 11.98 -24.68 -5.75
N VAL B 50 11.54 -23.43 -5.81
CA VAL B 50 10.33 -23.01 -5.08
C VAL B 50 9.12 -23.87 -5.41
N GLU B 51 8.96 -24.15 -6.70
CA GLU B 51 7.81 -24.92 -7.19
C GLU B 51 7.82 -26.33 -6.65
N LEU B 52 8.94 -27.00 -6.81
CA LEU B 52 9.08 -28.37 -6.34
C LEU B 52 9.00 -28.45 -4.82
N ILE B 53 9.84 -27.69 -4.12
CA ILE B 53 9.76 -27.63 -2.65
C ILE B 53 8.32 -27.54 -2.19
N THR B 54 7.58 -26.56 -2.71
CA THR B 54 6.20 -26.36 -2.26
C THR B 54 5.33 -27.57 -2.55
N PHE B 55 5.48 -28.13 -3.74
CA PHE B 55 4.63 -29.24 -4.13
C PHE B 55 4.82 -30.36 -3.13
N PHE B 56 6.07 -30.71 -2.87
CA PHE B 56 6.39 -31.84 -2.01
C PHE B 56 6.36 -31.60 -0.50
N TYR B 57 6.58 -30.37 -0.04
CA TYR B 57 6.58 -30.03 1.38
C TYR B 57 6.02 -28.63 1.46
N GLY B 58 5.29 -28.27 2.49
CA GLY B 58 4.65 -26.94 2.49
C GLY B 58 5.69 -25.85 2.33
N SER B 59 6.76 -26.00 3.08
CA SER B 59 7.84 -25.04 3.13
C SER B 59 9.15 -25.80 3.35
N ALA B 60 10.28 -25.26 2.89
CA ALA B 60 11.57 -25.85 3.21
C ALA B 60 11.64 -25.98 4.73
N HIS B 61 11.42 -24.87 5.44
CA HIS B 61 11.26 -24.87 6.90
C HIS B 61 10.60 -23.54 7.35
N SER B 62 10.30 -23.44 8.65
CA SER B 62 9.58 -22.29 9.24
C SER B 62 8.13 -22.18 8.75
N GLY B 63 7.51 -23.33 8.51
CA GLY B 63 6.12 -23.41 8.07
C GLY B 63 5.49 -24.73 8.47
N VAL B 64 4.18 -24.86 8.27
CA VAL B 64 3.49 -26.14 8.47
C VAL B 64 3.56 -26.88 7.13
N THR B 65 3.16 -28.15 7.15
CA THR B 65 2.95 -28.93 5.93
C THR B 65 1.66 -28.54 5.17
N LYS B 66 1.12 -27.36 5.49
CA LYS B 66 -0.19 -26.90 4.99
C LYS B 66 -0.34 -26.70 3.48
N TYR B 67 0.74 -26.35 2.78
CA TYR B 67 0.67 -26.00 1.35
C TYR B 67 1.26 -27.04 0.38
N SER B 68 1.62 -28.21 0.89
CA SER B 68 2.06 -29.31 0.06
C SER B 68 0.91 -29.84 -0.77
N ALA B 69 1.24 -30.55 -1.84
CA ALA B 69 0.22 -31.14 -2.66
C ALA B 69 -0.61 -32.14 -1.88
N GLU B 70 0.00 -32.84 -0.94
CA GLU B 70 -0.74 -33.84 -0.16
C GLU B 70 -1.82 -33.18 0.70
N HIS B 71 -1.43 -32.11 1.40
CA HIS B 71 -2.35 -31.43 2.30
C HIS B 71 -3.48 -30.79 1.49
N GLN B 72 -3.13 -30.15 0.38
CA GLN B 72 -4.10 -29.45 -0.44
C GLN B 72 -5.07 -30.44 -1.03
N LEU B 73 -4.56 -31.56 -1.52
CA LEU B 73 -5.43 -32.62 -1.99
C LEU B 73 -6.23 -33.30 -0.87
N SER B 74 -5.67 -33.35 0.33
CA SER B 74 -6.40 -33.92 1.46
C SER B 74 -7.56 -33.05 1.87
N GLU B 75 -7.35 -31.75 1.74
CA GLU B 75 -8.39 -30.75 2.02
C GLU B 75 -9.50 -30.85 0.96
N TYR B 76 -9.10 -30.88 -0.31
CA TYR B 76 -10.04 -31.06 -1.41
C TYR B 76 -10.87 -32.33 -1.16
N LYS B 77 -10.19 -33.36 -0.71
CA LYS B 77 -10.81 -34.62 -0.39
C LYS B 77 -11.90 -34.42 0.67
N ARG B 78 -11.56 -33.68 1.71
CA ARG B 78 -12.48 -33.44 2.83
C ARG B 78 -13.71 -32.69 2.39
N GLN B 79 -13.52 -31.68 1.54
CA GLN B 79 -14.60 -30.88 1.02
C GLN B 79 -15.58 -31.69 0.20
N LEU B 80 -15.05 -32.63 -0.57
CA LEU B 80 -15.92 -33.54 -1.34
C LEU B 80 -16.74 -34.38 -0.39
N GLU B 81 -16.08 -34.97 0.61
CA GLU B 81 -16.77 -35.83 1.57
C GLU B 81 -17.87 -35.04 2.27
N GLU B 82 -17.60 -33.77 2.57
CA GLU B 82 -18.60 -32.92 3.20
C GLU B 82 -19.78 -32.76 2.24
N ASP B 83 -19.48 -32.45 0.98
CA ASP B 83 -20.50 -32.23 -0.04
C ASP B 83 -21.36 -33.46 -0.23
N ILE B 84 -20.69 -34.62 -0.24
CA ILE B 84 -21.36 -35.90 -0.43
C ILE B 84 -22.25 -36.19 0.76
N LYS B 85 -21.71 -36.04 1.95
CA LYS B 85 -22.49 -36.21 3.15
C LYS B 85 -23.71 -35.27 3.11
N ALA B 86 -23.57 -34.06 2.57
CA ALA B 86 -24.69 -33.13 2.56
C ALA B 86 -25.77 -33.56 1.58
N ILE B 87 -25.37 -33.89 0.36
CA ILE B 87 -26.32 -34.42 -0.63
C ILE B 87 -27.13 -35.61 -0.07
N ASN B 88 -26.43 -36.55 0.57
CA ASN B 88 -27.05 -37.68 1.20
C ASN B 88 -28.08 -37.25 2.24
N SER B 89 -27.77 -36.21 2.99
CA SER B 89 -28.71 -35.68 3.99
C SER B 89 -30.06 -35.34 3.34
N GLN B 90 -30.03 -34.94 2.07
CA GLN B 90 -31.22 -34.57 1.33
C GLN B 90 -31.92 -35.77 0.75
N LYS B 91 -31.17 -36.85 0.57
CA LYS B 91 -31.75 -38.07 -0.01
C LYS B 91 -32.91 -38.64 0.82
N LYS B 92 -32.83 -38.46 2.13
CA LYS B 92 -33.91 -38.86 3.03
C LYS B 92 -35.23 -38.18 2.69
N ILE B 93 -35.17 -36.98 2.12
CA ILE B 93 -36.36 -36.24 1.72
C ILE B 93 -36.75 -36.54 0.25
N SER B 94 -35.76 -36.54 -0.65
CA SER B 94 -35.97 -36.82 -2.06
C SER B 94 -34.83 -37.72 -2.54
N PRO B 95 -35.09 -39.01 -2.70
CA PRO B 95 -34.05 -39.97 -3.05
C PRO B 95 -33.17 -39.63 -4.27
N HIS B 96 -33.76 -39.03 -5.31
CA HIS B 96 -32.98 -38.66 -6.46
C HIS B 96 -32.03 -37.48 -6.22
N ALA B 97 -32.28 -36.72 -5.17
CA ALA B 97 -31.56 -35.46 -4.93
C ALA B 97 -30.11 -35.39 -5.37
N TYR B 98 -29.82 -34.46 -6.29
CA TYR B 98 -28.45 -34.17 -6.73
C TYR B 98 -27.65 -35.42 -7.14
N ASP B 99 -28.31 -36.38 -7.80
CA ASP B 99 -27.61 -37.62 -8.21
C ASP B 99 -26.46 -37.40 -9.19
N ASP B 100 -26.67 -36.60 -10.23
CA ASP B 100 -25.59 -36.34 -11.19
C ASP B 100 -24.35 -35.74 -10.48
N LEU B 101 -24.58 -34.73 -9.64
CA LEU B 101 -23.55 -34.07 -8.88
C LEU B 101 -22.82 -35.04 -7.96
N LEU B 102 -23.59 -35.78 -7.15
CA LEU B 102 -23.06 -36.84 -6.28
C LEU B 102 -22.15 -37.78 -7.06
N LYS B 103 -22.63 -38.29 -8.18
CA LYS B 103 -21.85 -39.19 -9.01
C LYS B 103 -20.52 -38.57 -9.38
N GLU B 104 -20.58 -37.40 -9.99
CA GLU B 104 -19.37 -36.67 -10.39
C GLU B 104 -18.41 -36.48 -9.23
N LYS B 105 -18.96 -36.06 -8.10
CA LYS B 105 -18.15 -35.79 -6.90
C LYS B 105 -17.52 -37.06 -6.32
N ILE B 106 -18.22 -38.18 -6.40
CA ILE B 106 -17.63 -39.45 -5.95
C ILE B 106 -16.53 -39.93 -6.90
N GLU B 107 -16.71 -39.76 -8.20
CA GLU B 107 -15.66 -40.17 -9.13
C GLU B 107 -14.38 -39.42 -8.84
N ARG B 108 -14.47 -38.10 -8.65
CA ARG B 108 -13.29 -37.30 -8.32
C ARG B 108 -12.71 -37.73 -6.99
N LEU B 109 -13.55 -37.84 -5.97
CA LEU B 109 -13.07 -38.26 -4.66
C LEU B 109 -12.13 -39.45 -4.75
N GLN B 110 -12.57 -40.48 -5.47
CA GLN B 110 -11.87 -41.74 -5.50
C GLN B 110 -10.51 -41.61 -6.13
N GLN B 111 -10.44 -40.77 -7.17
CA GLN B 111 -9.18 -40.54 -7.84
C GLN B 111 -8.26 -39.68 -6.98
N ILE B 112 -8.82 -38.68 -6.32
CA ILE B 112 -8.01 -37.81 -5.47
C ILE B 112 -7.32 -38.68 -4.41
N GLU B 113 -8.12 -39.51 -3.73
CA GLU B 113 -7.63 -40.42 -2.69
C GLU B 113 -6.42 -41.22 -3.17
N LYS B 114 -6.48 -41.72 -4.41
CA LYS B 114 -5.40 -42.55 -4.96
C LYS B 114 -4.12 -41.78 -5.21
N TYR B 115 -4.23 -40.61 -5.80
CA TYR B 115 -3.08 -39.72 -5.96
C TYR B 115 -2.38 -39.43 -4.63
N ILE B 116 -3.16 -39.29 -3.56
CA ILE B 116 -2.64 -38.96 -2.25
C ILE B 116 -1.78 -40.09 -1.72
N GLU B 117 -2.24 -41.32 -1.92
CA GLU B 117 -1.51 -42.52 -1.50
C GLU B 117 -0.15 -42.56 -2.22
N LEU B 118 -0.16 -42.29 -3.53
CA LEU B 118 1.07 -42.29 -4.30
C LEU B 118 2.10 -41.28 -3.75
N ILE B 119 1.66 -40.06 -3.42
CA ILE B 119 2.57 -39.05 -2.90
C ILE B 119 3.12 -39.50 -1.55
N GLN B 120 2.24 -40.05 -0.71
CA GLN B 120 2.66 -40.63 0.56
C GLN B 120 3.71 -41.72 0.35
N VAL B 121 3.37 -42.65 -0.55
CA VAL B 121 4.22 -43.79 -0.87
C VAL B 121 5.57 -43.37 -1.45
N LEU B 122 5.53 -42.48 -2.45
CA LEU B 122 6.75 -42.04 -3.13
C LEU B 122 7.75 -41.45 -2.17
N LYS B 123 7.26 -40.68 -1.21
CA LYS B 123 8.14 -39.96 -0.26
C LYS B 123 8.80 -40.84 0.80
N LYS B 124 8.14 -41.93 1.15
CA LYS B 124 8.57 -42.79 2.23
C LYS B 124 9.36 -44.00 1.67
N GLN B 125 8.70 -44.77 0.81
CA GLN B 125 9.27 -45.99 0.24
C GLN B 125 10.35 -45.74 -0.79
N TYR B 126 10.13 -44.78 -1.69
CA TYR B 126 11.00 -44.59 -2.87
C TYR B 126 11.82 -43.30 -2.88
N ASP B 127 12.34 -42.90 -1.70
CA ASP B 127 13.26 -41.75 -1.59
C ASP B 127 14.51 -42.13 -0.77
N GLU B 128 15.09 -43.29 -1.06
CA GLU B 128 16.21 -43.80 -0.25
C GLU B 128 17.55 -43.10 -0.52
N GLN B 129 17.79 -42.67 -1.77
CA GLN B 129 18.94 -41.80 -2.06
C GLN B 129 18.74 -40.38 -1.58
N ASN B 130 17.54 -40.05 -1.14
CA ASN B 130 17.16 -38.70 -0.73
C ASN B 130 17.08 -37.70 -1.89
N ASP B 131 16.51 -38.12 -3.02
CA ASP B 131 16.34 -37.27 -4.20
C ASP B 131 15.25 -36.21 -4.05
N ILE B 132 14.15 -36.56 -3.37
CA ILE B 132 13.13 -35.59 -3.05
C ILE B 132 13.61 -34.81 -1.84
N ARG B 133 13.93 -35.52 -0.75
CA ARG B 133 14.35 -34.91 0.51
C ARG B 133 15.36 -33.78 0.36
N GLN B 134 16.37 -33.97 -0.49
CA GLN B 134 17.42 -32.94 -0.71
C GLN B 134 16.89 -31.54 -1.05
N LEU B 135 15.73 -31.52 -1.70
CA LEU B 135 15.05 -30.27 -2.02
C LEU B 135 14.94 -29.38 -0.80
N ARG B 136 14.61 -29.97 0.34
CA ARG B 136 14.37 -29.19 1.53
C ARG B 136 15.60 -29.05 2.45
N THR B 137 16.61 -29.91 2.28
CA THR B 137 17.79 -29.91 3.18
C THR B 137 19.05 -29.34 2.53
N GLY B 138 19.40 -29.86 1.36
CA GLY B 138 20.59 -29.44 0.64
C GLY B 138 20.57 -27.94 0.39
N GLY B 139 21.75 -27.33 0.45
CA GLY B 139 21.87 -25.88 0.33
C GLY B 139 21.41 -25.31 -1.00
N ILE B 140 21.72 -26.00 -2.09
CA ILE B 140 21.25 -25.62 -3.42
C ILE B 140 20.49 -26.82 -3.99
N PRO B 141 19.16 -26.81 -3.84
CA PRO B 141 18.36 -27.92 -4.33
C PRO B 141 18.51 -28.19 -5.82
N GLN B 142 18.37 -29.47 -6.17
CA GLN B 142 18.50 -29.95 -7.54
C GLN B 142 17.14 -30.43 -8.02
N LEU B 143 16.94 -30.39 -9.33
CA LEU B 143 15.82 -31.09 -9.94
C LEU B 143 15.98 -32.55 -9.60
N PRO B 144 14.89 -33.22 -9.23
CA PRO B 144 14.99 -34.65 -9.04
C PRO B 144 15.29 -35.39 -10.34
N SER B 145 15.77 -36.62 -10.18
CA SER B 145 16.09 -37.52 -11.28
C SER B 145 14.96 -37.68 -12.27
N GLY B 146 13.79 -38.05 -11.77
CA GLY B 146 12.61 -38.22 -12.61
C GLY B 146 12.37 -37.00 -13.48
N VAL B 147 12.46 -35.82 -12.87
CA VAL B 147 12.22 -34.55 -13.55
C VAL B 147 13.25 -34.35 -14.67
N LYS B 148 14.52 -34.61 -14.39
CA LYS B 148 15.58 -34.45 -15.40
C LYS B 148 15.32 -35.39 -16.57
N GLU B 149 14.91 -36.62 -16.27
CA GLU B 149 14.58 -37.59 -17.31
C GLU B 149 13.42 -37.09 -18.17
N ILE B 150 12.41 -36.51 -17.53
CA ILE B 150 11.25 -35.96 -18.25
C ILE B 150 11.66 -34.81 -19.17
N ILE B 151 12.54 -33.93 -18.70
CA ILE B 151 13.02 -32.79 -19.50
C ILE B 151 13.88 -33.24 -20.69
N LYS B 152 14.82 -34.14 -20.43
CA LYS B 152 15.64 -34.74 -21.48
C LYS B 152 14.78 -35.32 -22.59
N SER B 153 13.80 -36.13 -22.20
CA SER B 153 12.98 -36.87 -23.14
C SER B 153 11.86 -36.03 -23.76
N SER B 154 11.78 -34.75 -23.41
CA SER B 154 10.67 -33.90 -23.88
C SER B 154 10.71 -33.62 -25.38
N GLU B 155 9.53 -33.39 -25.93
CA GLU B 155 9.35 -33.04 -27.32
C GLU B 155 9.05 -31.56 -27.51
N ASN B 156 8.38 -30.95 -26.53
CA ASN B 156 7.88 -29.56 -26.65
C ASN B 156 8.53 -28.54 -25.72
N ALA B 157 9.42 -29.00 -24.84
CA ALA B 157 10.09 -28.11 -23.88
C ALA B 157 11.60 -28.31 -23.88
N PHE B 158 12.35 -27.21 -23.94
CA PHE B 158 13.82 -27.29 -23.95
C PHE B 158 14.54 -26.16 -23.22
N ALA B 159 15.70 -26.50 -22.66
CA ALA B 159 16.54 -25.52 -21.99
C ALA B 159 17.51 -24.94 -23.00
N VAL B 160 17.96 -23.72 -22.71
CA VAL B 160 18.97 -23.09 -23.51
C VAL B 160 19.95 -22.46 -22.54
N ARG B 161 21.24 -22.70 -22.77
CA ARG B 161 22.28 -22.15 -21.91
C ARG B 161 22.96 -21.04 -22.69
N LEU B 162 23.14 -19.90 -22.03
CA LEU B 162 23.71 -18.73 -22.69
C LEU B 162 25.01 -18.31 -22.04
N SER B 163 25.69 -17.36 -22.68
CA SER B 163 27.03 -16.90 -22.29
C SER B 163 27.03 -15.41 -21.97
N PRO B 164 26.51 -15.05 -20.77
CA PRO B 164 26.63 -13.71 -20.22
C PRO B 164 28.01 -13.56 -19.63
N TYR B 165 28.47 -12.33 -19.43
CA TYR B 165 29.87 -12.13 -19.00
C TYR B 165 30.05 -12.71 -17.60
N ASP B 166 29.22 -12.24 -16.68
CA ASP B 166 29.32 -12.68 -15.31
C ASP B 166 28.43 -13.91 -15.10
N ASN B 167 28.88 -15.04 -15.63
CA ASN B 167 28.10 -16.28 -15.60
C ASN B 167 28.12 -16.93 -14.23
N ASP B 168 27.11 -17.77 -14.01
CA ASP B 168 26.87 -18.49 -12.77
C ASP B 168 26.93 -19.98 -13.08
N LYS B 169 27.86 -20.69 -12.47
CA LYS B 169 28.07 -22.13 -12.73
C LYS B 169 26.93 -23.05 -12.26
N PHE B 170 26.11 -22.60 -11.32
CA PHE B 170 25.07 -23.48 -10.75
C PHE B 170 23.83 -23.62 -11.65
N THR B 171 24.04 -24.18 -12.84
CA THR B 171 22.95 -24.33 -13.80
C THR B 171 22.11 -25.53 -13.39
N ARG B 172 20.79 -25.42 -13.48
CA ARG B 172 19.91 -26.51 -13.07
C ARG B 172 19.56 -27.45 -14.23
N PHE B 173 19.62 -26.94 -15.46
CA PHE B 173 19.21 -27.75 -16.62
C PHE B 173 20.37 -28.38 -17.38
N ASP B 174 20.53 -29.68 -17.22
CA ASP B 174 21.73 -30.39 -17.70
C ASP B 174 21.72 -30.81 -19.17
N ASP B 175 20.57 -30.73 -19.84
CA ASP B 175 20.46 -31.19 -21.22
C ASP B 175 19.97 -30.08 -22.13
N PRO B 176 20.72 -28.98 -22.19
CA PRO B 176 20.23 -27.92 -23.03
C PRO B 176 20.29 -28.29 -24.52
N LEU B 177 19.23 -27.97 -25.23
CA LEU B 177 19.20 -28.05 -26.68
C LEU B 177 20.20 -27.09 -27.29
N PHE B 178 20.32 -25.91 -26.70
CA PHE B 178 21.21 -24.86 -27.18
C PHE B 178 22.25 -24.57 -26.12
N ASN B 179 23.52 -24.72 -26.49
CA ASN B 179 24.61 -24.53 -25.55
C ASN B 179 25.77 -23.81 -26.19
N VAL B 180 26.36 -22.86 -25.47
CA VAL B 180 27.51 -22.11 -25.94
C VAL B 180 28.56 -22.07 -24.86
N LYS B 181 29.78 -21.77 -25.28
CA LYS B 181 30.94 -21.76 -24.39
C LYS B 181 30.84 -20.58 -23.44
N ARG B 182 31.17 -20.85 -22.19
CA ARG B 182 31.03 -19.85 -21.13
C ARG B 182 32.37 -19.60 -20.43
N ASN B 183 32.48 -18.45 -19.79
CA ASN B 183 33.64 -18.11 -18.95
C ASN B 183 33.77 -19.03 -17.73
N ILE B 184 34.85 -18.88 -16.99
CA ILE B 184 34.97 -19.56 -15.71
C ILE B 184 34.27 -18.69 -14.69
N SER B 185 33.18 -19.22 -14.13
CA SER B 185 32.32 -18.46 -13.24
C SER B 185 33.14 -17.92 -12.06
N LYS B 186 32.77 -16.74 -11.58
CA LYS B 186 33.42 -16.17 -10.40
C LYS B 186 33.38 -17.15 -9.24
N TYR B 187 32.38 -18.04 -9.24
CA TYR B 187 32.24 -19.04 -8.19
C TYR B 187 33.29 -20.16 -8.28
N ASP B 188 34.02 -20.23 -9.38
CA ASP B 188 35.16 -21.12 -9.48
C ASP B 188 36.51 -20.41 -9.21
N THR B 189 36.46 -19.13 -8.82
CA THR B 189 37.67 -18.37 -8.46
C THR B 189 37.73 -18.17 -6.95
N PRO B 190 38.95 -18.03 -6.40
CA PRO B 190 39.11 -17.87 -4.95
C PRO B 190 38.47 -16.61 -4.38
N SER B 191 38.58 -15.50 -5.11
CA SER B 191 38.04 -14.21 -4.67
C SER B 191 36.50 -14.19 -4.76
N ARG B 192 35.96 -14.94 -5.73
CA ARG B 192 34.52 -15.04 -5.95
C ARG B 192 33.85 -13.70 -6.28
N GLN B 193 34.55 -12.85 -7.01
CA GLN B 193 34.02 -11.52 -7.33
C GLN B 193 33.90 -11.22 -8.82
N ALA B 194 34.76 -11.81 -9.64
CA ALA B 194 34.69 -11.63 -11.08
C ALA B 194 35.13 -12.91 -11.79
N PRO B 195 34.52 -13.20 -12.96
CA PRO B 195 34.86 -14.42 -13.67
C PRO B 195 36.20 -14.33 -14.39
N ILE B 196 36.71 -15.45 -14.86
CA ILE B 196 37.89 -15.44 -15.67
C ILE B 196 37.41 -15.53 -17.11
N PRO B 197 37.58 -14.47 -17.90
CA PRO B 197 37.08 -14.47 -19.28
C PRO B 197 37.84 -15.42 -20.17
N ILE B 198 37.15 -15.96 -21.17
CA ILE B 198 37.78 -16.72 -22.25
C ILE B 198 37.70 -15.89 -23.53
N TYR B 199 38.65 -16.09 -24.44
CA TYR B 199 38.81 -15.25 -25.64
C TYR B 199 38.46 -16.03 -26.92
N GLU B 200 37.71 -17.11 -26.77
CA GLU B 200 37.14 -17.81 -27.89
C GLU B 200 35.65 -17.78 -27.66
N GLY B 201 34.89 -18.21 -28.66
CA GLY B 201 33.47 -18.43 -28.51
C GLY B 201 32.60 -17.26 -28.94
N LEU B 202 31.33 -17.60 -29.21
CA LEU B 202 30.34 -16.66 -29.72
C LEU B 202 30.13 -15.48 -28.79
N GLY B 203 30.03 -15.76 -27.50
CA GLY B 203 29.80 -14.72 -26.49
C GLY B 203 30.90 -13.69 -26.41
N TYR B 204 32.15 -14.13 -26.39
CA TYR B 204 33.30 -13.21 -26.46
C TYR B 204 33.31 -12.42 -27.78
N ARG B 205 33.08 -13.12 -28.89
CA ARG B 205 33.09 -12.47 -30.20
C ARG B 205 32.03 -11.38 -30.30
N LEU B 206 30.84 -11.61 -29.73
CA LEU B 206 29.77 -10.59 -29.73
C LEU B 206 30.13 -9.41 -28.82
N ARG B 207 30.64 -9.72 -27.63
CA ARG B 207 30.98 -8.70 -26.65
C ARG B 207 32.16 -7.84 -27.08
N SER B 208 33.20 -8.47 -27.60
CA SER B 208 34.41 -7.76 -27.99
C SER B 208 34.20 -6.97 -29.27
N THR B 209 33.31 -7.43 -30.14
CA THR B 209 32.99 -6.72 -31.38
C THR B 209 32.11 -5.48 -31.13
N LEU B 210 31.12 -5.60 -30.27
CA LEU B 210 30.15 -4.50 -30.03
C LEU B 210 30.72 -3.39 -29.15
N PHE B 211 31.80 -3.70 -28.44
CA PHE B 211 32.54 -2.70 -27.69
C PHE B 211 33.91 -3.31 -27.37
N PRO B 212 34.95 -2.98 -28.17
CA PRO B 212 36.29 -3.57 -27.98
C PRO B 212 37.07 -2.95 -26.83
N GLU B 213 38.29 -3.44 -26.59
CA GLU B 213 39.12 -2.87 -25.53
C GLU B 213 39.74 -1.51 -25.91
N ASP B 214 39.69 -1.14 -27.20
CA ASP B 214 40.03 0.23 -27.63
C ASP B 214 39.01 1.26 -27.12
N LYS B 215 37.90 0.77 -26.55
CA LYS B 215 36.80 1.58 -26.02
C LYS B 215 36.09 2.44 -27.09
N THR B 216 36.13 1.98 -28.34
CA THR B 216 35.55 2.71 -29.48
C THR B 216 34.07 2.32 -29.63
N PRO B 217 33.15 3.19 -29.17
CA PRO B 217 31.72 2.80 -29.16
C PRO B 217 31.18 2.45 -30.54
N THR B 218 30.04 1.76 -30.55
CA THR B 218 29.34 1.40 -31.77
C THR B 218 28.09 2.26 -31.84
N PRO B 219 27.88 2.99 -32.95
CA PRO B 219 26.72 3.84 -33.02
C PRO B 219 25.45 3.09 -33.43
N ILE B 220 24.35 3.39 -32.74
CA ILE B 220 23.04 2.83 -33.05
C ILE B 220 22.23 3.92 -33.75
N ASN B 221 22.25 3.88 -35.09
CA ASN B 221 21.51 4.86 -35.89
C ASN B 221 20.27 4.21 -36.48
N LYS B 222 19.18 4.25 -35.73
CA LYS B 222 17.88 3.81 -36.21
C LYS B 222 17.00 5.05 -36.37
N LYS B 223 16.42 5.21 -37.55
CA LYS B 223 15.57 6.35 -37.85
C LYS B 223 14.24 5.84 -38.41
N SER B 224 13.18 6.00 -37.62
CA SER B 224 11.85 5.60 -38.06
C SER B 224 10.79 6.15 -37.10
N LEU B 225 9.53 6.14 -37.53
CA LEU B 225 9.16 6.02 -38.94
C LEU B 225 9.12 7.43 -39.51
N ARG B 226 8.86 8.39 -38.63
CA ARG B 226 8.83 9.82 -38.95
C ARG B 226 10.20 10.37 -39.41
N ASP B 227 11.27 9.88 -38.82
CA ASP B 227 12.61 10.25 -39.28
C ASP B 227 12.83 9.73 -40.72
N LYS B 228 12.23 8.58 -41.00
CA LYS B 228 12.35 7.89 -42.29
C LYS B 228 11.57 8.65 -43.36
N VAL B 229 10.32 8.98 -43.07
CA VAL B 229 9.44 9.69 -44.00
C VAL B 229 9.98 11.09 -44.35
N LYS B 230 10.53 11.78 -43.35
CA LYS B 230 11.13 13.10 -43.54
C LYS B 230 12.37 13.00 -44.43
N SER B 231 13.06 11.87 -44.39
CA SER B 231 14.20 11.64 -45.28
C SER B 231 13.75 11.34 -46.71
N THR B 232 12.63 10.64 -46.87
CA THR B 232 12.09 10.31 -48.21
C THR B 232 11.40 11.50 -48.89
N VAL B 233 10.69 12.32 -48.12
CA VAL B 233 10.03 13.52 -48.68
C VAL B 233 11.06 14.64 -48.99
N LEU B 234 12.01 14.87 -48.09
CA LEU B 234 13.13 15.82 -48.34
C LEU B 234 14.12 15.35 -49.41
N SER B 235 14.01 14.10 -49.85
CA SER B 235 14.82 13.59 -50.96
C SER B 235 14.42 14.24 -52.30
N HIS B 236 13.16 14.66 -52.38
CA HIS B 236 12.62 15.31 -53.57
C HIS B 236 12.72 16.85 -53.50
N TYR B 237 12.84 17.42 -52.29
CA TYR B 237 12.95 18.88 -52.11
C TYR B 237 14.40 19.33 -51.85
N LYS B 238 14.64 20.61 -52.04
CA LYS B 238 15.99 21.20 -51.87
C LYS B 238 16.12 21.94 -50.54
N ASP B 239 17.35 22.36 -50.20
CA ASP B 239 17.60 23.15 -49.00
C ASP B 239 16.98 24.56 -49.08
N GLU B 240 16.98 25.15 -50.27
CA GLU B 240 16.53 26.55 -50.46
C GLU B 240 15.01 26.77 -50.42
N ASP B 241 14.25 26.09 -51.29
CA ASP B 241 12.81 26.41 -51.51
C ASP B 241 12.02 26.54 -50.19
N ARG B 242 11.17 27.56 -50.09
CA ARG B 242 10.16 27.62 -49.03
C ARG B 242 8.77 27.53 -49.63
N ILE B 243 7.78 27.76 -48.78
CA ILE B 243 6.41 27.98 -49.18
C ILE B 243 6.21 29.50 -49.32
N ASP B 244 6.74 30.05 -50.41
CA ASP B 244 6.68 31.49 -50.69
C ASP B 244 6.30 31.75 -52.18
N GLY B 245 6.54 32.96 -52.69
CA GLY B 245 6.18 33.29 -54.07
C GLY B 245 4.69 33.52 -54.20
N GLU B 246 4.25 33.76 -55.45
CA GLU B 246 2.84 34.10 -55.73
C GLU B 246 1.85 33.00 -55.34
N LYS B 247 2.25 31.74 -55.60
CA LYS B 247 1.38 30.59 -55.37
C LYS B 247 1.82 29.86 -54.10
N LYS B 248 1.58 30.50 -52.95
CA LYS B 248 1.99 29.96 -51.65
C LYS B 248 1.04 28.87 -51.12
N ASP B 249 -0.25 28.94 -51.45
CA ASP B 249 -1.22 27.90 -51.03
C ASP B 249 -1.10 26.59 -51.85
N GLU B 250 -0.48 26.67 -53.03
CA GLU B 250 -0.38 25.54 -53.95
C GLU B 250 0.80 24.62 -53.68
N LYS B 251 1.95 25.22 -53.37
CA LYS B 251 3.14 24.47 -52.91
C LYS B 251 2.83 23.81 -51.57
N LEU B 252 2.15 24.54 -50.69
CA LEU B 252 1.67 24.03 -49.39
C LEU B 252 0.79 22.80 -49.56
N ASN B 253 -0.18 22.89 -50.48
CA ASN B 253 -1.13 21.80 -50.70
C ASN B 253 -0.49 20.58 -51.35
N GLU B 254 0.55 20.82 -52.14
CA GLU B 254 1.29 19.74 -52.79
C GLU B 254 2.10 18.99 -51.73
N LEU B 255 2.81 19.75 -50.90
CA LEU B 255 3.59 19.17 -49.81
C LEU B 255 2.71 18.41 -48.83
N ILE B 256 1.49 18.92 -48.56
CA ILE B 256 0.53 18.23 -47.67
C ILE B 256 0.07 16.92 -48.30
N THR B 257 -0.16 16.93 -49.61
CA THR B 257 -0.56 15.73 -50.34
C THR B 257 0.60 14.74 -50.46
N ASN B 258 1.79 15.24 -50.81
CA ASN B 258 3.00 14.40 -50.88
C ASN B 258 3.35 13.72 -49.57
N LEU B 259 3.32 14.49 -48.48
CA LEU B 259 3.59 13.97 -47.14
C LEU B 259 2.55 12.92 -46.75
N GLN B 260 1.28 13.28 -46.93
CA GLN B 260 0.14 12.38 -46.72
C GLN B 260 0.36 11.02 -47.41
N ASN B 261 0.67 11.06 -48.70
CA ASN B 261 0.86 9.84 -49.49
C ASN B 261 1.98 8.95 -48.94
N GLU B 262 3.11 9.55 -48.62
CA GLU B 262 4.26 8.80 -48.13
C GLU B 262 3.98 8.21 -46.75
N LEU B 263 3.26 8.96 -45.93
CA LEU B 263 2.92 8.50 -44.59
C LEU B 263 2.01 7.28 -44.64
N VAL B 264 0.92 7.37 -45.41
CA VAL B 264 -0.05 6.25 -45.52
C VAL B 264 0.62 5.06 -46.21
N LYS B 265 1.63 5.33 -47.04
CA LYS B 265 2.36 4.28 -47.75
C LYS B 265 3.28 3.50 -46.81
N GLU B 266 4.08 4.19 -46.00
CA GLU B 266 4.92 3.51 -45.01
C GLU B 266 4.11 2.93 -43.87
N LEU B 267 2.90 3.46 -43.65
CA LEU B 267 2.00 2.97 -42.60
C LEU B 267 1.37 1.63 -42.98
N VAL B 268 0.82 1.51 -44.18
CA VAL B 268 0.17 0.26 -44.61
C VAL B 268 1.13 -0.94 -44.67
N LYS B 269 2.40 -0.65 -44.91
CA LYS B 269 3.46 -1.67 -44.91
C LYS B 269 3.63 -2.23 -43.51
N SER B 270 3.52 -1.32 -42.53
CA SER B 270 3.60 -1.67 -41.13
C SER B 270 2.25 -2.17 -40.66
N ASP B 271 1.21 -1.36 -40.88
CA ASP B 271 -0.16 -1.70 -40.50
C ASP B 271 -1.12 -1.16 -41.57
N PRO B 272 -1.66 -2.04 -42.44
CA PRO B 272 -2.49 -1.60 -43.58
C PRO B 272 -3.82 -0.95 -43.19
N GLN B 273 -4.10 -0.88 -41.90
CA GLN B 273 -5.41 -0.50 -41.39
C GLN B 273 -5.58 1.02 -41.21
N TYR B 274 -4.48 1.79 -41.31
CA TYR B 274 -4.52 3.26 -41.32
C TYR B 274 -4.37 3.81 -42.74
N SER B 275 -5.37 3.50 -43.57
CA SER B 275 -5.32 3.79 -45.02
C SER B 275 -6.00 5.11 -45.37
N LYS B 276 -7.03 5.46 -44.61
CA LYS B 276 -7.83 6.65 -44.87
C LYS B 276 -7.60 7.74 -43.81
N LEU B 277 -6.38 8.27 -43.77
CA LEU B 277 -6.03 9.33 -42.82
C LEU B 277 -5.74 10.60 -43.59
N SER B 278 -6.11 11.74 -43.02
CA SER B 278 -5.99 13.01 -43.73
C SER B 278 -5.04 13.96 -42.99
N LEU B 279 -4.19 14.62 -43.76
CA LEU B 279 -3.30 15.66 -43.26
C LEU B 279 -3.80 17.07 -43.64
N SER B 280 -5.03 17.16 -44.14
CA SER B 280 -5.63 18.42 -44.59
C SER B 280 -6.55 19.02 -43.53
N LYS B 281 -6.80 18.29 -42.45
CA LYS B 281 -7.62 18.78 -41.32
C LYS B 281 -7.11 18.23 -39.98
N ASP B 282 -7.11 19.06 -38.93
CA ASP B 282 -6.59 18.67 -37.60
C ASP B 282 -7.64 17.85 -36.80
N PRO B 283 -7.23 17.16 -35.71
CA PRO B 283 -8.17 16.24 -35.03
C PRO B 283 -9.49 16.89 -34.58
N ARG B 284 -9.48 18.21 -34.40
CA ARG B 284 -10.70 18.95 -34.10
C ARG B 284 -11.70 18.81 -35.25
N GLY B 285 -11.25 19.06 -36.48
CA GLY B 285 -12.12 19.13 -37.64
C GLY B 285 -11.92 20.38 -38.49
N LYS B 286 -10.99 21.24 -38.05
CA LYS B 286 -10.70 22.50 -38.75
C LYS B 286 -9.70 22.30 -39.89
N GLU B 287 -9.85 23.10 -40.95
CA GLU B 287 -9.12 22.93 -42.21
C GLU B 287 -7.68 23.48 -42.18
N ILE B 288 -6.69 22.61 -42.40
CA ILE B 288 -5.26 22.98 -42.36
C ILE B 288 -4.88 23.80 -43.61
N ASN B 289 -4.45 25.05 -43.39
CA ASN B 289 -4.02 25.93 -44.49
C ASN B 289 -3.09 27.06 -44.03
N TYR B 290 -2.53 27.82 -44.98
CA TYR B 290 -1.45 28.78 -44.70
C TYR B 290 -1.74 29.76 -43.55
N ASP B 291 -2.93 30.35 -43.58
CA ASP B 291 -3.43 31.22 -42.51
C ASP B 291 -3.40 30.54 -41.13
N TYR B 292 -3.64 29.23 -41.13
CA TYR B 292 -3.89 28.50 -39.89
C TYR B 292 -2.63 28.17 -39.09
N LEU B 293 -1.54 27.90 -39.81
CA LEU B 293 -0.28 27.54 -39.17
C LEU B 293 0.57 28.78 -38.90
N VAL B 294 0.38 29.82 -39.72
CA VAL B 294 1.15 31.05 -39.60
C VAL B 294 0.45 32.14 -38.78
N ASN B 295 -0.85 32.34 -39.00
CA ASN B 295 -1.58 33.48 -38.40
C ASN B 295 -2.58 33.15 -37.27
N SER B 296 -2.88 31.87 -37.05
CA SER B 296 -3.82 31.45 -35.98
C SER B 296 -3.15 30.66 -34.85
N LEU B 297 -2.06 29.97 -35.16
CA LEU B 297 -1.30 29.24 -34.14
C LEU B 297 0.06 29.87 -33.86
N MET B 298 0.62 30.56 -34.86
CA MET B 298 1.92 31.24 -34.76
C MET B 298 3.13 30.29 -34.75
N LEU B 299 2.93 29.00 -35.01
CA LEU B 299 4.04 28.04 -34.89
C LEU B 299 5.05 28.23 -36.02
N VAL B 300 4.55 28.22 -37.25
CA VAL B 300 5.42 28.30 -38.41
C VAL B 300 5.29 29.67 -39.05
N ASP B 301 6.42 30.39 -39.10
CA ASP B 301 6.47 31.70 -39.73
C ASP B 301 6.55 31.50 -41.24
N ASN B 302 6.61 32.60 -41.96
CA ASN B 302 6.87 32.56 -43.39
C ASN B 302 8.39 32.35 -43.58
N ASP B 303 8.79 31.82 -44.74
CA ASP B 303 10.12 31.18 -44.98
C ASP B 303 10.66 30.16 -43.95
N SER B 304 9.77 29.49 -43.21
CA SER B 304 10.21 28.38 -42.34
C SER B 304 10.70 27.22 -43.20
N GLU B 305 11.65 26.46 -42.67
CA GLU B 305 12.26 25.35 -43.43
C GLU B 305 11.24 24.26 -43.74
N ILE B 306 11.55 23.46 -44.76
CA ILE B 306 10.61 22.47 -45.29
C ILE B 306 10.28 21.44 -44.23
N GLY B 307 11.30 21.04 -43.46
CA GLY B 307 11.16 20.07 -42.38
C GLY B 307 10.33 20.58 -41.21
N ASP B 308 10.47 21.86 -40.87
CA ASP B 308 9.70 22.48 -39.78
C ASP B 308 8.23 22.59 -40.15
N TRP B 309 7.97 22.85 -41.43
CA TRP B 309 6.61 22.78 -42.00
C TRP B 309 6.08 21.35 -41.84
N ILE B 310 6.90 20.37 -42.25
CA ILE B 310 6.55 18.95 -42.12
C ILE B 310 6.35 18.55 -40.66
N ASP B 311 7.28 18.94 -39.78
CA ASP B 311 7.13 18.76 -38.33
C ASP B 311 5.77 19.24 -37.87
N THR B 312 5.48 20.51 -38.14
CA THR B 312 4.26 21.17 -37.65
C THR B 312 2.99 20.58 -38.26
N ILE B 313 3.01 20.29 -39.56
CA ILE B 313 1.86 19.64 -40.20
C ILE B 313 1.55 18.36 -39.46
N LEU B 314 2.61 17.58 -39.19
CA LEU B 314 2.47 16.31 -38.51
C LEU B 314 1.93 16.55 -37.10
N ASP B 315 2.61 17.40 -36.33
CA ASP B 315 2.21 17.65 -34.95
C ASP B 315 0.75 18.14 -34.84
N ALA B 316 0.33 18.97 -35.79
CA ALA B 316 -1.03 19.54 -35.78
C ALA B 316 -2.12 18.53 -36.16
N THR B 317 -1.86 17.71 -37.17
CA THR B 317 -2.85 16.77 -37.68
C THR B 317 -2.80 15.37 -37.08
N VAL B 318 -1.62 14.88 -36.75
CA VAL B 318 -1.48 13.47 -36.34
C VAL B 318 -1.63 13.32 -34.83
N ASP B 319 -2.20 12.19 -34.44
CA ASP B 319 -2.42 11.84 -33.04
C ASP B 319 -1.09 11.33 -32.44
N SER B 320 -0.95 11.37 -31.11
CA SER B 320 0.29 10.95 -30.44
C SER B 320 0.43 9.43 -30.43
N THR B 321 -0.70 8.73 -30.46
CA THR B 321 -0.73 7.27 -30.33
C THR B 321 -0.28 6.56 -31.60
N VAL B 322 -0.27 7.29 -32.70
CA VAL B 322 -0.11 6.77 -34.05
C VAL B 322 1.22 6.09 -34.30
N TRP B 323 2.28 6.62 -33.70
CA TRP B 323 3.60 6.03 -33.88
C TRP B 323 4.09 5.37 -32.63
N ALA B 324 4.48 4.11 -32.75
CA ALA B 324 5.07 3.36 -31.64
C ALA B 324 4.28 3.31 -30.33
N VAL B 325 2.98 3.00 -30.37
CA VAL B 325 2.18 2.85 -31.58
C VAL B 325 2.50 1.61 -32.40
N GLN B 326 3.76 1.52 -32.82
CA GLN B 326 4.19 0.47 -33.71
C GLN B 326 5.08 -0.51 -32.98
N ALA B 327 4.83 -1.80 -33.17
CA ALA B 327 5.57 -2.84 -32.46
C ALA B 327 7.04 -2.76 -32.82
N SER B 328 7.89 -2.97 -31.83
CA SER B 328 9.32 -2.73 -31.97
C SER B 328 10.15 -3.92 -31.55
N SER B 329 11.35 -4.02 -32.14
CA SER B 329 12.30 -5.06 -31.80
C SER B 329 12.93 -4.85 -30.43
N PRO B 330 13.29 -5.96 -29.79
CA PRO B 330 13.98 -5.94 -28.51
C PRO B 330 15.33 -5.28 -28.68
N PHE B 331 15.96 -5.54 -29.82
CA PHE B 331 17.32 -5.06 -30.10
C PHE B 331 17.46 -3.55 -30.04
N TYR B 332 16.42 -2.83 -30.42
CA TYR B 332 16.47 -1.38 -30.47
C TYR B 332 15.73 -0.86 -29.25
N GLN B 333 16.50 -0.49 -28.23
CA GLN B 333 15.94 -0.03 -26.97
C GLN B 333 15.88 1.49 -26.85
N GLY B 334 16.41 2.19 -27.85
CA GLY B 334 16.40 3.64 -27.86
C GLY B 334 17.77 4.29 -27.77
N ALA B 335 18.74 3.60 -27.19
CA ALA B 335 20.08 4.17 -26.93
C ALA B 335 20.81 4.62 -28.19
N LYS B 336 21.68 5.62 -28.03
CA LYS B 336 22.47 6.17 -29.14
C LYS B 336 23.50 5.20 -29.64
N GLU B 337 24.21 4.58 -28.70
CA GLU B 337 25.34 3.79 -29.06
C GLU B 337 25.65 2.76 -27.97
N ILE B 338 26.40 1.74 -28.35
CA ILE B 338 26.88 0.72 -27.44
C ILE B 338 28.17 1.25 -26.80
N SER B 339 28.02 1.90 -25.64
CA SER B 339 29.11 2.72 -25.06
C SER B 339 29.65 2.25 -23.69
N SER B 340 29.68 0.94 -23.48
CA SER B 340 30.27 0.32 -22.27
C SER B 340 30.29 -1.18 -22.46
N ASP B 341 30.74 -1.91 -21.43
CA ASP B 341 30.71 -3.38 -21.46
C ASP B 341 29.33 -3.94 -21.14
N ARG B 342 28.69 -3.35 -20.13
CA ARG B 342 27.34 -3.71 -19.75
C ARG B 342 26.41 -3.76 -20.97
N ASP B 343 26.46 -2.73 -21.80
CA ASP B 343 25.63 -2.67 -23.00
C ASP B 343 25.95 -3.82 -23.95
N ALA B 344 27.24 -4.12 -24.13
CA ALA B 344 27.68 -5.14 -25.07
C ALA B 344 27.15 -6.51 -24.68
N ASP B 345 27.16 -6.80 -23.39
CA ASP B 345 26.63 -8.06 -22.89
C ASP B 345 25.10 -8.18 -23.03
N LYS B 346 24.40 -7.07 -22.79
CA LYS B 346 22.97 -7.02 -22.97
C LYS B 346 22.65 -7.45 -24.36
N ILE B 347 23.44 -6.98 -25.33
CA ILE B 347 23.18 -7.32 -26.73
C ILE B 347 23.76 -8.68 -27.11
N SER B 348 24.97 -8.99 -26.65
CA SER B 348 25.49 -10.35 -26.80
C SER B 348 24.37 -11.35 -26.46
N ILE B 349 23.83 -11.22 -25.26
CA ILE B 349 22.78 -12.10 -24.76
C ILE B 349 21.50 -12.07 -25.58
N ARG B 350 21.13 -10.88 -26.01
CA ARG B 350 19.97 -10.70 -26.85
C ARG B 350 20.14 -11.53 -28.13
N VAL B 351 21.28 -11.36 -28.77
CA VAL B 351 21.59 -12.08 -30.00
C VAL B 351 21.63 -13.58 -29.76
N GLN B 352 22.29 -13.99 -28.68
CA GLN B 352 22.36 -15.41 -28.32
C GLN B 352 20.93 -15.94 -28.12
N TYR B 353 20.10 -15.15 -27.47
CA TYR B 353 18.79 -15.62 -27.14
C TYR B 353 17.94 -15.80 -28.40
N LEU B 354 18.13 -14.90 -29.35
CA LEU B 354 17.48 -15.04 -30.65
C LEU B 354 17.91 -16.33 -31.34
N LEU B 355 19.19 -16.68 -31.25
CA LEU B 355 19.67 -17.92 -31.87
C LEU B 355 19.10 -19.13 -31.14
N ALA B 356 19.11 -19.03 -29.82
CA ALA B 356 18.40 -19.98 -28.98
C ALA B 356 16.95 -20.17 -29.44
N GLU B 357 16.24 -19.08 -29.67
CA GLU B 357 14.83 -19.18 -30.07
C GLU B 357 14.63 -19.83 -31.43
N ALA B 358 15.44 -19.43 -32.39
CA ALA B 358 15.42 -20.07 -33.69
C ALA B 358 15.69 -21.57 -33.52
N ASN B 359 16.75 -21.90 -32.79
CA ASN B 359 17.08 -23.30 -32.53
C ASN B 359 15.87 -24.06 -31.96
N ILE B 360 15.19 -23.46 -30.98
CA ILE B 360 13.96 -24.03 -30.42
C ILE B 360 12.89 -24.29 -31.50
N TYR B 361 12.65 -23.30 -32.36
CA TYR B 361 11.67 -23.43 -33.44
C TYR B 361 12.01 -24.62 -34.29
N CYS B 362 13.25 -24.65 -34.74
CA CYS B 362 13.72 -25.75 -35.56
C CYS B 362 13.61 -27.11 -34.85
N LYS B 363 13.73 -27.15 -33.53
CA LYS B 363 13.66 -28.43 -32.79
C LYS B 363 12.22 -28.94 -32.52
N THR B 364 11.33 -28.05 -32.09
CA THR B 364 9.94 -28.46 -31.84
C THR B 364 9.23 -28.84 -33.13
N ASN B 365 9.62 -28.16 -34.21
CA ASN B 365 9.06 -28.41 -35.55
C ASN B 365 9.75 -29.53 -36.35
N LYS B 366 10.63 -30.29 -35.70
CA LYS B 366 11.23 -31.50 -36.27
C LYS B 366 12.08 -31.27 -37.52
N LEU B 367 12.42 -30.00 -37.79
CA LEU B 367 13.28 -29.64 -38.93
C LEU B 367 14.74 -30.02 -38.67
N SER B 368 15.21 -29.79 -37.43
CA SER B 368 16.57 -30.17 -37.01
C SER B 368 16.64 -30.68 -35.58
N ASP B 369 17.72 -31.41 -35.29
CA ASP B 369 17.97 -31.95 -33.96
C ASP B 369 19.26 -31.35 -33.38
N ALA B 370 19.85 -30.40 -34.09
CA ALA B 370 21.18 -29.92 -33.76
C ALA B 370 21.21 -28.92 -32.60
N ASN B 371 22.43 -28.51 -32.22
CA ASN B 371 22.70 -27.46 -31.25
C ASN B 371 23.30 -26.26 -31.98
N PHE B 372 22.46 -25.28 -32.33
CA PHE B 372 22.91 -24.11 -33.07
C PHE B 372 24.14 -23.49 -32.44
N GLY B 373 24.23 -23.55 -31.12
CA GLY B 373 25.34 -22.93 -30.40
C GLY B 373 26.69 -23.59 -30.61
N GLU B 374 26.63 -24.90 -30.90
CA GLU B 374 27.84 -25.66 -31.20
C GLU B 374 28.45 -25.19 -32.52
N PHE B 375 27.59 -24.71 -33.42
CA PHE B 375 28.03 -24.20 -34.71
C PHE B 375 28.49 -22.74 -34.65
N PHE B 376 27.72 -21.90 -33.97
CA PHE B 376 28.03 -20.45 -33.91
C PHE B 376 29.17 -20.08 -32.96
N ASP B 377 29.70 -21.04 -32.20
CA ASP B 377 30.89 -20.82 -31.36
C ASP B 377 32.17 -21.03 -32.18
N LYS B 378 32.08 -21.88 -33.20
CA LYS B 378 33.19 -22.16 -34.13
C LYS B 378 33.52 -20.96 -35.00
N GLU B 379 34.75 -20.92 -35.49
CA GLU B 379 35.17 -19.90 -36.45
C GLU B 379 34.97 -20.43 -37.87
N PRO B 380 34.70 -19.54 -38.82
CA PRO B 380 34.60 -18.07 -38.75
C PRO B 380 33.27 -17.53 -38.19
N HIS B 381 32.29 -18.43 -38.07
CA HIS B 381 30.91 -18.11 -37.71
C HIS B 381 30.79 -17.21 -36.50
N ALA B 382 31.51 -17.52 -35.43
CA ALA B 382 31.52 -16.67 -34.25
C ALA B 382 31.78 -15.21 -34.61
N THR B 383 32.83 -14.97 -35.37
CA THR B 383 33.26 -13.60 -35.66
C THR B 383 32.44 -12.96 -36.79
N GLU B 384 32.00 -13.76 -37.76
CA GLU B 384 31.30 -13.25 -38.93
C GLU B 384 29.91 -12.71 -38.54
N ILE B 385 29.20 -13.46 -37.69
CA ILE B 385 27.88 -12.99 -37.19
C ILE B 385 28.01 -11.79 -36.24
N ALA B 386 29.07 -11.77 -35.44
CA ALA B 386 29.35 -10.62 -34.56
C ALA B 386 29.59 -9.35 -35.36
N LYS B 387 30.23 -9.51 -36.52
CA LYS B 387 30.55 -8.39 -37.39
C LYS B 387 29.30 -7.87 -38.06
N ARG B 388 28.59 -8.75 -38.77
CA ARG B 388 27.34 -8.40 -39.47
C ARG B 388 26.33 -7.68 -38.57
N VAL B 389 26.31 -8.06 -37.30
CA VAL B 389 25.44 -7.42 -36.31
C VAL B 389 25.92 -6.00 -35.99
N LYS B 390 27.22 -5.81 -35.79
CA LYS B 390 27.77 -4.48 -35.56
C LYS B 390 27.52 -3.57 -36.77
N GLU B 391 27.76 -4.10 -37.96
CA GLU B 391 27.41 -3.41 -39.21
C GLU B 391 25.94 -2.98 -39.15
N GLY B 392 25.07 -3.96 -38.96
CA GLY B 392 23.62 -3.73 -38.93
C GLY B 392 23.17 -2.61 -37.99
N PHE B 393 23.76 -2.55 -36.80
CA PHE B 393 23.40 -1.53 -35.79
C PHE B 393 23.74 -0.13 -36.24
N THR B 394 24.90 0.03 -36.86
CA THR B 394 25.38 1.31 -37.37
C THR B 394 24.45 1.80 -38.48
N GLN B 395 24.07 0.88 -39.36
CA GLN B 395 23.17 1.19 -40.46
C GLN B 395 21.70 1.27 -40.03
N GLY B 396 21.41 0.81 -38.82
CA GLY B 396 20.03 0.83 -38.27
C GLY B 396 19.10 -0.23 -38.82
N ALA B 397 19.66 -1.24 -39.49
CA ALA B 397 18.85 -2.28 -40.14
C ALA B 397 18.21 -3.23 -39.12
N ASP B 398 17.23 -3.98 -39.61
CA ASP B 398 16.59 -5.00 -38.80
C ASP B 398 17.60 -6.11 -38.52
N ILE B 399 17.78 -6.37 -37.24
CA ILE B 399 18.80 -7.29 -36.77
C ILE B 399 18.38 -8.74 -37.00
N GLU B 400 17.11 -9.03 -36.72
CA GLU B 400 16.59 -10.40 -36.77
C GLU B 400 16.90 -11.11 -38.11
N PRO B 401 16.60 -10.49 -39.25
CA PRO B 401 16.90 -11.12 -40.56
C PRO B 401 18.38 -11.37 -40.84
N ILE B 402 19.24 -10.51 -40.30
CA ILE B 402 20.69 -10.70 -40.44
C ILE B 402 21.01 -12.13 -40.01
N ILE B 403 20.58 -12.45 -38.78
CA ILE B 403 20.76 -13.77 -38.19
C ILE B 403 20.11 -14.89 -39.04
N TYR B 404 18.86 -14.68 -39.47
CA TYR B 404 18.14 -15.70 -40.26
C TYR B 404 18.86 -15.96 -41.59
N ASP B 405 19.43 -14.90 -42.17
CA ASP B 405 20.16 -15.02 -43.43
C ASP B 405 21.38 -15.91 -43.26
N TYR B 406 22.14 -15.67 -42.20
CA TYR B 406 23.32 -16.48 -41.89
C TYR B 406 22.97 -17.94 -41.63
N ILE B 407 21.82 -18.18 -41.00
CA ILE B 407 21.33 -19.54 -40.82
C ILE B 407 21.05 -20.19 -42.17
N ASN B 408 20.27 -19.50 -43.01
CA ASN B 408 19.96 -19.97 -44.36
C ASN B 408 21.22 -20.23 -45.18
N SER B 409 22.18 -19.31 -45.08
CA SER B 409 23.50 -19.47 -45.69
C SER B 409 24.22 -20.77 -45.32
N ASN B 410 23.90 -21.34 -44.16
CA ASN B 410 24.52 -22.58 -43.72
C ASN B 410 23.48 -23.60 -43.31
N HIS B 411 22.30 -23.52 -43.91
CA HIS B 411 21.16 -24.28 -43.43
C HIS B 411 21.39 -25.80 -43.41
N ALA B 412 22.22 -26.31 -44.32
CA ALA B 412 22.53 -27.74 -44.34
C ALA B 412 23.44 -28.14 -43.17
N GLU B 413 24.39 -27.25 -42.87
CA GLU B 413 25.33 -27.48 -41.75
C GLU B 413 24.65 -27.48 -40.39
N LEU B 414 23.48 -26.84 -40.30
CA LEU B 414 22.70 -26.76 -39.07
C LEU B 414 21.61 -27.85 -38.99
N GLY B 415 21.68 -28.84 -39.87
CA GLY B 415 20.84 -30.03 -39.80
C GLY B 415 19.45 -29.86 -40.40
N LEU B 416 19.30 -28.87 -41.29
CA LEU B 416 18.04 -28.58 -42.00
C LEU B 416 18.11 -28.97 -43.47
N LYS B 417 16.97 -29.39 -44.02
CA LYS B 417 16.87 -29.80 -45.42
C LYS B 417 16.62 -28.59 -46.32
N SER B 418 15.66 -27.76 -45.94
CA SER B 418 15.41 -26.48 -46.60
C SER B 418 15.71 -25.36 -45.61
N PRO B 419 16.10 -24.17 -46.10
CA PRO B 419 16.27 -23.05 -45.20
C PRO B 419 14.93 -22.52 -44.69
N LEU B 420 14.96 -21.48 -43.89
CA LEU B 420 13.77 -20.93 -43.24
C LEU B 420 13.01 -19.99 -44.18
N THR B 421 11.71 -20.24 -44.35
CA THR B 421 10.86 -19.36 -45.18
C THR B 421 10.57 -18.05 -44.48
N GLY B 422 10.03 -17.08 -45.22
CA GLY B 422 9.74 -15.75 -44.68
C GLY B 422 8.68 -15.77 -43.59
N LYS B 423 7.77 -16.75 -43.68
CA LYS B 423 6.73 -16.97 -42.69
C LYS B 423 7.35 -17.56 -41.42
N GLN B 424 8.11 -18.65 -41.60
CA GLN B 424 8.86 -19.30 -40.51
C GLN B 424 9.73 -18.30 -39.75
N GLN B 425 10.39 -17.42 -40.47
CA GLN B 425 11.20 -16.38 -39.86
C GLN B 425 10.40 -15.39 -39.00
N GLN B 426 9.17 -15.08 -39.40
CA GLN B 426 8.35 -14.17 -38.60
C GLN B 426 7.87 -14.89 -37.34
N GLU B 427 7.48 -16.15 -37.48
CA GLU B 427 7.06 -16.98 -36.34
C GLU B 427 8.13 -16.96 -35.25
N ILE B 428 9.37 -17.21 -35.65
CA ILE B 428 10.50 -17.14 -34.73
C ILE B 428 10.63 -15.74 -34.13
N THR B 429 10.63 -14.70 -34.96
CA THR B 429 10.86 -13.35 -34.46
C THR B 429 9.85 -12.98 -33.39
N ASP B 430 8.60 -13.39 -33.58
CA ASP B 430 7.52 -13.01 -32.68
C ASP B 430 7.65 -13.73 -31.33
N LYS B 431 7.98 -15.02 -31.35
CA LYS B 431 8.28 -15.77 -30.12
C LYS B 431 9.47 -15.17 -29.36
N PHE B 432 10.53 -14.88 -30.11
CA PHE B 432 11.69 -14.21 -29.55
C PHE B 432 11.31 -12.91 -28.87
N THR B 433 10.35 -12.21 -29.47
CA THR B 433 9.90 -10.94 -28.90
C THR B 433 9.12 -11.19 -27.62
N LYS B 434 8.11 -12.03 -27.73
CA LYS B 434 7.29 -12.31 -26.59
C LYS B 434 8.19 -12.70 -25.41
N HIS B 435 9.00 -13.75 -25.62
CA HIS B 435 9.77 -14.35 -24.53
C HIS B 435 10.87 -13.47 -24.00
N TYR B 436 11.52 -12.69 -24.85
CA TYR B 436 12.60 -11.82 -24.34
C TYR B 436 12.01 -10.75 -23.43
N ASN B 437 10.83 -10.26 -23.76
CA ASN B 437 10.22 -9.19 -22.99
C ASN B 437 9.79 -9.68 -21.64
N THR B 438 9.46 -10.97 -21.58
CA THR B 438 9.19 -11.64 -20.31
C THR B 438 10.42 -11.71 -19.41
N ILE B 439 11.58 -11.99 -19.98
CA ILE B 439 12.79 -12.21 -19.17
C ILE B 439 13.70 -10.98 -19.09
N LYS B 440 13.28 -9.92 -19.79
CA LYS B 440 14.01 -8.67 -19.91
C LYS B 440 14.63 -8.27 -18.57
N GLU B 441 13.88 -8.45 -17.50
CA GLU B 441 14.34 -8.04 -16.17
C GLU B 441 14.65 -9.23 -15.24
N SER B 442 15.11 -10.34 -15.84
CA SER B 442 15.57 -11.49 -15.09
C SER B 442 16.91 -11.14 -14.40
N PRO B 443 17.13 -11.67 -13.18
CA PRO B 443 18.42 -11.45 -12.58
C PRO B 443 19.52 -12.03 -13.44
N HIS B 444 19.29 -13.24 -13.93
CA HIS B 444 20.34 -13.98 -14.60
C HIS B 444 19.97 -14.33 -16.02
N PHE B 445 20.99 -14.48 -16.85
CA PHE B 445 20.79 -14.89 -18.23
C PHE B 445 21.60 -16.14 -18.57
N ASP B 446 21.81 -17.02 -17.58
CA ASP B 446 22.58 -18.23 -17.81
C ASP B 446 21.79 -19.25 -18.58
N GLU B 447 20.56 -19.51 -18.13
CA GLU B 447 19.70 -20.49 -18.79
C GLU B 447 18.22 -20.17 -18.71
N PHE B 448 17.44 -20.73 -19.62
CA PHE B 448 16.01 -20.51 -19.64
C PHE B 448 15.32 -21.80 -20.11
N PHE B 449 14.28 -22.21 -19.41
CA PHE B 449 13.45 -23.30 -19.85
C PHE B 449 12.30 -22.69 -20.65
N VAL B 450 12.14 -23.16 -21.87
CA VAL B 450 11.10 -22.65 -22.76
C VAL B 450 10.17 -23.79 -23.16
N ALA B 451 8.86 -23.56 -23.07
CA ALA B 451 7.84 -24.56 -23.42
C ALA B 451 6.91 -24.09 -24.56
N ASP B 452 6.40 -25.06 -25.31
CA ASP B 452 5.34 -24.82 -26.30
C ASP B 452 4.12 -25.70 -26.02
N PRO B 453 3.09 -25.12 -25.38
CA PRO B 453 1.89 -25.82 -24.99
C PRO B 453 0.90 -26.11 -26.16
N ASP B 454 1.16 -25.53 -27.32
CA ASP B 454 0.32 -25.75 -28.50
C ASP B 454 0.80 -26.95 -29.30
N LYS B 455 1.98 -27.47 -28.95
CA LYS B 455 2.48 -28.74 -29.51
C LYS B 455 2.39 -29.84 -28.49
N LYS B 456 2.31 -31.08 -28.97
CA LYS B 456 2.28 -32.26 -28.11
C LYS B 456 3.64 -32.57 -27.49
N GLY B 457 3.62 -33.18 -26.31
CA GLY B 457 4.79 -33.57 -25.61
C GLY B 457 4.42 -33.84 -24.18
N ASN B 458 5.45 -34.07 -23.37
CA ASN B 458 5.27 -34.50 -22.00
C ASN B 458 5.18 -33.32 -21.02
N ILE B 459 5.34 -32.09 -21.53
CA ILE B 459 5.29 -30.85 -20.74
C ILE B 459 4.02 -30.01 -21.02
N PHE B 460 3.48 -29.42 -19.96
CA PHE B 460 2.21 -28.67 -20.00
C PHE B 460 2.38 -27.27 -19.41
N SER B 461 1.34 -26.46 -19.57
CA SER B 461 1.26 -25.16 -18.94
C SER B 461 -0.08 -25.02 -18.20
N HIS B 462 0.01 -24.91 -16.87
CA HIS B 462 -1.15 -24.90 -15.97
C HIS B 462 -0.90 -23.96 -14.78
N GLN B 463 -1.79 -22.98 -14.61
CA GLN B 463 -1.74 -22.05 -13.51
C GLN B 463 -0.41 -21.29 -13.43
N GLY B 464 0.15 -20.94 -14.58
CA GLY B 464 1.36 -20.14 -14.59
C GLY B 464 2.56 -20.92 -14.07
N ARG B 465 2.53 -22.22 -14.30
CA ARG B 465 3.64 -23.10 -14.03
C ARG B 465 3.84 -23.96 -15.24
N ILE B 466 5.09 -24.17 -15.60
CA ILE B 466 5.46 -25.10 -16.64
C ILE B 466 5.62 -26.43 -15.89
N SER B 467 4.83 -27.45 -16.27
CA SER B 467 4.65 -28.70 -15.49
C SER B 467 4.65 -30.06 -16.27
N CYS B 468 4.97 -31.13 -15.54
CA CYS B 468 4.93 -32.50 -16.07
C CYS B 468 3.74 -33.20 -15.39
N HIS B 469 3.33 -34.37 -15.88
CA HIS B 469 2.27 -35.10 -15.22
C HIS B 469 2.83 -35.83 -14.01
N PHE B 470 2.21 -35.68 -12.83
CA PHE B 470 2.77 -36.27 -11.61
C PHE B 470 3.01 -37.74 -11.75
N LEU B 471 2.10 -38.42 -12.44
CA LEU B 471 2.25 -39.84 -12.78
C LEU B 471 3.49 -40.16 -13.62
N ASP B 472 3.80 -39.32 -14.61
CA ASP B 472 5.03 -39.51 -15.36
C ASP B 472 6.23 -39.48 -14.41
N PHE B 473 6.29 -38.51 -13.52
CA PHE B 473 7.37 -38.44 -12.55
C PHE B 473 7.40 -39.63 -11.56
N PHE B 474 6.21 -40.13 -11.22
CA PHE B 474 6.08 -41.23 -10.25
C PHE B 474 6.53 -42.54 -10.86
N THR B 475 5.90 -42.90 -11.97
CA THR B 475 6.35 -44.00 -12.80
C THR B 475 7.88 -44.05 -12.79
N ARG B 476 8.51 -42.93 -13.11
CA ARG B 476 9.96 -42.89 -13.29
C ARG B 476 10.75 -42.90 -12.00
N GLN B 477 10.28 -42.20 -10.98
CA GLN B 477 11.05 -42.14 -9.74
C GLN B 477 11.05 -43.48 -9.01
N THR B 478 9.93 -44.21 -9.09
CA THR B 478 9.82 -45.56 -8.52
C THR B 478 10.32 -46.66 -9.47
N LYS B 479 10.66 -46.28 -10.70
CA LYS B 479 11.26 -47.19 -11.70
C LYS B 479 10.31 -48.33 -12.10
N GLY B 480 9.00 -48.03 -12.10
CA GLY B 480 7.99 -49.01 -12.54
C GLY B 480 7.56 -49.99 -11.45
N LYS B 481 8.09 -49.82 -10.24
CA LYS B 481 7.86 -50.74 -9.15
C LYS B 481 6.42 -50.74 -8.65
N HIS B 482 5.87 -49.57 -8.34
CA HIS B 482 4.50 -49.46 -7.84
C HIS B 482 3.56 -49.17 -9.01
N PRO B 483 2.65 -50.11 -9.31
CA PRO B 483 1.71 -49.90 -10.40
C PRO B 483 0.65 -48.87 -10.02
N LEU B 484 0.09 -48.19 -11.02
CA LEU B 484 -0.80 -47.06 -10.74
C LEU B 484 -2.23 -47.44 -10.32
N GLY B 485 -2.61 -48.70 -10.51
CA GLY B 485 -3.99 -49.11 -10.25
C GLY B 485 -4.90 -48.50 -11.29
N ASP B 486 -5.98 -47.87 -10.83
CA ASP B 486 -6.95 -47.22 -11.74
C ASP B 486 -6.42 -45.93 -12.41
N LEU B 487 -5.27 -45.44 -11.98
CA LEU B 487 -4.69 -44.24 -12.58
C LEU B 487 -3.72 -44.56 -13.72
N ALA B 488 -3.68 -45.83 -14.12
CA ALA B 488 -2.69 -46.30 -15.09
C ALA B 488 -2.97 -45.88 -16.53
N SER B 489 -4.17 -45.36 -16.79
CA SER B 489 -4.52 -44.91 -18.14
C SER B 489 -4.56 -43.39 -18.23
N HIS B 490 -4.23 -42.72 -17.12
CA HIS B 490 -4.49 -41.28 -16.97
C HIS B 490 -3.54 -40.41 -17.79
N GLN B 491 -2.24 -40.66 -17.63
CA GLN B 491 -1.23 -39.97 -18.44
C GLN B 491 -1.66 -39.94 -19.91
N GLU B 492 -2.07 -41.11 -20.42
CA GLU B 492 -2.50 -41.25 -21.82
C GLU B 492 -3.64 -40.30 -22.09
N ALA B 493 -4.68 -40.43 -21.27
CA ALA B 493 -5.85 -39.55 -21.33
C ALA B 493 -5.52 -38.06 -21.50
N LEU B 494 -4.58 -37.55 -20.71
CA LEU B 494 -4.20 -36.15 -20.85
C LEU B 494 -3.51 -35.91 -22.20
N GLN B 495 -2.58 -36.79 -22.56
CA GLN B 495 -1.94 -36.69 -23.87
C GLN B 495 -2.98 -36.62 -24.99
N GLU B 496 -3.98 -37.48 -24.88
CA GLU B 496 -5.11 -37.52 -25.82
C GLU B 496 -5.90 -36.22 -25.87
N GLY B 497 -5.48 -35.20 -25.14
CA GLY B 497 -6.22 -33.96 -25.11
C GLY B 497 -6.08 -33.14 -26.38
N THR B 498 -6.79 -32.01 -26.40
CA THR B 498 -6.71 -31.04 -27.50
C THR B 498 -5.40 -30.21 -27.44
N SER B 499 -5.09 -29.65 -26.26
CA SER B 499 -3.88 -28.83 -26.06
C SER B 499 -3.11 -29.17 -24.81
N ASN B 500 -1.86 -28.71 -24.75
CA ASN B 500 -1.01 -28.84 -23.55
C ASN B 500 -1.03 -27.58 -22.69
N ARG B 501 -1.86 -26.62 -23.11
CA ARG B 501 -2.12 -25.41 -22.38
C ARG B 501 -3.43 -25.66 -21.68
N LEU B 502 -3.37 -25.94 -20.38
CA LEU B 502 -4.53 -26.36 -19.64
C LEU B 502 -5.11 -25.15 -18.99
N HIS B 503 -6.43 -25.12 -18.90
CA HIS B 503 -7.14 -23.99 -18.31
C HIS B 503 -6.96 -23.99 -16.81
N HIS B 504 -6.88 -22.80 -16.21
CA HIS B 504 -6.47 -22.63 -14.81
C HIS B 504 -7.54 -23.13 -13.85
N LYS B 505 -8.80 -23.10 -14.29
CA LYS B 505 -9.95 -23.53 -13.48
C LYS B 505 -10.68 -24.71 -14.15
N ASN B 506 -11.45 -25.45 -13.37
CA ASN B 506 -12.05 -26.67 -13.85
C ASN B 506 -13.51 -26.52 -14.14
N GLU B 507 -13.83 -26.43 -15.42
CA GLU B 507 -15.19 -26.16 -15.82
C GLU B 507 -16.14 -27.29 -15.46
N VAL B 508 -15.68 -28.52 -15.53
CA VAL B 508 -16.52 -29.65 -15.13
C VAL B 508 -17.11 -29.49 -13.71
N VAL B 509 -16.30 -28.94 -12.81
CA VAL B 509 -16.72 -28.72 -11.44
C VAL B 509 -17.64 -27.51 -11.46
N ALA B 510 -17.18 -26.44 -12.10
CA ALA B 510 -18.01 -25.26 -12.19
C ALA B 510 -19.39 -25.55 -12.79
N GLN B 511 -19.45 -26.34 -13.86
CA GLN B 511 -20.76 -26.65 -14.47
C GLN B 511 -21.67 -27.42 -13.53
N GLY B 512 -21.10 -28.21 -12.62
CA GLY B 512 -21.86 -28.95 -11.62
C GLY B 512 -22.83 -27.99 -10.96
N TYR B 513 -22.29 -26.86 -10.54
CA TYR B 513 -23.06 -25.85 -9.87
C TYR B 513 -23.87 -25.03 -10.88
N GLU B 514 -23.26 -24.64 -11.99
CA GLU B 514 -23.99 -23.77 -12.91
C GLU B 514 -25.27 -24.47 -13.36
N LYS B 515 -25.22 -25.79 -13.53
CA LYS B 515 -26.41 -26.58 -13.88
C LYS B 515 -27.55 -26.37 -12.86
N LEU B 516 -27.22 -26.17 -11.60
CA LEU B 516 -28.23 -25.95 -10.60
C LEU B 516 -28.81 -24.57 -10.81
N ASP B 517 -27.96 -23.62 -11.18
CA ASP B 517 -28.41 -22.25 -11.31
C ASP B 517 -29.34 -22.19 -12.50
N GLN B 518 -28.91 -22.82 -13.60
CA GLN B 518 -29.73 -22.94 -14.80
C GLN B 518 -31.11 -23.52 -14.48
N PHE B 519 -31.13 -24.55 -13.63
CA PHE B 519 -32.37 -25.20 -13.26
C PHE B 519 -33.34 -24.27 -12.59
N LYS B 520 -32.87 -23.41 -11.69
CA LYS B 520 -33.82 -22.54 -11.00
C LYS B 520 -34.27 -21.51 -11.96
N LYS B 521 -33.39 -21.13 -12.87
CA LYS B 521 -33.67 -20.04 -13.81
C LYS B 521 -34.81 -20.40 -14.73
N GLU B 522 -34.83 -21.65 -15.17
CA GLU B 522 -35.89 -22.15 -16.00
C GLU B 522 -37.14 -22.22 -15.18
N VAL B 523 -37.04 -22.76 -13.96
CA VAL B 523 -38.20 -22.93 -13.12
C VAL B 523 -38.82 -21.57 -12.88
N VAL B 524 -37.99 -20.55 -12.71
CA VAL B 524 -38.47 -19.19 -12.39
C VAL B 524 -39.20 -18.57 -13.60
N LYS B 525 -38.67 -18.88 -14.78
CA LYS B 525 -39.16 -18.39 -16.06
C LYS B 525 -40.54 -19.02 -16.40
N LEU B 526 -40.60 -20.35 -16.45
CA LEU B 526 -41.85 -21.05 -16.72
C LEU B 526 -42.98 -20.64 -15.76
N LEU B 527 -42.63 -20.28 -14.53
CA LEU B 527 -43.65 -19.82 -13.56
C LEU B 527 -44.12 -18.41 -13.91
N ALA B 528 -43.20 -17.58 -14.36
CA ALA B 528 -43.53 -16.20 -14.69
C ALA B 528 -44.33 -16.11 -15.98
N GLU B 529 -44.10 -17.07 -16.89
CA GLU B 529 -44.85 -17.18 -18.14
C GLU B 529 -46.11 -18.04 -17.93
N ASN B 530 -46.36 -18.40 -16.68
CA ASN B 530 -47.56 -19.11 -16.26
C ASN B 530 -47.81 -20.39 -17.02
N LYS B 531 -46.75 -21.16 -17.26
CA LYS B 531 -46.83 -22.39 -18.04
C LYS B 531 -46.77 -23.70 -17.23
N PRO B 532 -47.82 -24.02 -16.45
CA PRO B 532 -47.73 -25.16 -15.53
C PRO B 532 -47.46 -26.51 -16.18
N LYS B 533 -47.87 -26.69 -17.43
CA LYS B 533 -47.71 -28.00 -18.10
C LYS B 533 -46.26 -28.18 -18.56
N GLU B 534 -45.67 -27.10 -19.05
CA GLU B 534 -44.26 -27.14 -19.43
C GLU B 534 -43.37 -27.36 -18.19
N LEU B 535 -43.68 -26.68 -17.10
CA LEU B 535 -42.94 -26.88 -15.85
C LEU B 535 -42.94 -28.35 -15.45
N LEU B 536 -44.13 -28.93 -15.32
CA LEU B 536 -44.23 -30.33 -14.90
C LEU B 536 -43.42 -31.20 -15.84
N ASP B 537 -43.45 -30.87 -17.13
CA ASP B 537 -42.68 -31.65 -18.10
C ASP B 537 -41.17 -31.45 -17.88
N TYR B 538 -40.77 -30.21 -17.66
CA TYR B 538 -39.37 -29.90 -17.34
C TYR B 538 -38.89 -30.60 -16.07
N LEU B 539 -39.72 -30.62 -15.04
CA LEU B 539 -39.32 -31.26 -13.80
C LEU B 539 -39.05 -32.76 -13.93
N VAL B 540 -39.82 -33.44 -14.77
CA VAL B 540 -39.63 -34.90 -14.98
C VAL B 540 -38.66 -35.24 -16.13
N ALA B 541 -38.41 -34.28 -17.03
CA ALA B 541 -37.39 -34.46 -18.05
C ALA B 541 -36.08 -34.93 -17.40
N THR B 542 -35.37 -35.83 -18.09
CA THR B 542 -34.18 -36.47 -17.53
C THR B 542 -32.88 -35.97 -18.16
N SER B 543 -31.79 -36.26 -17.47
CA SER B 543 -30.44 -36.07 -18.00
C SER B 543 -30.08 -37.32 -18.79
N PRO B 544 -28.93 -37.30 -19.49
CA PRO B 544 -28.46 -38.52 -20.18
C PRO B 544 -28.27 -39.74 -19.27
N THR B 545 -28.09 -39.50 -17.97
CA THR B 545 -27.99 -40.56 -16.97
C THR B 545 -29.37 -41.01 -16.48
N GLY B 546 -30.43 -40.37 -16.99
CA GLY B 546 -31.79 -40.74 -16.66
C GLY B 546 -32.34 -40.12 -15.40
N VAL B 547 -31.66 -39.11 -14.87
CA VAL B 547 -32.05 -38.51 -13.60
C VAL B 547 -33.00 -37.37 -13.88
N PRO B 548 -34.19 -37.40 -13.28
CA PRO B 548 -35.16 -36.35 -13.52
C PRO B 548 -34.69 -35.01 -12.99
N ASN B 549 -35.11 -33.95 -13.66
CA ASN B 549 -34.69 -32.60 -13.29
C ASN B 549 -35.06 -32.17 -11.87
N TYR B 550 -36.07 -32.81 -11.27
CA TYR B 550 -36.53 -32.39 -9.94
C TYR B 550 -35.54 -32.83 -8.82
N SER B 551 -34.44 -33.44 -9.25
CA SER B 551 -33.36 -33.80 -8.34
C SER B 551 -32.53 -32.58 -7.94
N MET B 552 -32.82 -31.43 -8.56
CA MET B 552 -32.07 -30.19 -8.35
C MET B 552 -32.91 -29.20 -7.57
N LEU B 553 -34.08 -29.66 -7.16
CA LEU B 553 -34.96 -28.94 -6.24
C LEU B 553 -34.25 -28.73 -4.90
N SER B 554 -34.42 -27.51 -4.37
CA SER B 554 -33.90 -27.07 -3.08
C SER B 554 -34.88 -26.09 -2.44
N LYS B 555 -34.57 -25.63 -1.22
CA LYS B 555 -35.48 -24.70 -0.52
C LYS B 555 -35.96 -23.57 -1.43
N GLU B 556 -35.06 -22.87 -2.11
CA GLU B 556 -35.46 -21.81 -3.02
C GLU B 556 -36.56 -22.19 -4.03
N THR B 557 -36.26 -23.20 -4.85
CA THR B 557 -37.13 -23.59 -5.95
C THR B 557 -38.38 -24.29 -5.48
N GLN B 558 -38.21 -25.18 -4.50
CA GLN B 558 -39.34 -25.84 -3.90
C GLN B 558 -40.34 -24.77 -3.48
N ASN B 559 -39.91 -23.70 -2.83
CA ASN B 559 -40.85 -22.66 -2.39
C ASN B 559 -41.44 -21.91 -3.54
N TYR B 560 -40.60 -21.55 -4.49
CA TYR B 560 -41.11 -20.87 -5.67
C TYR B 560 -42.31 -21.60 -6.20
N ILE B 561 -42.23 -22.91 -6.32
CA ILE B 561 -43.31 -23.67 -6.91
C ILE B 561 -44.49 -23.77 -5.98
N ALA B 562 -44.24 -24.28 -4.77
CA ALA B 562 -45.31 -24.53 -3.78
C ALA B 562 -46.19 -23.31 -3.53
N TYR B 563 -45.57 -22.15 -3.44
CA TYR B 563 -46.30 -20.90 -3.15
C TYR B 563 -46.79 -20.13 -4.39
N ASN B 564 -46.69 -20.72 -5.58
CA ASN B 564 -47.10 -20.04 -6.81
C ASN B 564 -48.59 -20.23 -7.14
N ARG B 565 -49.16 -19.23 -7.80
CA ARG B 565 -50.52 -19.31 -8.35
C ARG B 565 -50.74 -20.43 -9.37
N ASN B 566 -49.69 -20.81 -10.09
CA ASN B 566 -49.82 -21.88 -11.05
C ASN B 566 -49.79 -23.25 -10.39
N TRP B 567 -49.61 -23.28 -9.07
CA TRP B 567 -49.51 -24.55 -8.38
C TRP B 567 -50.72 -25.43 -8.45
N PRO B 568 -51.91 -24.88 -8.23
CA PRO B 568 -53.12 -25.67 -8.44
C PRO B 568 -53.21 -26.27 -9.86
N ALA B 569 -52.86 -25.46 -10.88
CA ALA B 569 -52.77 -25.95 -12.25
C ALA B 569 -51.72 -27.06 -12.43
N ILE B 570 -50.61 -26.93 -11.70
CA ILE B 570 -49.53 -27.93 -11.71
C ILE B 570 -49.96 -29.19 -10.96
N GLN B 571 -50.73 -29.01 -9.89
CA GLN B 571 -51.19 -30.15 -9.11
C GLN B 571 -52.15 -30.97 -9.96
N LYS B 572 -53.02 -30.29 -10.70
CA LYS B 572 -53.97 -30.96 -11.57
C LYS B 572 -53.27 -31.69 -12.70
N GLU B 573 -52.38 -30.98 -13.41
CA GLU B 573 -51.56 -31.60 -14.45
C GLU B 573 -50.93 -32.89 -13.96
N LEU B 574 -50.54 -32.90 -12.68
CA LEU B 574 -49.80 -34.01 -12.11
C LEU B 574 -50.68 -35.25 -12.01
N GLU B 575 -51.87 -35.09 -11.45
CA GLU B 575 -52.84 -36.19 -11.31
C GLU B 575 -53.18 -36.68 -12.70
N LYS B 576 -53.51 -35.73 -13.57
CA LYS B 576 -53.92 -36.04 -14.93
C LYS B 576 -52.73 -36.22 -15.87
N ALA B 577 -51.93 -37.26 -15.61
CA ALA B 577 -50.78 -37.55 -16.44
C ALA B 577 -50.44 -39.01 -16.25
N THR B 578 -50.12 -39.68 -17.36
CA THR B 578 -49.87 -41.12 -17.34
C THR B 578 -48.40 -41.46 -17.57
N SER B 579 -47.68 -40.59 -18.28
CA SER B 579 -46.30 -40.84 -18.74
C SER B 579 -45.21 -40.74 -17.66
N ILE B 580 -45.60 -40.75 -16.39
CA ILE B 580 -44.69 -40.43 -15.31
C ILE B 580 -44.91 -41.40 -14.16
N PRO B 581 -43.85 -42.15 -13.76
CA PRO B 581 -43.99 -43.23 -12.76
C PRO B 581 -44.49 -42.75 -11.40
N GLU B 582 -45.31 -43.57 -10.74
CA GLU B 582 -45.93 -43.17 -9.50
C GLU B 582 -44.95 -42.75 -8.40
N SER B 583 -43.79 -43.39 -8.29
CA SER B 583 -42.80 -43.01 -7.24
C SER B 583 -42.27 -41.57 -7.37
N GLN B 584 -42.20 -41.06 -8.60
CA GLN B 584 -41.89 -39.65 -8.84
C GLN B 584 -43.13 -38.75 -8.69
N LYS B 585 -44.29 -39.30 -9.02
CA LYS B 585 -45.57 -38.59 -8.90
C LYS B 585 -45.87 -38.32 -7.43
N GLN B 586 -45.50 -39.25 -6.57
CA GLN B 586 -45.55 -39.03 -5.13
C GLN B 586 -44.49 -38.03 -4.68
N ASP B 587 -43.24 -38.29 -5.08
CA ASP B 587 -42.11 -37.39 -4.79
C ASP B 587 -42.52 -35.95 -4.98
N LEU B 588 -43.09 -35.67 -6.15
CA LEU B 588 -43.41 -34.31 -6.51
C LEU B 588 -44.49 -33.74 -5.63
N SER B 589 -45.52 -34.53 -5.40
CA SER B 589 -46.63 -34.09 -4.59
C SER B 589 -46.17 -33.92 -3.15
N ARG B 590 -45.30 -34.81 -2.69
CA ARG B 590 -44.70 -34.67 -1.35
C ARG B 590 -43.86 -33.36 -1.25
N LEU B 591 -43.16 -33.01 -2.32
CA LEU B 591 -42.22 -31.89 -2.26
C LEU B 591 -42.85 -30.52 -2.52
N LEU B 592 -43.97 -30.52 -3.26
CA LEU B 592 -44.55 -29.27 -3.75
C LEU B 592 -45.97 -28.96 -3.27
N SER B 593 -46.72 -29.98 -2.85
CA SER B 593 -48.05 -29.77 -2.25
C SER B 593 -47.86 -29.61 -0.74
N ARG B 594 -47.87 -28.37 -0.24
CA ARG B 594 -47.80 -28.16 1.22
C ARG B 594 -49.02 -28.73 2.00
N ASP B 595 -50.11 -29.06 1.28
CA ASP B 595 -51.26 -29.81 1.83
C ASP B 595 -51.03 -31.32 2.07
N ASN B 596 -49.97 -31.88 1.49
CA ASN B 596 -49.62 -33.29 1.69
C ASN B 596 -49.05 -33.53 3.10
N LEU B 597 -49.52 -34.57 3.78
CA LEU B 597 -49.17 -34.82 5.19
C LEU B 597 -47.72 -35.28 5.36
N GLN B 598 -47.12 -35.80 4.29
CA GLN B 598 -45.72 -36.21 4.26
C GLN B 598 -44.77 -35.10 3.75
N HIS B 599 -45.34 -33.93 3.51
CA HIS B 599 -44.59 -32.77 3.05
C HIS B 599 -43.38 -32.45 3.96
N ASP B 600 -42.21 -32.40 3.34
CA ASP B 600 -41.02 -32.02 4.05
C ASP B 600 -40.13 -31.08 3.20
N ASN B 601 -39.44 -30.18 3.89
CA ASN B 601 -38.75 -29.06 3.29
C ASN B 601 -37.29 -29.43 3.03
N LEU B 602 -36.84 -29.27 1.79
CA LEU B 602 -35.42 -29.41 1.45
C LEU B 602 -34.60 -28.22 1.98
N SER B 603 -33.31 -28.45 2.17
CA SER B 603 -32.41 -27.39 2.51
C SER B 603 -32.12 -26.49 1.32
N ALA B 604 -31.83 -25.23 1.63
CA ALA B 604 -31.32 -24.26 0.67
C ALA B 604 -29.96 -24.70 0.28
N ILE B 605 -29.52 -24.27 -0.89
CA ILE B 605 -28.27 -24.68 -1.47
C ILE B 605 -27.44 -23.47 -1.92
N THR B 606 -26.14 -23.49 -1.64
CA THR B 606 -25.23 -22.45 -2.12
C THR B 606 -23.89 -23.03 -2.49
N TRP B 607 -23.17 -22.30 -3.32
CA TRP B 607 -21.79 -22.60 -3.59
C TRP B 607 -21.03 -21.32 -3.62
N SER B 608 -19.72 -21.38 -3.44
CA SER B 608 -18.92 -20.18 -3.48
C SER B 608 -18.84 -19.57 -4.86
N LYS B 609 -19.06 -18.26 -4.93
CA LYS B 609 -18.87 -17.47 -6.15
C LYS B 609 -17.39 -17.12 -6.41
N TYR B 610 -16.47 -17.56 -5.54
CA TYR B 610 -15.05 -17.16 -5.68
C TYR B 610 -14.05 -18.30 -5.64
N SER B 611 -14.53 -19.53 -5.65
CA SER B 611 -13.69 -20.72 -5.69
C SER B 611 -12.72 -20.80 -6.86
N SER B 612 -13.10 -20.24 -8.00
CA SER B 612 -12.23 -20.30 -9.22
C SER B 612 -10.97 -19.45 -9.10
N LYS B 613 -10.95 -18.50 -8.17
CA LYS B 613 -9.78 -17.64 -8.00
C LYS B 613 -8.71 -18.27 -7.08
N PRO B 614 -7.41 -17.97 -7.29
CA PRO B 614 -6.32 -18.43 -6.43
C PRO B 614 -6.50 -17.99 -5.01
N LEU B 615 -6.10 -18.82 -4.04
CA LEU B 615 -6.23 -18.45 -2.62
C LEU B 615 -5.09 -17.52 -2.15
N LEU B 616 -5.46 -16.48 -1.43
CA LEU B 616 -4.58 -15.44 -0.94
C LEU B 616 -3.41 -16.04 -0.16
N ASP B 617 -3.76 -16.94 0.75
CA ASP B 617 -2.76 -17.53 1.64
C ASP B 617 -1.78 -18.40 0.86
N VAL B 618 -2.29 -19.16 -0.11
CA VAL B 618 -1.44 -19.99 -0.96
C VAL B 618 -0.46 -19.12 -1.72
N GLU B 619 -0.95 -18.00 -2.22
CA GLU B 619 -0.10 -17.13 -2.98
C GLU B 619 0.94 -16.45 -2.12
N LEU B 620 0.57 -16.07 -0.90
CA LEU B 620 1.53 -15.43 0.02
C LEU B 620 2.60 -16.41 0.45
N ASN B 621 2.20 -17.65 0.70
CA ASN B 621 3.14 -18.66 1.07
C ASN B 621 4.25 -18.81 0.05
N LYS B 622 3.89 -18.86 -1.22
CA LYS B 622 4.87 -18.93 -2.30
C LYS B 622 5.86 -17.78 -2.24
N ILE B 623 5.42 -16.60 -1.83
CA ILE B 623 6.31 -15.43 -1.74
C ILE B 623 7.30 -15.55 -0.56
N ALA B 624 6.77 -15.92 0.60
CA ALA B 624 7.57 -16.12 1.78
C ALA B 624 8.59 -17.21 1.51
N GLU B 625 8.14 -18.27 0.86
CA GLU B 625 8.99 -19.39 0.51
C GLU B 625 10.13 -18.92 -0.38
N GLY B 626 9.79 -18.11 -1.39
CA GLY B 626 10.78 -17.59 -2.33
C GLY B 626 11.80 -16.66 -1.70
N LEU B 627 11.39 -15.85 -0.75
CA LEU B 627 12.33 -14.99 -0.04
C LEU B 627 13.35 -15.78 0.80
N GLU B 628 12.85 -16.77 1.55
CA GLU B 628 13.69 -17.71 2.32
C GLU B 628 14.68 -18.39 1.41
N LEU B 629 14.18 -18.99 0.33
CA LEU B 629 15.06 -19.74 -0.55
C LEU B 629 16.14 -18.81 -1.07
N THR B 630 15.74 -17.68 -1.63
CA THR B 630 16.70 -16.74 -2.18
C THR B 630 17.80 -16.45 -1.18
N ALA B 631 17.41 -16.07 0.04
CA ALA B 631 18.40 -15.80 1.07
C ALA B 631 19.29 -17.03 1.34
N LYS B 632 18.68 -18.20 1.52
CA LYS B 632 19.42 -19.44 1.75
C LYS B 632 20.42 -19.75 0.63
N ILE B 633 19.97 -19.84 -0.62
CA ILE B 633 20.90 -20.19 -1.71
C ILE B 633 21.91 -19.07 -2.01
N TYR B 634 21.66 -17.88 -1.49
CA TYR B 634 22.58 -16.77 -1.65
C TYR B 634 23.74 -16.92 -0.69
N ASN B 635 23.41 -17.16 0.58
CA ASN B 635 24.40 -17.41 1.63
C ASN B 635 25.15 -18.75 1.43
N GLU B 636 24.60 -19.64 0.61
CA GLU B 636 25.28 -20.87 0.31
C GLU B 636 26.17 -20.70 -0.91
N LYS B 637 26.06 -19.55 -1.58
CA LYS B 637 26.85 -19.27 -2.78
C LYS B 637 28.05 -18.37 -2.51
N ARG B 638 28.29 -18.00 -1.24
CA ARG B 638 29.46 -17.18 -0.89
C ARG B 638 30.55 -18.01 -0.18
N GLY B 639 31.81 -17.78 -0.55
CA GLY B 639 32.91 -18.57 -0.01
C GLY B 639 34.32 -18.01 -0.26
N ARG B 640 35.28 -18.37 0.60
CA ARG B 640 35.05 -19.15 1.82
C ARG B 640 34.73 -18.19 2.98
N GLU B 641 34.11 -17.06 2.65
CA GLU B 641 33.80 -16.03 3.63
C GLU B 641 32.41 -16.31 4.25
N TRP B 642 32.44 -17.06 5.35
CA TRP B 642 31.26 -17.38 6.17
C TRP B 642 31.33 -16.71 7.55
N TRP B 643 32.55 -16.53 8.06
CA TRP B 643 32.77 -15.99 9.40
C TRP B 643 32.41 -14.50 9.47
N PHE B 644 31.99 -14.04 10.64
CA PHE B 644 31.64 -12.64 10.87
C PHE B 644 32.86 -11.85 11.36
N ALA B 645 32.95 -10.57 11.02
CA ALA B 645 31.89 -9.87 10.30
C ALA B 645 32.51 -8.97 9.25
N GLY B 646 31.70 -8.57 8.27
CA GLY B 646 32.17 -7.67 7.23
C GLY B 646 32.53 -6.34 7.85
N SER B 647 33.52 -5.67 7.28
CA SER B 647 34.21 -6.16 6.10
C SER B 647 33.33 -5.91 4.90
N ARG B 648 32.24 -5.18 5.13
CA ARG B 648 31.23 -4.94 4.10
C ARG B 648 30.29 -6.13 4.09
N ASN B 649 30.58 -7.11 4.93
CA ASN B 649 29.75 -8.30 5.02
C ASN B 649 28.36 -7.95 5.52
N GLU B 650 28.30 -7.05 6.49
CA GLU B 650 27.04 -6.65 7.11
C GLU B 650 26.06 -5.99 6.14
N ALA B 651 26.57 -5.12 5.27
CA ALA B 651 25.66 -4.44 4.35
C ALA B 651 24.80 -5.44 3.57
N ARG B 652 25.47 -6.35 2.85
CA ARG B 652 24.79 -7.42 2.08
C ARG B 652 24.14 -8.49 2.96
N LYS B 653 24.73 -8.75 4.13
CA LYS B 653 24.25 -9.84 5.00
C LYS B 653 23.03 -9.40 5.81
N THR B 654 22.98 -8.12 6.20
CA THR B 654 21.84 -7.62 6.95
C THR B 654 20.62 -7.43 6.04
N GLN B 655 20.88 -7.25 4.74
CA GLN B 655 19.85 -7.29 3.73
C GLN B 655 19.24 -8.68 3.58
N CYS B 656 20.07 -9.72 3.53
CA CYS B 656 19.58 -11.10 3.53
C CYS B 656 18.81 -11.40 4.82
N GLU B 657 19.29 -10.88 5.94
CA GLU B 657 18.54 -10.98 7.20
C GLU B 657 17.20 -10.25 7.10
N GLU B 658 17.17 -9.14 6.36
CA GLU B 658 15.93 -8.41 6.11
C GLU B 658 14.92 -9.20 5.29
N LEU B 659 15.39 -9.94 4.27
CA LEU B 659 14.52 -10.80 3.43
C LEU B 659 13.82 -11.86 4.26
N GLN B 660 14.58 -12.53 5.13
CA GLN B 660 14.05 -13.56 6.04
C GLN B 660 13.05 -12.98 7.07
N ARG B 661 13.24 -11.71 7.44
CA ARG B 661 12.35 -11.05 8.38
C ARG B 661 10.98 -10.90 7.74
N VAL B 662 10.99 -10.49 6.48
CA VAL B 662 9.76 -10.38 5.71
C VAL B 662 9.10 -11.74 5.58
N SER B 663 9.85 -12.72 5.08
CA SER B 663 9.35 -14.08 4.94
C SER B 663 8.71 -14.58 6.22
N LYS B 664 9.38 -14.39 7.36
CA LYS B 664 8.85 -14.80 8.67
C LYS B 664 7.54 -14.09 8.99
N GLU B 665 7.51 -12.80 8.66
CA GLU B 665 6.34 -12.00 8.98
C GLU B 665 5.12 -12.37 8.16
N ILE B 666 5.29 -12.54 6.86
CA ILE B 666 4.23 -13.03 6.01
C ILE B 666 3.75 -14.37 6.57
N ASN B 667 4.70 -15.21 6.96
CA ASN B 667 4.39 -16.53 7.52
C ASN B 667 3.53 -16.43 8.75
N THR B 668 3.91 -15.58 9.70
CA THR B 668 3.09 -15.44 10.87
C THR B 668 1.74 -14.78 10.53
N LEU B 669 1.72 -13.92 9.50
CA LEU B 669 0.44 -13.37 9.02
C LEU B 669 -0.50 -14.49 8.65
N LEU B 670 -0.01 -15.44 7.85
CA LEU B 670 -0.79 -16.63 7.44
C LEU B 670 -1.23 -17.51 8.61
N GLN B 671 -0.32 -17.73 9.58
CA GLN B 671 -0.67 -18.53 10.76
C GLN B 671 -1.98 -18.08 11.38
N SER B 672 -2.26 -16.78 11.33
CA SER B 672 -3.44 -16.24 12.02
C SER B 672 -4.71 -16.62 11.29
N GLU B 673 -5.71 -17.05 12.05
CA GLU B 673 -7.05 -17.20 11.53
C GLU B 673 -7.72 -15.86 11.77
N SER B 674 -8.96 -15.71 11.31
CA SER B 674 -9.68 -14.43 11.41
C SER B 674 -8.83 -13.30 10.83
N LEU B 675 -8.34 -13.52 9.62
CA LEU B 675 -7.54 -12.55 8.88
C LEU B 675 -8.49 -11.56 8.20
N THR B 676 -8.14 -10.27 8.22
CA THR B 676 -8.96 -9.20 7.60
C THR B 676 -8.24 -8.48 6.48
N LYS B 677 -9.02 -8.00 5.53
CA LYS B 677 -8.51 -7.18 4.45
C LYS B 677 -7.47 -6.13 4.95
N SER B 678 -7.82 -5.41 6.02
CA SER B 678 -6.92 -4.38 6.50
C SER B 678 -5.64 -4.95 7.09
N GLN B 679 -5.69 -6.13 7.71
CA GLN B 679 -4.45 -6.74 8.25
C GLN B 679 -3.50 -7.12 7.13
N VAL B 680 -4.08 -7.70 6.09
CA VAL B 680 -3.30 -8.19 4.98
C VAL B 680 -2.65 -7.00 4.33
N LEU B 681 -3.47 -6.03 3.93
CA LEU B 681 -2.95 -4.82 3.29
C LEU B 681 -1.84 -4.18 4.09
N GLU B 682 -1.99 -4.13 5.40
CA GLU B 682 -1.01 -3.46 6.23
C GLU B 682 0.33 -4.19 6.20
N LYS B 683 0.33 -5.50 6.43
CA LYS B 683 1.59 -6.26 6.39
C LYS B 683 2.24 -6.15 5.04
N VAL B 684 1.43 -6.29 4.00
CA VAL B 684 1.93 -6.31 2.64
C VAL B 684 2.62 -5.00 2.27
N LEU B 685 2.08 -3.85 2.68
CA LEU B 685 2.80 -2.57 2.42
C LEU B 685 4.05 -2.44 3.25
N ASN B 686 3.97 -2.82 4.51
CA ASN B 686 5.16 -2.73 5.35
C ASN B 686 6.26 -3.66 4.82
N SER B 687 5.86 -4.76 4.20
CA SER B 687 6.83 -5.62 3.52
C SER B 687 7.32 -4.93 2.27
N ILE B 688 6.42 -4.31 1.52
CA ILE B 688 6.82 -3.67 0.28
C ILE B 688 7.82 -2.55 0.53
N GLU B 689 7.62 -1.79 1.61
CA GLU B 689 8.55 -0.71 1.89
C GLU B 689 9.95 -1.26 2.21
N THR B 690 10.05 -2.23 3.14
CA THR B 690 11.35 -2.86 3.43
C THR B 690 12.06 -3.29 2.16
N LEU B 691 11.35 -3.95 1.25
CA LEU B 691 11.98 -4.38 0.03
C LEU B 691 12.40 -3.17 -0.78
N ASP B 692 11.59 -2.12 -0.74
CA ASP B 692 11.95 -0.90 -1.45
C ASP B 692 13.20 -0.22 -0.90
N LYS B 693 13.33 -0.15 0.42
CA LYS B 693 14.55 0.42 0.99
C LYS B 693 15.78 -0.36 0.52
N ILE B 694 15.72 -1.69 0.59
CA ILE B 694 16.83 -2.53 0.17
C ILE B 694 17.23 -2.15 -1.25
N ASP B 695 16.25 -2.09 -2.14
CA ASP B 695 16.51 -1.69 -3.52
C ASP B 695 17.15 -0.31 -3.57
N ARG B 696 16.68 0.62 -2.72
CA ARG B 696 17.24 1.97 -2.68
C ARG B 696 18.66 1.99 -2.14
N ASP B 697 18.89 1.23 -1.09
CA ASP B 697 20.21 1.17 -0.47
C ASP B 697 21.20 0.63 -1.46
N ILE B 698 20.78 -0.36 -2.23
CA ILE B 698 21.63 -0.99 -3.22
C ILE B 698 22.02 0.06 -4.26
N SER B 699 21.08 0.93 -4.59
CA SER B 699 21.34 1.96 -5.58
C SER B 699 22.47 2.86 -5.11
N ALA B 700 22.52 3.12 -3.81
CA ALA B 700 23.56 3.97 -3.25
C ALA B 700 24.98 3.41 -3.41
N GLU B 701 25.14 2.11 -3.21
CA GLU B 701 26.47 1.52 -3.29
C GLU B 701 27.10 1.64 -4.68
N SER B 702 26.31 1.42 -5.72
CA SER B 702 26.83 1.38 -7.09
C SER B 702 27.85 0.25 -7.26
N ASN B 703 29.03 0.54 -7.79
CA ASN B 703 29.44 1.90 -8.10
C ASN B 703 30.05 2.03 -9.49
N TRP B 704 29.26 1.76 -10.52
CA TRP B 704 27.93 1.15 -10.34
C TRP B 704 27.82 -0.16 -11.12
N PHE B 705 27.73 -1.27 -10.39
CA PHE B 705 27.62 -2.61 -10.95
C PHE B 705 26.17 -3.08 -10.70
N GLN B 706 25.56 -3.72 -11.70
CA GLN B 706 24.20 -4.30 -11.56
C GLN B 706 24.15 -5.52 -10.61
N SER B 707 23.51 -5.33 -9.45
CA SER B 707 23.47 -6.35 -8.40
C SER B 707 22.28 -7.27 -8.62
N THR B 708 22.55 -8.57 -8.73
CA THR B 708 21.49 -9.56 -8.95
C THR B 708 20.41 -9.47 -7.86
N LEU B 709 20.86 -9.32 -6.61
CA LEU B 709 19.96 -9.15 -5.46
C LEU B 709 18.98 -7.97 -5.60
N GLN B 710 19.39 -6.90 -6.28
CA GLN B 710 18.47 -5.79 -6.53
C GLN B 710 17.33 -6.25 -7.44
N LYS B 711 17.67 -6.98 -8.50
CA LYS B 711 16.69 -7.48 -9.45
C LYS B 711 15.77 -8.53 -8.80
N GLU B 712 16.28 -9.21 -7.79
CA GLU B 712 15.52 -10.23 -7.09
C GLU B 712 14.50 -9.62 -6.16
N VAL B 713 14.90 -8.59 -5.40
CA VAL B 713 13.97 -7.96 -4.48
C VAL B 713 12.86 -7.24 -5.22
N ARG B 714 13.20 -6.63 -6.36
CA ARG B 714 12.22 -6.00 -7.22
C ARG B 714 11.10 -6.97 -7.58
N LEU B 715 11.49 -8.19 -7.95
CA LEU B 715 10.56 -9.26 -8.36
C LEU B 715 9.59 -9.54 -7.23
N PHE B 716 10.14 -9.69 -6.02
CA PHE B 716 9.32 -9.98 -4.83
C PHE B 716 8.39 -8.83 -4.44
N ARG B 717 8.85 -7.60 -4.68
CA ARG B 717 8.06 -6.44 -4.37
C ARG B 717 6.86 -6.44 -5.31
N ASP B 718 7.14 -6.54 -6.61
CA ASP B 718 6.09 -6.64 -7.62
C ASP B 718 5.03 -7.71 -7.27
N GLN B 719 5.50 -8.89 -6.85
CA GLN B 719 4.61 -9.99 -6.45
C GLN B 719 3.71 -9.55 -5.30
N LEU B 720 4.30 -8.89 -4.32
CA LEU B 720 3.52 -8.36 -3.21
C LEU B 720 2.58 -7.23 -3.65
N LYS B 721 3.02 -6.38 -4.58
CA LYS B 721 2.10 -5.40 -5.17
C LYS B 721 0.89 -6.09 -5.82
N ASP B 722 1.11 -7.20 -6.50
CA ASP B 722 -0.02 -7.89 -7.11
C ASP B 722 -1.04 -8.39 -6.07
N ILE B 723 -0.57 -8.74 -4.91
CA ILE B 723 -1.45 -9.23 -3.87
C ILE B 723 -2.39 -8.14 -3.34
N CYS B 724 -1.95 -6.89 -3.36
CA CYS B 724 -2.79 -5.80 -2.86
C CYS B 724 -4.07 -5.61 -3.68
N GLN B 725 -4.11 -6.15 -4.89
CA GLN B 725 -5.34 -6.23 -5.66
C GLN B 725 -6.16 -7.43 -5.17
N LEU B 726 -6.63 -7.37 -3.92
CA LEU B 726 -7.29 -8.53 -3.30
C LEU B 726 -8.47 -9.12 -4.09
N ASP B 727 -9.07 -8.37 -5.02
CA ASP B 727 -10.21 -8.89 -5.81
C ASP B 727 -9.81 -10.08 -6.69
N LYS B 728 -8.55 -10.10 -7.12
CA LYS B 728 -8.02 -11.22 -7.85
C LYS B 728 -7.84 -12.51 -7.06
N TYR B 729 -8.07 -12.51 -5.76
CA TYR B 729 -7.88 -13.72 -4.96
C TYR B 729 -9.12 -14.02 -4.14
N TYR B 730 -9.22 -15.24 -3.64
CA TYR B 730 -10.29 -15.56 -2.73
C TYR B 730 -9.64 -15.95 -1.43
N PHE B 731 -10.44 -16.13 -0.39
CA PHE B 731 -9.88 -16.41 0.94
C PHE B 731 -10.68 -17.49 1.65
N LYS B 732 -9.95 -18.44 2.21
CA LYS B 732 -10.55 -19.51 3.00
C LYS B 732 -10.81 -19.01 4.41
N SER B 733 -12.08 -18.81 4.72
CA SER B 733 -12.48 -18.45 6.08
C SER B 733 -12.57 -19.73 6.87
N THR B 734 -11.73 -19.85 7.89
CA THR B 734 -11.71 -21.04 8.72
C THR B 734 -12.91 -21.04 9.65
N LYS B 735 -13.34 -19.86 10.09
CA LYS B 735 -14.52 -19.73 10.93
C LYS B 735 -15.75 -20.36 10.27
N LEU B 736 -16.09 -19.90 9.07
CA LEU B 736 -17.31 -20.38 8.40
C LEU B 736 -17.05 -21.50 7.37
N ASP B 737 -15.81 -22.00 7.32
CA ASP B 737 -15.42 -23.06 6.40
C ASP B 737 -15.88 -22.80 4.94
N GLU B 738 -15.59 -21.62 4.42
CA GLU B 738 -15.90 -21.36 3.04
C GLU B 738 -14.92 -20.37 2.43
N ILE B 739 -14.75 -20.50 1.11
CA ILE B 739 -13.97 -19.59 0.32
C ILE B 739 -14.82 -18.39 -0.01
N ILE B 740 -14.32 -17.20 0.34
CA ILE B 740 -15.06 -15.93 0.17
C ILE B 740 -14.19 -14.88 -0.50
N SER B 741 -14.76 -13.71 -0.67
CA SER B 741 -14.04 -12.60 -1.17
C SER B 741 -14.02 -11.59 -0.05
N LEU B 742 -12.91 -10.88 0.11
CA LEU B 742 -12.81 -9.90 1.20
C LEU B 742 -13.69 -8.66 0.91
N GLU B 743 -13.88 -8.30 -0.36
CA GLU B 743 -14.77 -7.18 -0.67
C GLU B 743 -16.28 -7.46 -0.50
N MET B 744 -16.67 -8.74 -0.51
CA MET B 744 -18.07 -9.11 -0.30
C MET B 744 -18.37 -9.03 1.20
N GLU B 745 -17.40 -9.43 2.01
CA GLU B 745 -17.49 -9.28 3.47
C GLU B 745 -17.48 -7.82 3.86
N GLU B 746 -16.80 -7.00 3.06
CA GLU B 746 -16.84 -5.56 3.30
C GLU B 746 -18.27 -5.10 3.14
N GLN B 747 -18.84 -5.37 1.99
CA GLN B 747 -20.20 -4.96 1.69
C GLN B 747 -21.23 -5.51 2.68
N PHE B 748 -21.01 -6.72 3.18
CA PHE B 748 -21.93 -7.25 4.16
C PHE B 748 -21.77 -6.44 5.44
N GLN B 749 -20.55 -6.30 5.92
CA GLN B 749 -20.35 -5.69 7.23
C GLN B 749 -20.93 -4.28 7.26
N LYS B 750 -20.83 -3.59 6.15
CA LYS B 750 -21.35 -2.22 6.04
C LYS B 750 -22.86 -2.11 6.42
N ILE B 751 -23.52 -3.26 6.63
CA ILE B 751 -24.89 -3.30 7.13
C ILE B 751 -24.79 -3.25 8.66
N GLN B 752 -25.27 -2.14 9.23
CA GLN B 752 -25.15 -1.85 10.65
C GLN B 752 -25.62 -2.96 11.59
N ASP B 753 -26.89 -3.33 11.51
CA ASP B 753 -27.51 -4.06 12.60
C ASP B 753 -27.42 -5.55 12.31
N PRO B 754 -26.96 -6.34 13.30
CA PRO B 754 -26.59 -7.75 13.08
C PRO B 754 -27.72 -8.67 12.63
N ALA B 755 -28.94 -8.41 13.07
CA ALA B 755 -30.09 -9.23 12.65
C ALA B 755 -30.40 -9.06 11.15
N VAL B 756 -30.48 -7.81 10.69
CA VAL B 756 -30.67 -7.49 9.26
C VAL B 756 -29.56 -8.10 8.39
N GLN B 757 -28.31 -7.91 8.80
CA GLN B 757 -27.15 -8.43 8.07
C GLN B 757 -27.27 -9.95 7.86
N GLN B 758 -27.51 -10.69 8.93
CA GLN B 758 -27.65 -12.14 8.82
C GLN B 758 -28.75 -12.54 7.82
N ILE B 759 -29.87 -11.82 7.83
CA ILE B 759 -30.97 -12.09 6.91
C ILE B 759 -30.40 -12.03 5.49
N VAL B 760 -29.70 -10.93 5.20
CA VAL B 760 -29.16 -10.64 3.86
C VAL B 760 -28.18 -11.71 3.42
N ARG B 761 -27.42 -12.23 4.37
CA ARG B 761 -26.45 -13.29 4.08
C ARG B 761 -27.13 -14.59 3.72
N ASP B 762 -28.12 -14.97 4.52
CA ASP B 762 -28.91 -16.17 4.23
C ASP B 762 -29.76 -16.07 2.95
N LEU B 763 -29.90 -14.88 2.37
CA LEU B 763 -30.61 -14.70 1.12
C LEU B 763 -29.89 -15.29 -0.09
N PRO B 764 -30.64 -15.55 -1.16
CA PRO B 764 -30.03 -16.02 -2.39
C PRO B 764 -28.98 -15.07 -2.95
N SER B 765 -28.21 -15.57 -3.91
CA SER B 765 -27.16 -14.82 -4.57
C SER B 765 -27.64 -13.55 -5.27
N HIS B 766 -28.81 -13.58 -5.91
CA HIS B 766 -29.30 -12.36 -6.56
C HIS B 766 -29.42 -11.20 -5.57
N CYS B 767 -29.68 -11.50 -4.31
CA CYS B 767 -29.77 -10.46 -3.30
C CYS B 767 -28.43 -10.02 -2.70
N HIS B 768 -27.30 -10.47 -3.24
CA HIS B 768 -25.99 -10.06 -2.70
C HIS B 768 -25.23 -9.06 -3.58
N ASN B 769 -25.94 -8.27 -4.36
CA ASN B 769 -25.29 -7.26 -5.18
C ASN B 769 -25.27 -5.94 -4.42
N ASP B 770 -24.60 -4.95 -4.97
CA ASP B 770 -24.37 -3.69 -4.27
C ASP B 770 -25.66 -2.91 -4.06
N GLU B 771 -26.39 -2.67 -5.14
CA GLU B 771 -27.67 -1.95 -5.07
C GLU B 771 -28.57 -2.52 -3.97
N ALA B 772 -28.63 -3.85 -3.89
CA ALA B 772 -29.55 -4.54 -2.98
C ALA B 772 -29.20 -4.34 -1.52
N ILE B 773 -27.93 -4.48 -1.17
CA ILE B 773 -27.52 -4.29 0.22
C ILE B 773 -27.68 -2.83 0.71
N GLU B 774 -27.73 -1.88 -0.22
CA GLU B 774 -28.04 -0.50 0.16
C GLU B 774 -29.50 -0.39 0.58
N PHE B 775 -30.40 -0.92 -0.24
CA PHE B 775 -31.82 -0.99 0.11
C PHE B 775 -31.99 -1.64 1.48
N PHE B 776 -31.37 -2.79 1.67
CA PHE B 776 -31.62 -3.57 2.86
C PHE B 776 -31.19 -2.87 4.14
N LYS B 777 -30.21 -1.97 4.02
CA LYS B 777 -29.73 -1.25 5.21
C LYS B 777 -30.63 -0.07 5.59
N THR B 778 -31.66 0.20 4.79
CA THR B 778 -32.72 1.15 5.15
C THR B 778 -33.91 0.46 5.81
N LEU B 779 -33.69 -0.69 6.46
CA LEU B 779 -34.77 -1.51 7.07
C LEU B 779 -34.42 -1.91 8.51
N ASN B 780 -35.40 -2.43 9.24
CA ASN B 780 -35.17 -2.96 10.59
C ASN B 780 -35.48 -4.47 10.61
N PRO B 781 -35.09 -5.19 11.68
CA PRO B 781 -35.25 -6.65 11.72
C PRO B 781 -36.64 -7.17 11.40
N GLU B 782 -37.67 -6.41 11.74
CA GLU B 782 -39.05 -6.80 11.51
C GLU B 782 -39.41 -6.52 10.05
N GLU B 783 -38.98 -5.38 9.53
CA GLU B 783 -39.16 -5.06 8.11
C GLU B 783 -38.37 -6.00 7.20
N ALA B 784 -37.23 -6.49 7.69
CA ALA B 784 -36.34 -7.33 6.89
C ALA B 784 -36.90 -8.73 6.69
N ALA B 785 -37.30 -9.37 7.79
CA ALA B 785 -37.93 -10.69 7.73
C ALA B 785 -39.19 -10.73 6.86
N LYS B 786 -39.97 -9.63 6.84
CA LYS B 786 -41.18 -9.55 6.00
C LYS B 786 -40.80 -9.59 4.54
N VAL B 787 -39.66 -8.98 4.24
CA VAL B 787 -39.14 -8.93 2.87
C VAL B 787 -38.51 -10.29 2.48
N ALA B 788 -37.81 -10.87 3.45
CA ALA B 788 -37.22 -12.19 3.24
C ALA B 788 -38.29 -13.16 2.81
N SER B 789 -39.32 -13.34 3.65
CA SER B 789 -40.48 -14.19 3.34
C SER B 789 -41.06 -13.82 2.01
N TYR B 790 -41.29 -12.52 1.81
CA TYR B 790 -41.86 -12.04 0.57
C TYR B 790 -41.09 -12.58 -0.61
N LEU B 791 -39.78 -12.54 -0.51
CA LEU B 791 -38.92 -12.95 -1.62
C LEU B 791 -38.87 -14.45 -1.83
N SER B 792 -39.21 -15.22 -0.80
CA SER B 792 -39.23 -16.67 -0.87
C SER B 792 -40.45 -17.15 -1.63
N LEU B 793 -41.44 -16.27 -1.80
CA LEU B 793 -42.71 -16.61 -2.48
C LEU B 793 -42.65 -16.55 -4.03
N GLU B 794 -41.78 -15.70 -4.56
CA GLU B 794 -41.65 -15.53 -6.00
C GLU B 794 -40.44 -14.72 -6.29
N TYR B 795 -39.67 -15.18 -7.28
CA TYR B 795 -38.38 -14.57 -7.56
C TYR B 795 -38.52 -13.11 -7.95
N ARG B 796 -38.02 -12.23 -7.09
CA ARG B 796 -37.92 -10.81 -7.42
C ARG B 796 -36.51 -10.23 -7.16
N GLU B 797 -36.11 -9.27 -7.98
CA GLU B 797 -34.84 -8.57 -7.81
C GLU B 797 -35.06 -7.25 -7.07
N ILE B 798 -34.18 -6.97 -6.13
CA ILE B 798 -34.15 -5.70 -5.40
C ILE B 798 -32.94 -4.90 -5.84
N ASN B 799 -33.21 -3.86 -6.64
CA ASN B 799 -32.22 -2.87 -7.02
C ASN B 799 -32.59 -1.58 -6.31
N LYS B 800 -31.87 -0.49 -6.58
CA LYS B 800 -32.27 0.82 -6.05
C LYS B 800 -33.44 1.37 -6.88
N SER B 801 -33.34 1.20 -8.20
CA SER B 801 -34.26 1.77 -9.18
C SER B 801 -34.76 0.60 -10.02
N THR B 802 -36.06 0.34 -10.03
CA THR B 802 -37.07 1.07 -9.25
C THR B 802 -37.48 0.27 -8.00
N ASP B 803 -37.04 0.73 -6.83
CA ASP B 803 -37.38 0.05 -5.57
C ASP B 803 -37.65 1.00 -4.42
N LYS B 804 -38.93 1.15 -4.07
CA LYS B 804 -39.31 2.06 -3.00
C LYS B 804 -39.80 1.30 -1.80
N LYS B 805 -39.18 1.57 -0.66
CA LYS B 805 -39.56 0.93 0.58
C LYS B 805 -41.10 0.95 0.85
N THR B 806 -41.73 2.11 0.64
CA THR B 806 -43.18 2.25 0.82
C THR B 806 -43.93 1.37 -0.17
N LEU B 807 -43.66 1.60 -1.45
CA LEU B 807 -44.29 0.86 -2.54
C LEU B 807 -44.16 -0.65 -2.31
N LEU B 808 -43.01 -1.06 -1.75
CA LEU B 808 -42.76 -2.48 -1.45
C LEU B 808 -43.69 -2.97 -0.34
N GLU B 809 -43.99 -2.12 0.65
CA GLU B 809 -44.99 -2.45 1.70
C GLU B 809 -46.46 -2.46 1.26
N GLN B 810 -46.75 -1.96 0.06
CA GLN B 810 -48.01 -2.32 -0.64
C GLN B 810 -47.88 -3.67 -1.42
N ASP B 811 -46.74 -3.89 -2.07
CA ASP B 811 -46.51 -5.09 -2.92
C ASP B 811 -46.46 -6.41 -2.15
N ILE B 812 -45.96 -6.36 -0.92
CA ILE B 812 -45.89 -7.53 -0.04
C ILE B 812 -47.30 -7.99 0.36
N PRO B 813 -48.08 -7.13 1.07
CA PRO B 813 -49.48 -7.41 1.34
C PRO B 813 -50.27 -7.97 0.17
N ARG B 814 -50.11 -7.39 -1.01
CA ARG B 814 -50.85 -7.88 -2.16
C ARG B 814 -50.57 -9.37 -2.37
N LEU B 815 -49.27 -9.70 -2.40
CA LEU B 815 -48.82 -11.06 -2.70
C LEU B 815 -49.11 -12.07 -1.57
N PHE B 816 -48.89 -11.66 -0.32
CA PHE B 816 -49.30 -12.47 0.84
C PHE B 816 -50.78 -12.88 0.75
N LYS B 817 -51.63 -11.89 0.48
CA LYS B 817 -53.06 -12.09 0.50
C LYS B 817 -53.45 -13.01 -0.66
N GLU B 818 -52.86 -12.74 -1.83
CA GLU B 818 -53.09 -13.58 -3.01
C GLU B 818 -52.69 -15.03 -2.76
N VAL B 819 -51.53 -15.22 -2.15
CA VAL B 819 -51.01 -16.56 -1.87
C VAL B 819 -51.90 -17.24 -0.86
N ASN B 820 -52.18 -16.57 0.24
CA ASN B 820 -52.99 -17.15 1.33
C ASN B 820 -54.47 -17.40 0.99
N THR B 821 -54.99 -16.67 0.00
CA THR B 821 -56.34 -16.92 -0.48
C THR B 821 -56.45 -18.32 -1.08
N GLN B 822 -55.44 -18.70 -1.86
CA GLN B 822 -55.32 -20.06 -2.36
C GLN B 822 -55.71 -21.10 -1.30
N LEU B 823 -55.29 -20.89 -0.05
CA LEU B 823 -55.65 -21.79 1.05
C LEU B 823 -57.10 -21.61 1.50
N LEU B 824 -57.51 -20.37 1.75
CA LEU B 824 -58.87 -20.08 2.20
C LEU B 824 -59.92 -20.55 1.19
N SER B 825 -59.73 -20.25 -0.09
CA SER B 825 -60.69 -20.69 -1.11
C SER B 825 -60.77 -22.22 -1.12
N LYS B 826 -59.61 -22.86 -0.93
CA LYS B 826 -59.49 -24.32 -0.86
C LYS B 826 -60.21 -24.90 0.36
N LEU B 827 -60.10 -24.21 1.49
CA LEU B 827 -60.77 -24.64 2.71
C LEU B 827 -62.28 -24.46 2.62
N LYS B 828 -62.76 -23.33 2.08
CA LYS B 828 -64.21 -23.11 2.01
C LYS B 828 -64.84 -24.02 0.97
N GLU B 829 -64.08 -24.39 -0.06
CA GLU B 829 -64.56 -25.37 -1.02
C GLU B 829 -64.70 -26.73 -0.31
N GLU B 830 -63.72 -27.08 0.50
CA GLU B 830 -63.74 -28.29 1.32
C GLU B 830 -64.74 -28.23 2.47
N LYS B 831 -65.17 -27.02 2.81
CA LYS B 831 -66.06 -26.78 3.95
C LYS B 831 -65.38 -27.16 5.29
N ALA B 832 -64.07 -26.90 5.35
CA ALA B 832 -63.31 -27.11 6.58
C ALA B 832 -63.17 -25.84 7.43
N ILE B 833 -63.95 -24.80 7.12
CA ILE B 833 -63.98 -23.60 7.96
C ILE B 833 -65.35 -22.95 7.94
N ASP B 834 -65.69 -22.30 9.06
CA ASP B 834 -66.95 -21.52 9.19
C ASP B 834 -66.81 -20.13 8.56
N GLU B 835 -67.91 -19.55 8.07
CA GLU B 835 -67.88 -18.18 7.52
C GLU B 835 -67.43 -17.18 8.58
N GLN B 836 -67.66 -17.52 9.84
CA GLN B 836 -67.14 -16.79 11.00
C GLN B 836 -65.62 -16.63 10.89
N VAL B 837 -64.91 -17.74 10.73
CA VAL B 837 -63.45 -17.71 10.64
C VAL B 837 -62.91 -17.45 9.20
N HIS B 838 -63.75 -17.58 8.17
CA HIS B 838 -63.31 -17.29 6.79
C HIS B 838 -63.09 -15.79 6.59
N GLU B 839 -64.07 -14.97 6.98
CA GLU B 839 -63.97 -13.54 6.77
C GLU B 839 -63.02 -12.90 7.77
N LYS B 840 -62.84 -13.54 8.91
CA LYS B 840 -61.89 -13.05 9.91
C LYS B 840 -60.46 -13.28 9.44
N LEU B 841 -60.23 -14.39 8.76
CA LEU B 841 -58.89 -14.70 8.23
C LEU B 841 -58.62 -13.97 6.94
N SER B 842 -59.66 -13.79 6.11
CA SER B 842 -59.56 -13.07 4.84
C SER B 842 -59.03 -11.65 5.04
N GLN B 843 -59.36 -11.07 6.18
CA GLN B 843 -58.85 -9.75 6.56
C GLN B 843 -57.41 -9.86 7.04
N LEU B 844 -57.10 -10.94 7.74
CA LEU B 844 -55.73 -11.21 8.21
C LEU B 844 -54.74 -11.67 7.11
N ALA B 845 -55.27 -12.10 5.95
CA ALA B 845 -54.48 -12.72 4.86
C ALA B 845 -53.27 -11.90 4.37
N ASP B 846 -53.43 -10.58 4.28
CA ASP B 846 -52.35 -9.71 3.79
C ASP B 846 -51.31 -9.35 4.84
N LYS B 847 -51.52 -9.78 6.08
CA LYS B 847 -50.62 -9.42 7.17
C LYS B 847 -49.81 -10.60 7.67
N ILE B 848 -50.26 -11.83 7.37
CA ILE B 848 -49.58 -13.04 7.85
C ILE B 848 -48.72 -13.65 6.74
N ALA B 849 -47.46 -13.95 7.08
CA ALA B 849 -46.52 -14.58 6.16
C ALA B 849 -47.02 -15.97 5.79
N PRO B 850 -47.06 -16.29 4.48
CA PRO B 850 -47.68 -17.56 4.09
C PRO B 850 -47.16 -18.77 4.85
N GLU B 851 -45.88 -18.77 5.18
CA GLU B 851 -45.30 -19.89 5.93
C GLU B 851 -45.95 -20.13 7.29
N HIS B 852 -46.54 -19.10 7.88
CA HIS B 852 -47.25 -19.25 9.15
C HIS B 852 -48.75 -19.41 8.97
N PHE B 853 -49.24 -19.13 7.76
CA PHE B 853 -50.65 -19.22 7.43
C PHE B 853 -50.93 -20.64 6.92
N THR B 854 -50.96 -21.61 7.84
CA THR B 854 -50.98 -23.01 7.46
C THR B 854 -52.17 -23.69 8.08
N ARG B 855 -52.43 -24.93 7.70
CA ARG B 855 -53.62 -25.59 8.22
C ARG B 855 -53.56 -25.79 9.73
N ASN B 856 -52.44 -26.27 10.23
CA ASN B 856 -52.32 -26.52 11.66
C ASN B 856 -52.42 -25.23 12.46
N ASN B 857 -51.73 -24.22 11.96
CA ASN B 857 -51.74 -22.95 12.64
C ASN B 857 -53.13 -22.37 12.64
N ILE B 858 -53.83 -22.50 11.53
CA ILE B 858 -55.17 -21.96 11.45
C ILE B 858 -56.05 -22.67 12.44
N ILE B 859 -55.89 -23.97 12.56
CA ILE B 859 -56.72 -24.72 13.49
C ILE B 859 -56.47 -24.23 14.90
N LYS B 860 -55.20 -24.05 15.23
CA LYS B 860 -54.85 -23.63 16.57
C LYS B 860 -55.41 -22.25 16.86
N TRP B 861 -55.31 -21.37 15.87
CA TRP B 861 -55.75 -20.01 16.03
C TRP B 861 -57.23 -19.99 16.26
N SER B 862 -57.89 -20.90 15.55
CA SER B 862 -59.33 -21.07 15.64
C SER B 862 -59.86 -20.92 17.05
N THR B 863 -59.41 -21.80 17.95
CA THR B 863 -59.89 -21.79 19.32
C THR B 863 -59.53 -20.49 20.03
#